data_9C8S
#
_entry.id   9C8S
#
_cell.length_a   1.00
_cell.length_b   1.00
_cell.length_c   1.00
_cell.angle_alpha   90.00
_cell.angle_beta   90.00
_cell.angle_gamma   90.00
#
_symmetry.space_group_name_H-M   'P 1'
#
loop_
_entity.id
_entity.type
_entity.pdbx_description
1 polymer 'Acetyl-coenzyme A synthetase'
2 non-polymer "5'-O-[(S)-ethoxy(hydroxy)phosphoryl]adenosine"
#
_entity_poly.entity_id   1
_entity_poly.type   'polypeptide(L)'
_entity_poly.pdbx_seq_one_letter_code
;MHHHHHHHHENLYFQGKTEVAPGVHHVHPLPDSVPESEDLFAPPPRMQGKEGRPKPHIGPNYESYVKEWAKTVGPNSDEW
WAAKARETLDWYDDFKTVRAGGFEHGDVQWFPEGTLNAAYNCLDRHYYKNPKKTAIIYEADEPSESREVSYEELMQETCR
VANVLKSYGVKKGDAVSIYLPMTWQAAAAFLACARIGAIHSAVFAGFSAESLRDRVNDCECKVLITTDEGRRGGKTIATK
QIVDAALQQCPLVENVLVLRRTGNKVPMTEGRDKWWDEECAKMPAYCPCERMASEDPLFILYTSGSTGKPKGVVHSTAGY
LLGTALTLKYVFDAHPDDRFACMADIGWITGHSYIIYGPLANGITTAVFESTPVYPTPSRYWDFVDKWKATQLYTAPTAI
RLLRRMGEDHVKNHDLSSLRVLGSVGEPINPEAWHWYNDFAGKNQCAIVDTYWMTETGSISIAPLPGAISTKPGSATFPF
FGMDVDIIDPQTGQVLEGNDVEGVLVARRPWPSIARTVYRDHKRYLETYMKPYPGYFFFGDGAARDYDGYMWIKGRVDDV
INVSGHRLSTAEVESALILHKGVAETAVVGCADDLTGQAVYAFVTMKPEFDLKATKEADLSKELAIQVRKVIGPFAAPKK
IYLVSDLPKTRSGKIMRRVLRKIVAGEGDQLGDLSSIADPQIVEEVKQKVTGSA
;
_entity_poly.pdbx_strand_id   A,B,C
#
# COMPACT_ATOMS: atom_id res chain seq x y z
N ASP A 39 39.83 3.66 40.01
CA ASP A 39 38.68 4.52 39.72
C ASP A 39 37.56 3.71 39.06
N LEU A 40 36.91 2.86 39.84
CA LEU A 40 35.84 1.99 39.37
C LEU A 40 34.59 2.25 40.19
N PHE A 41 33.43 2.25 39.52
CA PHE A 41 32.16 2.61 40.16
C PHE A 41 31.12 1.54 39.84
N ALA A 42 30.87 0.67 40.81
CA ALA A 42 29.85 -0.36 40.68
C ALA A 42 28.47 0.29 40.61
N PRO A 43 27.49 -0.41 40.03
CA PRO A 43 26.13 0.14 39.95
C PRO A 43 25.62 0.52 41.33
N PRO A 44 25.01 1.69 41.47
CA PRO A 44 24.58 2.17 42.78
C PRO A 44 23.37 1.40 43.26
N PRO A 45 23.02 1.51 44.54
CA PRO A 45 21.81 0.81 45.04
C PRO A 45 20.54 1.20 44.31
N ARG A 46 20.46 2.43 43.79
CA ARG A 46 19.29 2.81 42.99
C ARG A 46 19.21 2.00 41.71
N MET A 47 20.33 1.48 41.22
CA MET A 47 20.36 0.62 40.06
C MET A 47 20.44 -0.85 40.42
N GLN A 48 20.28 -1.19 41.70
CA GLN A 48 20.27 -2.57 42.17
C GLN A 48 18.86 -3.05 42.50
N GLY A 49 17.83 -2.29 42.14
CA GLY A 49 16.47 -2.67 42.49
C GLY A 49 16.09 -2.42 43.93
N LYS A 50 16.87 -1.63 44.66
CA LYS A 50 16.62 -1.34 46.06
C LYS A 50 15.96 0.01 46.23
N GLU A 51 15.45 0.24 47.44
CA GLU A 51 14.76 1.49 47.80
C GLU A 51 13.55 1.75 46.90
N GLY A 52 12.87 0.69 46.51
CA GLY A 52 11.70 0.81 45.66
C GLY A 52 12.00 1.07 44.20
N ARG A 53 13.26 1.12 43.81
CA ARG A 53 13.62 1.36 42.43
C ARG A 53 13.40 0.10 41.58
N PRO A 54 13.09 0.28 40.30
CA PRO A 54 12.92 -0.90 39.42
C PRO A 54 14.20 -1.70 39.31
N LYS A 55 14.04 -3.02 39.21
CA LYS A 55 15.17 -3.89 38.97
C LYS A 55 15.73 -3.65 37.56
N PRO A 56 17.04 -3.63 37.41
CA PRO A 56 17.62 -3.42 36.07
C PRO A 56 17.26 -4.56 35.12
N HIS A 57 17.12 -4.22 33.84
CA HIS A 57 16.85 -5.23 32.81
C HIS A 57 18.01 -6.20 32.69
N ILE A 58 19.25 -5.69 32.70
CA ILE A 58 20.44 -6.51 32.62
C ILE A 58 21.31 -6.20 33.83
N GLY A 59 21.70 -7.25 34.55
CA GLY A 59 22.54 -7.12 35.71
C GLY A 59 22.74 -8.43 36.44
N PRO A 60 23.42 -8.39 37.58
CA PRO A 60 23.98 -7.21 38.26
C PRO A 60 25.44 -6.92 37.90
N ASN A 61 26.10 -7.73 37.08
CA ASN A 61 27.53 -7.58 36.89
C ASN A 61 27.86 -7.73 35.41
N TYR A 62 29.17 -7.75 35.12
CA TYR A 62 29.66 -7.78 33.74
C TYR A 62 29.32 -9.09 33.04
N GLU A 63 29.25 -10.20 33.79
CA GLU A 63 28.98 -11.50 33.19
C GLU A 63 27.60 -11.56 32.58
N SER A 64 26.61 -10.94 33.24
CA SER A 64 25.26 -10.90 32.69
C SER A 64 25.21 -10.11 31.39
N TYR A 65 25.91 -8.97 31.35
CA TYR A 65 25.97 -8.20 30.11
C TYR A 65 26.62 -9.01 29.01
N VAL A 66 27.70 -9.74 29.32
CA VAL A 66 28.37 -10.56 28.31
C VAL A 66 27.43 -11.66 27.82
N LYS A 67 26.70 -12.28 28.74
CA LYS A 67 25.78 -13.36 28.37
C LYS A 67 24.71 -12.85 27.42
N GLU A 68 24.14 -11.68 27.71
CA GLU A 68 23.11 -11.15 26.82
C GLU A 68 23.69 -10.63 25.52
N TRP A 69 24.90 -10.07 25.54
CA TRP A 69 25.50 -9.47 24.36
C TRP A 69 26.00 -10.50 23.38
N ALA A 70 26.44 -11.67 23.86
CA ALA A 70 26.91 -12.72 22.95
C ALA A 70 25.78 -13.21 22.05
N LYS A 71 24.53 -13.10 22.51
CA LYS A 71 23.39 -13.50 21.68
C LYS A 71 23.10 -12.49 20.58
N THR A 72 23.57 -11.26 20.70
CA THR A 72 23.23 -10.19 19.78
C THR A 72 24.24 -10.00 18.66
N VAL A 73 25.33 -10.76 18.67
CA VAL A 73 26.36 -10.66 17.63
C VAL A 73 26.72 -12.07 17.19
N GLY A 74 27.31 -12.16 16.00
CA GLY A 74 27.75 -13.42 15.46
C GLY A 74 26.75 -14.04 14.51
N PRO A 75 27.12 -15.18 13.93
CA PRO A 75 26.22 -15.83 12.94
C PRO A 75 24.95 -16.40 13.54
N ASN A 76 24.87 -16.60 14.85
CA ASN A 76 23.70 -17.18 15.49
C ASN A 76 22.85 -16.13 16.20
N SER A 77 23.00 -14.85 15.84
CA SER A 77 22.29 -13.77 16.50
C SER A 77 20.98 -13.41 15.81
N ASP A 78 20.63 -14.08 14.71
CA ASP A 78 19.39 -13.76 14.01
C ASP A 78 18.17 -14.06 14.87
N GLU A 79 18.22 -15.14 15.65
CA GLU A 79 17.08 -15.49 16.49
C GLU A 79 16.81 -14.41 17.53
N TRP A 80 17.86 -13.91 18.18
CA TRP A 80 17.71 -12.87 19.18
C TRP A 80 17.11 -11.62 18.57
N TRP A 81 17.61 -11.19 17.40
CA TRP A 81 17.12 -9.97 16.79
C TRP A 81 15.71 -10.11 16.28
N ALA A 82 15.35 -11.28 15.73
CA ALA A 82 13.98 -11.53 15.31
C ALA A 82 13.03 -11.47 16.51
N ALA A 83 13.40 -12.12 17.61
CA ALA A 83 12.56 -12.09 18.81
C ALA A 83 12.41 -10.68 19.35
N LYS A 84 13.51 -9.92 19.39
CA LYS A 84 13.45 -8.55 19.90
C LYS A 84 12.62 -7.65 18.99
N ALA A 85 12.75 -7.81 17.67
CA ALA A 85 11.97 -7.01 16.74
C ALA A 85 10.48 -7.30 16.88
N ARG A 86 10.12 -8.58 17.05
CA ARG A 86 8.70 -8.91 17.18
C ARG A 86 8.15 -8.53 18.55
N GLU A 87 9.00 -8.47 19.57
CA GLU A 87 8.55 -8.11 20.92
C GLU A 87 8.50 -6.61 21.15
N THR A 88 9.33 -5.83 20.46
CA THR A 88 9.46 -4.41 20.73
C THR A 88 8.54 -3.55 19.86
N LEU A 89 8.37 -3.92 18.60
CA LEU A 89 7.62 -3.11 17.64
C LEU A 89 6.34 -3.82 17.24
N ASP A 90 5.31 -3.02 16.96
CA ASP A 90 4.07 -3.50 16.38
C ASP A 90 4.20 -3.50 14.86
N TRP A 91 3.97 -4.64 14.24
CA TRP A 91 4.15 -4.81 12.80
C TRP A 91 2.79 -4.95 12.12
N TYR A 92 2.62 -4.23 11.02
CA TYR A 92 1.46 -4.49 10.16
C TYR A 92 1.62 -5.81 9.42
N ASP A 93 2.82 -6.10 8.94
CA ASP A 93 3.16 -7.37 8.33
C ASP A 93 4.44 -7.90 8.96
N ASP A 94 4.48 -9.20 9.17
CA ASP A 94 5.67 -9.84 9.73
C ASP A 94 6.79 -9.86 8.70
N PHE A 95 8.02 -9.83 9.19
CA PHE A 95 9.19 -10.01 8.35
C PHE A 95 9.54 -11.48 8.25
N LYS A 96 10.22 -11.83 7.16
CA LYS A 96 10.76 -13.18 6.96
C LYS A 96 12.27 -13.22 7.17
N THR A 97 13.01 -12.37 6.48
CA THR A 97 14.45 -12.28 6.63
C THR A 97 14.79 -11.32 7.76
N VAL A 98 15.76 -11.69 8.58
CA VAL A 98 16.18 -10.81 9.67
C VAL A 98 17.14 -9.74 9.15
N ARG A 99 18.16 -10.13 8.41
CA ARG A 99 19.16 -9.18 7.95
C ARG A 99 19.76 -9.64 6.63
N ALA A 100 20.32 -8.67 5.91
CA ALA A 100 21.02 -8.92 4.65
C ALA A 100 21.81 -7.66 4.32
N GLY A 101 22.60 -7.75 3.25
CA GLY A 101 23.42 -6.64 2.84
C GLY A 101 24.67 -6.53 3.68
N GLY A 102 25.41 -5.46 3.42
CA GLY A 102 26.68 -5.30 4.10
C GLY A 102 27.29 -3.93 3.83
N PHE A 103 28.51 -3.79 4.31
CA PHE A 103 29.21 -2.49 4.25
C PHE A 103 29.69 -2.17 2.84
N GLU A 104 30.10 -3.18 2.08
CA GLU A 104 30.86 -2.94 0.86
C GLU A 104 30.05 -2.14 -0.17
N HIS A 105 28.78 -2.49 -0.35
CA HIS A 105 27.95 -1.81 -1.33
C HIS A 105 26.87 -0.92 -0.73
N GLY A 106 26.71 -0.93 0.60
CA GLY A 106 25.68 -0.13 1.22
C GLY A 106 24.28 -0.60 0.90
N ASP A 107 24.06 -1.91 0.98
CA ASP A 107 22.75 -2.51 0.76
C ASP A 107 22.21 -3.14 2.04
N VAL A 108 22.47 -2.48 3.18
CA VAL A 108 22.10 -3.04 4.47
C VAL A 108 20.58 -3.16 4.57
N GLN A 109 20.12 -4.33 4.98
CA GLN A 109 18.69 -4.61 5.13
C GLN A 109 18.44 -5.26 6.48
N TRP A 110 17.38 -4.82 7.13
CA TRP A 110 16.94 -5.43 8.39
C TRP A 110 15.43 -5.61 8.30
N PHE A 111 14.98 -6.83 8.48
CA PHE A 111 13.56 -7.18 8.45
C PHE A 111 12.83 -6.71 7.19
N PRO A 112 13.40 -6.97 6.00
CA PRO A 112 12.91 -6.27 4.79
C PRO A 112 11.45 -6.50 4.46
N GLU A 113 10.91 -7.69 4.69
CA GLU A 113 9.54 -8.00 4.29
C GLU A 113 8.50 -7.46 5.26
N GLY A 114 8.90 -6.99 6.43
CA GLY A 114 7.94 -6.46 7.38
C GLY A 114 7.52 -5.04 7.06
N THR A 115 6.25 -4.75 7.36
CA THR A 115 5.72 -3.40 7.26
C THR A 115 5.30 -2.93 8.64
N LEU A 116 5.46 -1.63 8.86
CA LEU A 116 5.19 -1.02 10.16
C LEU A 116 5.05 0.47 9.97
N ASN A 117 4.76 1.17 11.05
CA ASN A 117 4.74 2.63 11.04
C ASN A 117 5.40 3.14 12.30
N ALA A 118 6.29 4.11 12.15
CA ALA A 118 6.97 4.68 13.31
C ALA A 118 6.00 5.45 14.19
N ALA A 119 5.06 6.19 13.60
CA ALA A 119 4.09 6.93 14.39
C ALA A 119 3.12 6.01 15.10
N TYR A 120 2.76 4.88 14.48
CA TYR A 120 1.94 3.89 15.18
C TYR A 120 2.66 3.36 16.41
N ASN A 121 3.95 3.07 16.27
CA ASN A 121 4.72 2.50 17.38
C ASN A 121 5.04 3.54 18.45
N CYS A 122 5.08 4.82 18.09
CA CYS A 122 5.40 5.85 19.06
C CYS A 122 4.17 6.50 19.67
N LEU A 123 3.03 6.47 18.96
CA LEU A 123 1.82 7.13 19.44
C LEU A 123 0.64 6.18 19.61
N ASP A 124 0.24 5.48 18.55
CA ASP A 124 -1.09 4.89 18.50
C ASP A 124 -1.26 3.77 19.52
N ARG A 125 -0.30 2.85 19.59
CA ARG A 125 -0.45 1.72 20.49
C ARG A 125 -0.45 2.16 21.95
N HIS A 126 0.38 3.14 22.30
CA HIS A 126 0.39 3.67 23.66
C HIS A 126 -0.86 4.48 23.95
N TYR A 127 -1.37 5.19 22.95
CA TYR A 127 -2.64 5.89 23.10
C TYR A 127 -3.79 4.90 23.31
N TYR A 128 -3.74 3.76 22.63
CA TYR A 128 -4.75 2.74 22.82
C TYR A 128 -4.64 2.10 24.20
N LYS A 129 -3.43 1.90 24.69
CA LYS A 129 -3.27 1.30 26.01
C LYS A 129 -3.61 2.28 27.13
N ASN A 130 -3.10 3.52 27.04
CA ASN A 130 -3.36 4.54 28.05
C ASN A 130 -3.31 5.92 27.42
N PRO A 131 -4.45 6.45 27.00
CA PRO A 131 -4.50 7.76 26.36
C PRO A 131 -4.10 8.92 27.26
N LYS A 132 -4.38 8.84 28.56
CA LYS A 132 -4.13 9.97 29.46
C LYS A 132 -2.70 10.02 29.96
N LYS A 133 -1.88 9.03 29.65
CA LYS A 133 -0.49 9.05 30.07
C LYS A 133 0.24 10.20 29.39
N THR A 134 1.17 10.80 30.12
CA THR A 134 1.96 11.91 29.60
C THR A 134 3.00 11.39 28.63
N ALA A 135 2.91 11.82 27.37
CA ALA A 135 3.95 11.49 26.41
C ALA A 135 5.12 12.46 26.52
N ILE A 136 4.84 13.75 26.68
CA ILE A 136 5.86 14.79 26.70
C ILE A 136 5.63 15.68 27.91
N ILE A 137 6.69 15.87 28.69
CA ILE A 137 6.78 16.98 29.63
C ILE A 137 7.44 18.12 28.87
N TYR A 138 6.67 19.13 28.52
CA TYR A 138 7.17 20.26 27.77
C TYR A 138 7.61 21.35 28.76
N GLU A 139 8.91 21.51 28.92
CA GLU A 139 9.47 22.55 29.77
C GLU A 139 9.70 23.77 28.90
N ALA A 140 8.78 24.73 28.97
CA ALA A 140 8.88 25.94 28.18
C ALA A 140 10.05 26.79 28.65
N ASP A 141 10.43 27.76 27.80
CA ASP A 141 11.51 28.67 28.15
C ASP A 141 11.23 29.38 29.46
N GLU A 142 10.00 29.87 29.64
CA GLU A 142 9.56 30.35 30.94
C GLU A 142 9.05 29.19 31.76
N PRO A 143 9.60 28.93 32.95
CA PRO A 143 9.19 27.74 33.72
C PRO A 143 7.70 27.71 34.04
N SER A 144 7.06 28.86 34.16
CA SER A 144 5.63 28.89 34.48
C SER A 144 4.76 28.41 33.33
N GLU A 145 5.28 28.40 32.11
CA GLU A 145 4.53 27.99 30.93
C GLU A 145 4.68 26.51 30.62
N SER A 146 5.39 25.76 31.45
CA SER A 146 5.57 24.33 31.22
C SER A 146 4.30 23.56 31.55
N ARG A 147 4.11 22.44 30.86
CA ARG A 147 2.92 21.62 31.06
C ARG A 147 3.19 20.22 30.49
N GLU A 148 2.29 19.30 30.82
CA GLU A 148 2.36 17.93 30.34
C GLU A 148 1.46 17.78 29.13
N VAL A 149 2.00 17.17 28.08
CA VAL A 149 1.23 16.78 26.90
C VAL A 149 0.96 15.29 27.02
N SER A 150 -0.30 14.89 26.95
CA SER A 150 -0.61 13.48 27.05
C SER A 150 -0.42 12.79 25.71
N TYR A 151 -0.47 11.45 25.73
CA TYR A 151 -0.38 10.70 24.49
C TYR A 151 -1.55 10.99 23.57
N GLU A 152 -2.74 11.21 24.14
CA GLU A 152 -3.90 11.54 23.32
C GLU A 152 -3.72 12.87 22.60
N GLU A 153 -3.27 13.89 23.33
CA GLU A 153 -3.08 15.20 22.70
C GLU A 153 -1.98 15.17 21.65
N LEU A 154 -0.87 14.48 21.95
CA LEU A 154 0.20 14.37 20.97
C LEU A 154 -0.26 13.61 19.73
N MET A 155 -1.03 12.54 19.91
CA MET A 155 -1.55 11.80 18.78
C MET A 155 -2.48 12.66 17.95
N GLN A 156 -3.37 13.43 18.59
CA GLN A 156 -4.29 14.28 17.85
C GLN A 156 -3.57 15.37 17.08
N GLU A 157 -2.57 15.99 17.70
CA GLU A 157 -1.79 17.01 17.01
CA GLU A 157 -1.78 17.02 17.01
C GLU A 157 -1.02 16.41 15.83
N THR A 158 -0.41 15.25 16.03
CA THR A 158 0.31 14.59 14.95
C THR A 158 -0.63 14.27 13.80
N CYS A 159 -1.83 13.79 14.10
CA CYS A 159 -2.79 13.44 13.05
C CYS A 159 -3.27 14.68 12.31
N ARG A 160 -3.50 15.78 13.02
CA ARG A 160 -3.90 17.02 12.36
CA ARG A 160 -3.91 17.01 12.35
C ARG A 160 -2.82 17.51 11.42
N VAL A 161 -1.56 17.48 11.85
CA VAL A 161 -0.47 17.92 10.98
C VAL A 161 -0.30 16.97 9.81
N ALA A 162 -0.49 15.67 10.03
CA ALA A 162 -0.41 14.70 8.94
C ALA A 162 -1.49 14.96 7.89
N ASN A 163 -2.70 15.29 8.35
CA ASN A 163 -3.78 15.63 7.42
C ASN A 163 -3.46 16.92 6.65
N VAL A 164 -2.87 17.90 7.33
CA VAL A 164 -2.44 19.13 6.64
C VAL A 164 -1.40 18.82 5.57
N LEU A 165 -0.42 17.99 5.90
CA LEU A 165 0.61 17.62 4.94
C LEU A 165 0.02 16.86 3.76
N LYS A 166 -0.93 15.95 4.02
CA LYS A 166 -1.58 15.23 2.93
C LYS A 166 -2.38 16.18 2.04
N SER A 167 -2.99 17.20 2.64
CA SER A 167 -3.67 18.22 1.83
C SER A 167 -2.69 19.05 1.02
N TYR A 168 -1.44 19.17 1.48
CA TYR A 168 -0.42 19.84 0.69
C TYR A 168 0.09 18.98 -0.47
N GLY A 169 -0.41 17.76 -0.61
CA GLY A 169 0.06 16.86 -1.63
C GLY A 169 1.27 16.03 -1.26
N VAL A 170 1.67 16.03 0.01
CA VAL A 170 2.84 15.27 0.44
C VAL A 170 2.53 13.78 0.36
N LYS A 171 3.35 13.06 -0.39
CA LYS A 171 3.17 11.63 -0.61
C LYS A 171 4.22 10.84 0.17
N LYS A 172 4.01 9.52 0.21
CA LYS A 172 4.99 8.63 0.79
C LYS A 172 6.31 8.74 0.03
N GLY A 173 7.40 8.89 0.79
CA GLY A 173 8.71 9.09 0.21
C GLY A 173 9.09 10.53 -0.07
N ASP A 174 8.18 11.48 0.16
CA ASP A 174 8.48 12.89 -0.05
C ASP A 174 9.20 13.48 1.16
N ALA A 175 10.14 14.38 0.89
CA ALA A 175 10.90 15.04 1.94
C ALA A 175 10.15 16.27 2.43
N VAL A 176 10.12 16.44 3.76
CA VAL A 176 9.52 17.60 4.41
C VAL A 176 10.57 18.19 5.34
N SER A 177 10.94 19.44 5.09
CA SER A 177 11.89 20.12 5.97
C SER A 177 11.20 20.65 7.21
N ILE A 178 11.88 20.53 8.34
CA ILE A 178 11.38 20.99 9.63
C ILE A 178 12.41 21.92 10.23
N TYR A 179 12.03 23.17 10.45
CA TYR A 179 12.89 24.20 11.05
C TYR A 179 12.19 24.65 12.33
N LEU A 180 12.37 23.89 13.40
CA LEU A 180 11.57 24.14 14.58
C LEU A 180 12.44 24.23 15.82
N PRO A 181 12.09 25.10 16.76
CA PRO A 181 12.79 25.12 18.05
C PRO A 181 12.37 23.97 18.96
N MET A 182 12.82 23.98 20.20
CA MET A 182 12.55 22.89 21.13
C MET A 182 11.18 23.05 21.81
N THR A 183 10.15 23.10 20.98
CA THR A 183 8.77 23.02 21.44
C THR A 183 8.24 21.61 21.22
N TRP A 184 7.21 21.25 21.98
CA TRP A 184 6.71 19.88 21.93
C TRP A 184 6.07 19.55 20.59
N GLN A 185 5.46 20.53 19.91
CA GLN A 185 4.84 20.27 18.63
C GLN A 185 5.82 19.77 17.59
N ALA A 186 7.12 20.04 17.76
CA ALA A 186 8.12 19.47 16.86
C ALA A 186 8.03 17.95 16.85
N ALA A 187 7.87 17.34 18.02
CA ALA A 187 7.69 15.90 18.09
C ALA A 187 6.47 15.47 17.28
N ALA A 188 5.40 16.27 17.30
CA ALA A 188 4.26 15.99 16.44
C ALA A 188 4.65 16.09 14.97
N ALA A 189 5.34 17.17 14.60
CA ALA A 189 5.68 17.38 13.20
C ALA A 189 6.49 16.22 12.66
N PHE A 190 7.58 15.87 13.36
CA PHE A 190 8.35 14.66 13.04
C PHE A 190 7.41 13.50 12.80
N LEU A 191 6.61 13.17 13.82
CA LEU A 191 5.80 11.98 13.75
C LEU A 191 4.75 12.10 12.66
N ALA A 192 4.29 13.31 12.39
CA ALA A 192 3.33 13.49 11.31
C ALA A 192 3.91 12.99 10.00
N CYS A 193 5.16 13.37 9.72
CA CYS A 193 5.82 12.85 8.52
C CYS A 193 5.89 11.34 8.58
N ALA A 194 6.32 10.78 9.72
CA ALA A 194 6.43 9.35 9.86
C ALA A 194 5.08 8.67 9.74
N ARG A 195 3.98 9.39 9.97
CA ARG A 195 2.67 8.79 9.85
C ARG A 195 2.27 8.59 8.40
N ILE A 196 2.77 9.42 7.48
CA ILE A 196 2.31 9.38 6.10
C ILE A 196 3.38 8.88 5.15
N GLY A 197 4.50 8.38 5.68
CA GLY A 197 5.59 7.95 4.83
C GLY A 197 6.44 9.07 4.29
N ALA A 198 6.28 10.29 4.80
CA ALA A 198 7.14 11.40 4.41
C ALA A 198 8.46 11.32 5.17
N ILE A 199 9.54 11.61 4.46
CA ILE A 199 10.87 11.65 5.06
C ILE A 199 11.08 13.06 5.62
N HIS A 200 11.11 13.18 6.93
CA HIS A 200 11.33 14.48 7.54
C HIS A 200 12.83 14.77 7.63
N SER A 201 13.19 16.01 7.39
CA SER A 201 14.56 16.49 7.41
C SER A 201 14.60 17.66 8.38
N ALA A 202 15.13 17.44 9.57
CA ALA A 202 15.14 18.45 10.62
C ALA A 202 16.38 19.31 10.54
N VAL A 203 16.21 20.60 10.73
CA VAL A 203 17.30 21.56 10.71
C VAL A 203 17.34 22.27 12.05
N PHE A 204 18.55 22.38 12.61
CA PHE A 204 18.75 23.06 13.88
CA PHE A 204 18.69 23.05 13.90
C PHE A 204 18.12 24.45 13.84
N ALA A 205 17.33 24.79 14.84
CA ALA A 205 16.79 26.14 14.93
C ALA A 205 17.91 27.10 15.32
N GLY A 206 17.95 28.24 14.65
CA GLY A 206 19.05 29.17 14.81
C GLY A 206 20.17 28.99 13.81
N PHE A 207 20.12 27.98 12.97
CA PHE A 207 21.00 27.92 11.80
C PHE A 207 20.75 29.14 10.92
N SER A 208 21.81 29.64 10.31
CA SER A 208 21.69 30.80 9.44
C SER A 208 20.84 30.47 8.22
N ALA A 209 20.47 31.52 7.47
CA ALA A 209 19.67 31.31 6.27
C ALA A 209 20.43 30.49 5.22
N GLU A 210 21.75 30.58 5.20
CA GLU A 210 22.53 29.84 4.21
C GLU A 210 22.55 28.34 4.50
N SER A 211 22.76 27.97 5.76
CA SER A 211 22.73 26.55 6.13
C SER A 211 21.36 25.95 5.91
N LEU A 212 20.32 26.68 6.32
CA LEU A 212 18.95 26.23 6.10
C LEU A 212 18.66 26.08 4.62
N ARG A 213 19.09 27.04 3.81
CA ARG A 213 18.89 26.96 2.37
C ARG A 213 19.61 25.75 1.78
N ASP A 214 20.84 25.50 2.21
CA ASP A 214 21.60 24.37 1.68
C ASP A 214 20.89 23.06 1.98
N ARG A 215 20.44 22.88 3.23
CA ARG A 215 19.76 21.64 3.59
C ARG A 215 18.42 21.50 2.88
N VAL A 216 17.66 22.59 2.79
CA VAL A 216 16.35 22.54 2.15
C VAL A 216 16.49 22.24 0.66
N ASN A 217 17.48 22.84 0.00
CA ASN A 217 17.70 22.57 -1.42
C ASN A 217 18.19 21.15 -1.64
N ASP A 218 19.10 20.66 -0.78
CA ASP A 218 19.61 19.30 -0.96
C ASP A 218 18.51 18.26 -0.78
N CYS A 219 17.66 18.42 0.23
CA CYS A 219 16.60 17.44 0.43
C CYS A 219 15.49 17.54 -0.60
N GLU A 220 15.45 18.65 -1.36
CA GLU A 220 14.47 18.85 -2.44
C GLU A 220 13.03 18.85 -1.90
N CYS A 221 12.86 19.26 -0.65
CA CYS A 221 11.53 19.33 -0.06
C CYS A 221 10.68 20.40 -0.75
N LYS A 222 9.37 20.15 -0.76
CA LYS A 222 8.40 21.12 -1.24
C LYS A 222 7.58 21.74 -0.12
N VAL A 223 7.72 21.25 1.11
CA VAL A 223 6.97 21.71 2.26
C VAL A 223 7.94 21.96 3.40
N LEU A 224 7.75 23.07 4.12
CA LEU A 224 8.58 23.43 5.26
CA LEU A 224 8.58 23.43 5.25
C LEU A 224 7.70 23.71 6.46
N ILE A 225 8.12 23.22 7.61
CA ILE A 225 7.43 23.41 8.89
C ILE A 225 8.36 24.23 9.78
N THR A 226 7.86 25.35 10.28
CA THR A 226 8.67 26.26 11.10
C THR A 226 7.76 27.05 12.03
N THR A 227 8.38 27.90 12.84
CA THR A 227 7.69 28.77 13.77
C THR A 227 7.77 30.21 13.31
N ASP A 228 6.91 31.05 13.88
CA ASP A 228 7.07 32.49 13.71
C ASP A 228 8.35 32.96 14.38
N GLU A 229 8.54 32.59 15.64
CA GLU A 229 9.76 32.88 16.39
C GLU A 229 9.97 31.75 17.39
N GLY A 230 11.22 31.63 17.84
CA GLY A 230 11.55 30.70 18.90
C GLY A 230 12.01 31.44 20.14
N ARG A 231 11.88 30.82 21.32
CA ARG A 231 12.31 31.42 22.57
C ARG A 231 13.28 30.46 23.25
N ARG A 232 14.55 30.87 23.32
CA ARG A 232 15.57 30.06 24.00
C ARG A 232 16.44 30.98 24.85
N GLY A 233 16.59 30.62 26.12
CA GLY A 233 17.38 31.41 27.04
C GLY A 233 16.86 32.82 27.24
N GLY A 234 15.54 33.00 27.22
CA GLY A 234 14.97 34.32 27.26
C GLY A 234 15.20 35.15 26.03
N LYS A 235 15.78 34.57 24.98
CA LYS A 235 16.12 35.28 23.75
C LYS A 235 15.21 34.83 22.63
N THR A 236 14.98 35.74 21.68
CA THR A 236 14.12 35.49 20.54
C THR A 236 14.96 35.07 19.34
N ILE A 237 14.54 33.99 18.69
CA ILE A 237 15.12 33.52 17.44
C ILE A 237 14.12 33.84 16.34
N ALA A 238 14.53 34.69 15.39
CA ALA A 238 13.65 35.08 14.28
C ALA A 238 13.67 33.96 13.24
N THR A 239 12.97 32.86 13.56
CA THR A 239 12.95 31.71 12.67
C THR A 239 12.26 32.02 11.35
N LYS A 240 11.15 32.77 11.40
CA LYS A 240 10.41 33.07 10.18
C LYS A 240 11.20 34.00 9.27
N GLN A 241 11.91 34.98 9.85
CA GLN A 241 12.74 35.87 9.04
CA GLN A 241 12.74 35.87 9.04
C GLN A 241 13.86 35.10 8.35
N ILE A 242 14.53 34.21 9.08
CA ILE A 242 15.57 33.37 8.50
C ILE A 242 14.99 32.47 7.42
N VAL A 243 13.77 31.97 7.66
CA VAL A 243 13.11 31.10 6.69
C VAL A 243 12.82 31.86 5.41
N ASP A 244 12.34 33.11 5.52
CA ASP A 244 12.09 33.91 4.33
C ASP A 244 13.39 34.19 3.56
N ALA A 245 14.45 34.55 4.28
CA ALA A 245 15.74 34.79 3.64
C ALA A 245 16.24 33.54 2.92
N ALA A 246 16.05 32.38 3.53
CA ALA A 246 16.49 31.12 2.91
C ALA A 246 15.62 30.74 1.72
N LEU A 247 14.30 30.85 1.87
CA LEU A 247 13.37 30.50 0.81
C LEU A 247 13.44 31.44 -0.38
N GLN A 248 14.05 32.62 -0.21
CA GLN A 248 14.36 33.44 -1.38
C GLN A 248 15.26 32.72 -2.36
N GLN A 249 15.97 31.67 -1.93
CA GLN A 249 16.83 30.88 -2.79
C GLN A 249 16.49 29.39 -2.73
N CYS A 250 15.22 29.06 -2.47
CA CYS A 250 14.76 27.68 -2.41
C CYS A 250 13.52 27.54 -3.30
N PRO A 251 13.73 27.36 -4.61
CA PRO A 251 12.58 27.38 -5.54
C PRO A 251 11.56 26.28 -5.31
N LEU A 252 11.98 25.10 -4.87
CA LEU A 252 11.08 23.95 -4.81
C LEU A 252 10.07 24.01 -3.68
N VAL A 253 10.25 24.90 -2.70
CA VAL A 253 9.35 24.96 -1.55
C VAL A 253 8.09 25.73 -1.96
N GLU A 254 6.94 25.07 -1.82
CA GLU A 254 5.66 25.64 -2.21
C GLU A 254 4.73 25.93 -1.04
N ASN A 255 4.84 25.17 0.05
CA ASN A 255 4.00 25.35 1.21
C ASN A 255 4.87 25.49 2.45
N VAL A 256 4.53 26.46 3.29
CA VAL A 256 5.17 26.64 4.60
C VAL A 256 4.08 26.60 5.65
N LEU A 257 4.27 25.75 6.65
CA LEU A 257 3.38 25.67 7.80
C LEU A 257 4.08 26.36 8.97
N VAL A 258 3.43 27.37 9.54
CA VAL A 258 4.06 28.22 10.54
C VAL A 258 3.34 28.02 11.87
N LEU A 259 4.09 27.55 12.87
CA LEU A 259 3.57 27.41 14.23
C LEU A 259 3.64 28.75 14.94
N ARG A 260 2.52 29.16 15.54
CA ARG A 260 2.45 30.43 16.26
C ARG A 260 2.95 30.22 17.69
N ARG A 261 4.27 30.10 17.80
CA ARG A 261 4.88 29.84 19.11
C ARG A 261 4.82 31.07 20.01
N THR A 262 5.19 32.23 19.49
CA THR A 262 5.23 33.44 20.30
C THR A 262 4.07 34.38 20.02
N GLY A 263 3.52 34.36 18.81
CA GLY A 263 2.45 35.25 18.45
C GLY A 263 2.86 36.62 17.98
N ASN A 264 4.15 36.93 17.96
CA ASN A 264 4.61 38.21 17.47
C ASN A 264 4.46 38.30 15.96
N LYS A 265 4.41 39.54 15.47
CA LYS A 265 4.19 39.76 14.05
C LYS A 265 5.39 39.31 13.23
N VAL A 266 5.14 38.46 12.24
CA VAL A 266 6.16 38.02 11.30
C VAL A 266 5.59 38.16 9.89
N PRO A 267 6.40 38.38 8.87
CA PRO A 267 5.88 38.39 7.50
C PRO A 267 5.36 37.01 7.10
N MET A 268 4.24 37.01 6.37
CA MET A 268 3.65 35.77 5.87
C MET A 268 3.29 35.97 4.41
N THR A 269 3.88 35.15 3.55
CA THR A 269 3.63 35.23 2.12
C THR A 269 2.27 34.62 1.79
N GLU A 270 1.48 35.35 0.99
CA GLU A 270 0.17 34.85 0.59
C GLU A 270 0.30 33.57 -0.23
N GLY A 271 -0.51 32.58 0.11
CA GLY A 271 -0.47 31.31 -0.58
C GLY A 271 0.59 30.33 -0.11
N ARG A 272 1.84 30.79 0.01
CA ARG A 272 2.91 29.91 0.42
C ARG A 272 2.85 29.59 1.91
N ASP A 273 2.57 30.60 2.73
CA ASP A 273 2.62 30.46 4.18
C ASP A 273 1.21 30.33 4.75
N LYS A 274 1.01 29.35 5.62
CA LYS A 274 -0.24 29.19 6.33
C LYS A 274 0.06 28.91 7.81
N TRP A 275 -0.83 29.40 8.67
CA TRP A 275 -0.66 29.18 10.10
C TRP A 275 -0.97 27.74 10.46
N TRP A 276 -0.16 27.19 11.37
CA TRP A 276 -0.32 25.80 11.80
C TRP A 276 -1.69 25.58 12.44
N ASP A 277 -2.10 26.49 13.33
CA ASP A 277 -3.37 26.32 14.03
C ASP A 277 -4.55 26.40 13.06
N GLU A 278 -4.50 27.33 12.11
CA GLU A 278 -5.60 27.48 11.15
C GLU A 278 -5.74 26.26 10.26
N GLU A 279 -4.61 25.74 9.75
CA GLU A 279 -4.68 24.54 8.91
C GLU A 279 -5.11 23.33 9.72
N CYS A 280 -4.60 23.19 10.94
CA CYS A 280 -4.93 22.03 11.76
C CYS A 280 -6.38 22.04 12.23
N ALA A 281 -6.96 23.23 12.41
CA ALA A 281 -8.35 23.33 12.85
C ALA A 281 -9.32 22.81 11.81
N LYS A 282 -8.94 22.82 10.53
CA LYS A 282 -9.80 22.31 9.47
C LYS A 282 -9.69 20.80 9.30
N MET A 283 -8.75 20.16 9.98
CA MET A 283 -8.46 18.76 9.78
C MET A 283 -8.97 17.89 10.92
N PRO A 284 -9.39 16.67 10.64
CA PRO A 284 -9.79 15.76 11.71
C PRO A 284 -8.61 15.36 12.57
N ALA A 285 -8.91 15.02 13.82
CA ALA A 285 -7.88 14.70 14.81
C ALA A 285 -7.35 13.27 14.68
N TYR A 286 -7.77 12.52 13.65
CA TYR A 286 -7.17 11.23 13.36
C TYR A 286 -6.76 11.18 11.89
N CYS A 287 -5.66 10.46 11.64
CA CYS A 287 -5.14 10.22 10.30
C CYS A 287 -4.71 8.76 10.27
N PRO A 288 -5.03 8.02 9.20
CA PRO A 288 -4.54 6.64 9.09
C PRO A 288 -3.02 6.59 8.94
N CYS A 289 -2.44 5.53 9.48
CA CYS A 289 -1.01 5.30 9.36
C CYS A 289 -0.70 4.65 8.02
N GLU A 290 0.29 5.19 7.32
CA GLU A 290 0.78 4.58 6.09
C GLU A 290 1.62 3.35 6.44
N ARG A 291 1.34 2.24 5.78
CA ARG A 291 2.07 1.00 6.02
C ARG A 291 3.41 1.09 5.30
N MET A 292 4.49 1.13 6.07
CA MET A 292 5.82 1.42 5.55
C MET A 292 6.68 0.17 5.58
N ALA A 293 7.42 -0.05 4.50
CA ALA A 293 8.42 -1.09 4.48
C ALA A 293 9.49 -0.80 5.54
N SER A 294 10.13 -1.86 6.01
CA SER A 294 11.15 -1.70 7.06
CA SER A 294 11.14 -1.70 7.06
C SER A 294 12.28 -0.79 6.59
N GLU A 295 12.69 -0.92 5.34
CA GLU A 295 13.79 -0.16 4.79
C GLU A 295 13.35 1.15 4.14
N ASP A 296 12.09 1.51 4.26
CA ASP A 296 11.66 2.82 3.82
C ASP A 296 12.36 3.89 4.66
N PRO A 297 12.94 4.92 4.04
CA PRO A 297 13.69 5.92 4.81
C PRO A 297 12.80 6.66 5.80
N LEU A 298 13.15 6.57 7.07
CA LEU A 298 12.40 7.30 8.09
C LEU A 298 12.73 8.79 8.02
N PHE A 299 14.02 9.14 8.04
CA PHE A 299 14.33 10.56 8.03
C PHE A 299 15.71 10.82 7.44
N ILE A 300 15.93 12.09 7.10
CA ILE A 300 17.24 12.62 6.71
C ILE A 300 17.67 13.58 7.79
N LEU A 301 18.90 13.43 8.27
CA LEU A 301 19.50 14.36 9.22
C LEU A 301 20.81 14.85 8.62
N TYR A 302 20.92 16.15 8.39
CA TYR A 302 22.15 16.71 7.86
C TYR A 302 23.15 16.94 8.97
N THR A 303 24.38 16.50 8.75
CA THR A 303 25.45 16.76 9.69
C THR A 303 25.79 18.25 9.70
N SER A 304 26.11 18.77 10.88
CA SER A 304 26.47 20.17 11.03
C SER A 304 27.93 20.40 10.63
N LYS A 309 29.62 20.69 1.39
CA LYS A 309 28.20 20.42 1.26
C LYS A 309 27.68 19.63 2.45
N PRO A 310 26.58 20.08 3.04
CA PRO A 310 25.97 19.32 4.14
C PRO A 310 25.59 17.92 3.70
N LYS A 311 25.83 16.96 4.58
CA LYS A 311 25.67 15.54 4.25
C LYS A 311 24.45 15.00 4.99
N GLY A 312 23.48 14.51 4.23
CA GLY A 312 22.23 14.03 4.80
C GLY A 312 22.22 12.55 5.11
N VAL A 313 22.50 12.22 6.36
CA VAL A 313 22.48 10.83 6.82
C VAL A 313 21.03 10.35 6.83
N VAL A 314 20.78 9.22 6.18
CA VAL A 314 19.44 8.70 5.98
C VAL A 314 19.23 7.51 6.89
N HIS A 315 18.11 7.48 7.59
CA HIS A 315 17.76 6.38 8.46
C HIS A 315 16.44 5.78 8.03
N SER A 316 16.42 4.45 7.92
CA SER A 316 15.23 3.68 7.62
C SER A 316 14.37 3.55 8.87
N THR A 317 13.25 2.82 8.74
CA THR A 317 12.23 2.86 9.78
C THR A 317 12.43 1.78 10.85
N ALA A 318 12.37 0.50 10.46
CA ALA A 318 12.27 -0.57 11.45
C ALA A 318 13.57 -0.73 12.22
N GLY A 319 14.70 -0.78 11.52
CA GLY A 319 15.98 -0.97 12.20
C GLY A 319 16.30 0.17 13.14
N TYR A 320 16.11 1.40 12.67
CA TYR A 320 16.37 2.56 13.52
C TYR A 320 15.45 2.60 14.72
N LEU A 321 14.16 2.34 14.51
CA LEU A 321 13.20 2.35 15.61
C LEU A 321 13.55 1.28 16.65
N LEU A 322 13.86 0.07 16.17
CA LEU A 322 14.25 -1.00 17.08
C LEU A 322 15.51 -0.63 17.85
N GLY A 323 16.52 -0.08 17.16
CA GLY A 323 17.76 0.27 17.83
C GLY A 323 17.58 1.33 18.88
N THR A 324 16.84 2.40 18.55
CA THR A 324 16.64 3.47 19.52
C THR A 324 15.81 2.99 20.70
N ALA A 325 14.77 2.19 20.44
CA ALA A 325 13.97 1.67 21.54
C ALA A 325 14.78 0.77 22.46
N LEU A 326 15.61 -0.11 21.88
CA LEU A 326 16.42 -1.00 22.70
C LEU A 326 17.47 -0.24 23.50
N THR A 327 18.14 0.73 22.88
CA THR A 327 19.13 1.51 23.61
C THR A 327 18.46 2.30 24.73
N LEU A 328 17.29 2.87 24.46
CA LEU A 328 16.57 3.60 25.49
C LEU A 328 16.18 2.68 26.65
N LYS A 329 15.74 1.46 26.33
CA LYS A 329 15.28 0.55 27.37
C LYS A 329 16.45 0.01 28.21
N TYR A 330 17.59 -0.26 27.58
CA TYR A 330 18.68 -0.95 28.28
C TYR A 330 19.77 -0.01 28.77
N VAL A 331 20.24 0.91 27.93
CA VAL A 331 21.31 1.83 28.33
C VAL A 331 20.85 2.74 29.46
N PHE A 332 19.57 3.12 29.47
CA PHE A 332 19.04 4.00 30.49
C PHE A 332 18.12 3.29 31.46
N ASP A 333 17.94 1.98 31.32
CA ASP A 333 17.12 1.17 32.21
C ASP A 333 15.71 1.73 32.32
N ALA A 334 15.15 2.12 31.18
CA ALA A 334 13.82 2.70 31.15
C ALA A 334 12.77 1.66 31.55
N HIS A 335 11.75 2.13 32.25
CA HIS A 335 10.64 1.31 32.71
C HIS A 335 9.34 2.03 32.38
N PRO A 336 8.20 1.32 32.38
CA PRO A 336 6.97 1.92 31.85
C PRO A 336 6.60 3.26 32.46
N ASP A 337 6.81 3.45 33.75
CA ASP A 337 6.43 4.69 34.42
C ASP A 337 7.57 5.70 34.49
N ASP A 338 8.65 5.49 33.75
CA ASP A 338 9.79 6.38 33.83
C ASP A 338 9.52 7.71 33.13
N ARG A 339 10.29 8.72 33.51
CA ARG A 339 10.22 10.06 32.94
C ARG A 339 11.60 10.41 32.40
N PHE A 340 11.84 10.10 31.13
CA PHE A 340 13.12 10.34 30.50
C PHE A 340 13.30 11.84 30.23
N ALA A 341 14.50 12.33 30.52
CA ALA A 341 14.82 13.76 30.37
C ALA A 341 16.12 13.89 29.61
N CYS A 342 16.02 13.89 28.28
CA CYS A 342 17.15 14.18 27.41
C CYS A 342 17.09 15.65 27.03
N MET A 343 18.18 16.38 27.31
CA MET A 343 18.20 17.81 27.09
C MET A 343 19.02 18.19 25.87
N ALA A 344 18.99 17.37 24.83
CA ALA A 344 19.58 17.70 23.55
C ALA A 344 18.59 18.51 22.74
N ASP A 345 18.87 18.70 21.46
CA ASP A 345 18.00 19.42 20.55
C ASP A 345 17.46 18.45 19.50
N ILE A 346 16.20 18.65 19.11
CA ILE A 346 15.59 17.78 18.11
C ILE A 346 16.28 17.91 16.75
N GLY A 347 17.03 18.98 16.52
CA GLY A 347 17.82 19.10 15.31
C GLY A 347 19.06 18.24 15.27
N TRP A 348 19.40 17.63 16.40
CA TRP A 348 20.54 16.73 16.54
C TRP A 348 20.05 15.29 16.53
N ILE A 349 20.99 14.36 16.28
CA ILE A 349 20.62 12.94 16.27
C ILE A 349 20.23 12.48 17.66
N THR A 350 20.81 13.08 18.71
CA THR A 350 20.41 12.75 20.06
C THR A 350 18.95 13.11 20.30
N GLY A 351 18.52 14.26 19.81
CA GLY A 351 17.12 14.62 19.87
C GLY A 351 16.23 13.71 19.04
N HIS A 352 16.75 13.23 17.91
CA HIS A 352 15.99 12.26 17.11
C HIS A 352 15.78 10.97 17.88
N SER A 353 16.83 10.46 18.52
CA SER A 353 16.79 9.10 19.06
C SER A 353 16.23 9.05 20.48
N TYR A 354 16.66 9.94 21.36
CA TYR A 354 16.31 9.85 22.78
C TYR A 354 15.52 11.03 23.30
N ILE A 355 14.97 11.87 22.43
CA ILE A 355 13.88 12.75 22.80
C ILE A 355 12.56 12.29 22.21
N ILE A 356 12.57 11.79 20.97
CA ILE A 356 11.35 11.51 20.22
C ILE A 356 11.16 10.02 20.00
N TYR A 357 12.06 9.38 19.26
CA TYR A 357 11.74 8.05 18.74
C TYR A 357 11.90 6.97 19.81
N GLY A 358 13.05 6.94 20.47
CA GLY A 358 13.31 5.93 21.48
C GLY A 358 12.35 5.93 22.66
N PRO A 359 12.18 7.09 23.31
CA PRO A 359 11.26 7.11 24.46
C PRO A 359 9.80 6.90 24.10
N LEU A 360 9.33 7.50 23.00
CA LEU A 360 7.93 7.35 22.63
C LEU A 360 7.63 5.95 22.08
N ALA A 361 8.63 5.31 21.45
CA ALA A 361 8.46 3.91 21.06
C ALA A 361 8.32 3.03 22.29
N ASN A 362 9.05 3.35 23.37
CA ASN A 362 8.93 2.61 24.61
C ASN A 362 7.65 2.95 25.37
N GLY A 363 6.94 4.00 24.98
CA GLY A 363 5.71 4.36 25.66
C GLY A 363 5.90 5.04 26.99
N ILE A 364 7.05 5.65 27.22
CA ILE A 364 7.33 6.34 28.46
C ILE A 364 7.21 7.84 28.24
N THR A 365 7.30 8.60 29.32
CA THR A 365 7.31 10.05 29.23
C THR A 365 8.69 10.53 28.83
N THR A 366 8.73 11.45 27.87
CA THR A 366 9.96 12.11 27.44
C THR A 366 9.83 13.60 27.70
N ALA A 367 10.96 14.26 27.88
CA ALA A 367 11.01 15.68 28.18
C ALA A 367 11.45 16.46 26.94
N VAL A 368 10.75 17.54 26.65
CA VAL A 368 11.15 18.49 25.61
C VAL A 368 11.48 19.79 26.31
N PHE A 369 12.78 20.10 26.39
CA PHE A 369 13.29 21.24 27.14
C PHE A 369 13.58 22.39 26.18
N GLU A 370 12.84 23.49 26.34
CA GLU A 370 12.93 24.60 25.41
C GLU A 370 14.04 25.60 25.76
N SER A 371 14.49 25.63 27.01
CA SER A 371 15.39 26.66 27.48
C SER A 371 16.85 26.21 27.40
N THR A 372 17.74 26.99 28.00
CA THR A 372 19.15 26.72 28.18
C THR A 372 19.43 26.23 29.60
N PRO A 373 20.59 25.61 29.84
CA PRO A 373 20.91 25.17 31.20
C PRO A 373 21.03 26.31 32.21
N VAL A 374 21.25 27.55 31.77
CA VAL A 374 21.49 28.65 32.70
C VAL A 374 20.41 29.72 32.57
N TYR A 375 19.22 29.34 32.15
CA TYR A 375 18.11 30.27 32.11
C TYR A 375 16.92 29.70 32.87
N PRO A 376 16.31 30.46 33.79
CA PRO A 376 16.70 31.82 34.19
C PRO A 376 17.89 31.82 35.15
N THR A 377 18.22 30.67 35.73
CA THR A 377 19.33 30.51 36.65
C THR A 377 20.08 29.24 36.29
N PRO A 378 21.34 29.13 36.72
CA PRO A 378 22.09 27.89 36.47
C PRO A 378 21.56 26.66 37.19
N SER A 379 20.43 26.77 37.91
CA SER A 379 19.81 25.63 38.57
C SER A 379 18.63 25.08 37.77
N ARG A 380 18.51 25.46 36.49
CA ARG A 380 17.34 25.08 35.72
C ARG A 380 17.23 23.57 35.55
N TYR A 381 18.34 22.90 35.28
CA TYR A 381 18.31 21.44 35.12
C TYR A 381 17.78 20.76 36.38
N TRP A 382 18.28 21.16 37.54
CA TRP A 382 17.91 20.53 38.79
C TRP A 382 16.52 20.95 39.25
N ASP A 383 16.14 22.20 38.98
CA ASP A 383 14.76 22.62 39.24
C ASP A 383 13.79 21.79 38.40
N PHE A 384 14.12 21.56 37.13
CA PHE A 384 13.27 20.75 36.26
C PHE A 384 13.21 19.31 36.75
N VAL A 385 14.36 18.74 37.14
CA VAL A 385 14.38 17.36 37.63
C VAL A 385 13.56 17.21 38.89
N ASP A 386 13.67 18.17 39.82
CA ASP A 386 12.87 18.11 41.03
C ASP A 386 11.39 18.31 40.75
N LYS A 387 11.06 19.22 39.83
CA LYS A 387 9.66 19.54 39.55
C LYS A 387 8.95 18.36 38.89
N TRP A 388 9.59 17.74 37.91
CA TRP A 388 8.95 16.67 37.16
C TRP A 388 9.37 15.27 37.60
N LYS A 389 10.27 15.17 38.59
CA LYS A 389 10.74 13.89 39.11
C LYS A 389 11.29 13.02 37.99
N ALA A 390 12.23 13.58 37.24
CA ALA A 390 12.87 12.84 36.16
C ALA A 390 13.65 11.65 36.70
N THR A 391 13.46 10.50 36.06
CA THR A 391 14.15 9.29 36.47
C THR A 391 15.51 9.13 35.78
N GLN A 392 15.68 9.71 34.60
CA GLN A 392 16.95 9.70 33.89
C GLN A 392 17.23 11.09 33.38
N LEU A 393 18.52 11.41 33.23
CA LEU A 393 18.96 12.67 32.66
C LEU A 393 20.03 12.37 31.62
N TYR A 394 19.85 12.94 30.42
CA TYR A 394 20.74 12.72 29.28
C TYR A 394 21.15 14.10 28.77
N THR A 395 22.39 14.49 29.06
CA THR A 395 22.91 15.79 28.68
C THR A 395 24.23 15.61 27.94
N ALA A 396 24.79 16.72 27.51
CA ALA A 396 26.09 16.74 26.87
C ALA A 396 27.14 17.24 27.84
N PRO A 397 28.41 16.83 27.68
CA PRO A 397 29.46 17.32 28.59
C PRO A 397 29.62 18.82 28.60
N THR A 398 29.29 19.52 27.50
CA THR A 398 29.43 20.96 27.48
CA THR A 398 29.41 20.96 27.46
C THR A 398 28.49 21.63 28.49
N ALA A 399 27.25 21.15 28.57
CA ALA A 399 26.31 21.71 29.55
C ALA A 399 26.77 21.41 30.98
N ILE A 400 27.29 20.20 31.21
CA ILE A 400 27.80 19.84 32.53
C ILE A 400 28.97 20.75 32.91
N ARG A 401 29.89 20.99 31.97
CA ARG A 401 31.04 21.85 32.26
C ARG A 401 30.59 23.28 32.54
N LEU A 402 29.61 23.77 31.78
CA LEU A 402 29.07 25.10 32.04
C LEU A 402 28.47 25.19 33.43
N LEU A 403 27.67 24.19 33.81
CA LEU A 403 27.04 24.19 35.13
C LEU A 403 28.09 24.09 36.23
N ARG A 404 29.15 23.30 36.02
CA ARG A 404 30.23 23.21 36.99
C ARG A 404 30.93 24.56 37.14
N ARG A 405 31.15 25.26 36.02
CA ARG A 405 31.71 26.60 36.08
C ARG A 405 30.77 27.57 36.80
N MET A 406 29.47 27.32 36.75
CA MET A 406 28.50 28.21 37.37
C MET A 406 28.48 28.10 38.89
N GLY A 407 29.16 27.12 39.48
CA GLY A 407 29.24 27.02 40.91
C GLY A 407 28.34 25.92 41.46
N GLU A 408 28.65 25.50 42.68
CA GLU A 408 27.97 24.39 43.34
C GLU A 408 26.71 24.82 44.08
N ASP A 409 26.47 26.12 44.25
CA ASP A 409 25.32 26.58 45.00
C ASP A 409 24.00 26.33 44.27
N HIS A 410 24.05 26.03 42.97
CA HIS A 410 22.84 25.83 42.19
C HIS A 410 22.37 24.38 42.14
N VAL A 411 23.17 23.44 42.64
CA VAL A 411 22.81 22.02 42.54
C VAL A 411 22.88 21.37 43.92
N LYS A 412 23.64 21.96 44.85
CA LYS A 412 23.90 21.31 46.12
C LYS A 412 22.64 21.14 46.96
N ASN A 413 21.67 22.04 46.82
CA ASN A 413 20.49 22.04 47.67
C ASN A 413 19.28 21.39 47.02
N HIS A 414 19.46 20.73 45.88
CA HIS A 414 18.35 20.11 45.18
C HIS A 414 18.24 18.64 45.58
N ASP A 415 16.99 18.16 45.66
CA ASP A 415 16.70 16.78 46.05
C ASP A 415 17.27 15.79 45.03
N LEU A 416 16.76 15.83 43.80
CA LEU A 416 17.23 15.00 42.69
C LEU A 416 17.15 13.51 42.98
N SER A 417 16.28 13.10 43.90
CA SER A 417 16.25 11.72 44.36
C SER A 417 15.64 10.78 43.32
N SER A 418 14.73 11.28 42.48
CA SER A 418 14.07 10.43 41.49
C SER A 418 15.04 9.96 40.41
N LEU A 419 16.19 10.62 40.29
CA LEU A 419 17.15 10.29 39.26
C LEU A 419 17.79 8.93 39.53
N ARG A 420 18.00 8.15 38.48
CA ARG A 420 18.65 6.86 38.61
C ARG A 420 19.83 6.73 37.66
N VAL A 421 19.72 7.33 36.48
CA VAL A 421 20.73 7.23 35.44
C VAL A 421 21.09 8.62 34.97
N LEU A 422 22.38 8.90 34.85
CA LEU A 422 22.88 10.15 34.31
C LEU A 422 23.64 9.84 33.02
N GLY A 423 23.24 10.50 31.94
CA GLY A 423 23.78 10.22 30.61
C GLY A 423 24.62 11.37 30.09
N SER A 424 25.70 11.02 29.38
CA SER A 424 26.57 11.98 28.72
C SER A 424 26.74 11.57 27.26
N VAL A 425 26.75 12.54 26.37
CA VAL A 425 26.82 12.25 24.94
C VAL A 425 27.38 13.46 24.20
N GLY A 426 28.20 13.20 23.19
CA GLY A 426 28.62 14.24 22.27
C GLY A 426 30.11 14.42 22.14
N GLU A 427 30.82 14.26 23.26
CA GLU A 427 32.25 14.47 23.30
C GLU A 427 32.80 13.72 24.51
N PRO A 428 34.10 13.46 24.56
CA PRO A 428 34.65 12.81 25.76
C PRO A 428 34.54 13.71 26.97
N ILE A 429 33.97 13.16 28.04
CA ILE A 429 33.75 13.90 29.27
C ILE A 429 34.99 13.78 30.15
N ASN A 430 35.52 14.91 30.60
CA ASN A 430 36.73 14.90 31.41
C ASN A 430 36.46 14.20 32.74
N PRO A 431 37.50 13.62 33.35
CA PRO A 431 37.31 13.03 34.68
C PRO A 431 36.75 14.01 35.70
N GLU A 432 37.18 15.27 35.65
CA GLU A 432 36.65 16.26 36.59
C GLU A 432 35.17 16.52 36.34
N ALA A 433 34.79 16.70 35.07
CA ALA A 433 33.38 16.90 34.75
C ALA A 433 32.55 15.67 35.08
N TRP A 434 33.10 14.48 34.82
CA TRP A 434 32.41 13.25 35.18
C TRP A 434 32.18 13.16 36.67
N HIS A 435 33.21 13.51 37.46
CA HIS A 435 33.07 13.44 38.92
C HIS A 435 32.09 14.48 39.43
N TRP A 436 32.09 15.69 38.86
CA TRP A 436 31.10 16.68 39.24
C TRP A 436 29.69 16.19 38.94
N TYR A 437 29.50 15.62 37.74
CA TYR A 437 28.20 15.06 37.36
C TYR A 437 27.76 13.97 38.34
N ASN A 438 28.68 13.08 38.71
CA ASN A 438 28.35 12.00 39.62
C ASN A 438 28.03 12.51 41.03
N ASP A 439 28.83 13.44 41.52
CA ASP A 439 28.74 13.86 42.92
C ASP A 439 27.57 14.81 43.17
N PHE A 440 27.26 15.69 42.22
CA PHE A 440 26.30 16.76 42.47
C PHE A 440 24.95 16.54 41.80
N ALA A 441 24.93 15.97 40.59
CA ALA A 441 23.67 15.70 39.91
C ALA A 441 23.06 14.36 40.30
N GLY A 442 23.89 13.42 40.74
CA GLY A 442 23.38 12.12 41.15
C GLY A 442 23.58 11.86 42.62
N LYS A 443 24.41 12.69 43.26
CA LYS A 443 24.75 12.54 44.68
C LYS A 443 25.34 11.16 44.97
N ASN A 444 26.16 10.66 44.04
CA ASN A 444 26.81 9.35 44.15
C ASN A 444 25.82 8.21 44.28
N GLN A 445 24.59 8.42 43.77
CA GLN A 445 23.54 7.41 43.86
C GLN A 445 22.92 7.10 42.50
N CYS A 446 23.45 7.69 41.43
CA CYS A 446 22.97 7.44 40.08
C CYS A 446 24.08 6.81 39.26
N ALA A 447 23.72 5.88 38.39
CA ALA A 447 24.67 5.32 37.44
C ALA A 447 24.98 6.35 36.36
N ILE A 448 26.26 6.49 36.03
CA ILE A 448 26.71 7.43 35.02
C ILE A 448 27.07 6.65 33.76
N VAL A 449 26.33 6.88 32.68
CA VAL A 449 26.56 6.20 31.41
C VAL A 449 27.19 7.19 30.45
N ASP A 450 28.32 6.81 29.88
CA ASP A 450 29.00 7.57 28.83
C ASP A 450 28.68 6.87 27.53
N THR A 451 27.76 7.44 26.76
CA THR A 451 27.29 6.82 25.54
C THR A 451 28.04 7.40 24.35
N TYR A 452 28.75 6.55 23.62
CA TYR A 452 29.43 6.95 22.40
C TYR A 452 28.65 6.41 21.20
N TRP A 453 28.34 7.30 20.27
CA TRP A 453 27.67 6.96 19.02
C TRP A 453 27.70 8.20 18.13
N MET A 454 27.23 8.06 16.90
CA MET A 454 27.19 9.14 15.93
CA MET A 454 27.18 9.15 15.94
C MET A 454 25.81 9.19 15.28
N THR A 455 25.64 10.15 14.37
CA THR A 455 24.41 10.23 13.59
C THR A 455 24.26 9.01 12.68
N GLU A 456 25.37 8.48 12.18
CA GLU A 456 25.36 7.35 11.26
C GLU A 456 25.12 6.01 11.95
N THR A 457 25.32 5.93 13.27
CA THR A 457 24.98 4.71 13.99
C THR A 457 23.51 4.65 14.41
N GLY A 458 22.81 5.77 14.35
CA GLY A 458 21.40 5.81 14.72
C GLY A 458 21.09 5.78 16.19
N SER A 459 21.63 4.81 16.92
CA SER A 459 21.44 4.68 18.34
C SER A 459 22.79 4.48 19.01
N ILE A 460 22.77 4.33 20.33
CA ILE A 460 23.99 4.25 21.11
C ILE A 460 24.78 2.99 20.75
N SER A 461 26.08 3.16 20.53
CA SER A 461 26.96 2.07 20.11
C SER A 461 27.77 1.49 21.26
N ILE A 462 28.46 2.34 22.02
CA ILE A 462 29.26 1.92 23.16
C ILE A 462 28.81 2.70 24.38
N ALA A 463 28.34 1.98 25.41
CA ALA A 463 27.88 2.58 26.64
C ALA A 463 27.89 1.52 27.72
N PRO A 464 27.97 1.93 28.99
CA PRO A 464 27.79 0.95 30.07
C PRO A 464 26.32 0.65 30.31
N LEU A 465 26.03 -0.61 30.55
CA LEU A 465 24.70 -0.96 31.02
C LEU A 465 24.62 -0.57 32.49
N PRO A 466 23.70 0.32 32.87
CA PRO A 466 23.79 0.93 34.21
C PRO A 466 23.68 -0.06 35.36
N GLY A 467 22.84 -1.08 35.23
CA GLY A 467 22.67 -2.05 36.29
C GLY A 467 23.66 -3.20 36.29
N ALA A 468 24.56 -3.23 35.33
CA ALA A 468 25.49 -4.35 35.21
C ALA A 468 26.95 -3.93 35.17
N ILE A 469 27.27 -2.80 34.54
CA ILE A 469 28.65 -2.45 34.22
C ILE A 469 29.18 -1.48 35.28
N SER A 470 30.35 -1.80 35.83
CA SER A 470 31.07 -0.88 36.69
C SER A 470 31.80 0.15 35.83
N THR A 471 31.50 1.42 36.05
CA THR A 471 31.94 2.47 35.15
C THR A 471 33.31 3.02 35.56
N LYS A 472 33.99 3.60 34.58
CA LYS A 472 35.21 4.37 34.78
C LYS A 472 34.99 5.78 34.24
N PRO A 473 35.49 6.81 34.93
CA PRO A 473 35.27 8.19 34.47
C PRO A 473 35.89 8.43 33.11
N GLY A 474 35.10 9.01 32.20
CA GLY A 474 35.56 9.29 30.86
C GLY A 474 35.75 8.07 29.97
N SER A 475 34.99 7.00 30.20
CA SER A 475 35.11 5.78 29.41
C SER A 475 33.72 5.34 28.96
N ALA A 476 33.51 5.28 27.66
CA ALA A 476 32.40 4.52 27.10
C ALA A 476 32.82 3.06 27.08
N THR A 477 32.23 2.26 27.96
CA THR A 477 32.84 1.00 28.38
C THR A 477 32.74 -0.09 27.30
N PHE A 478 31.52 -0.54 27.00
CA PHE A 478 31.41 -1.75 26.22
C PHE A 478 30.36 -1.59 25.10
N PRO A 479 30.54 -2.31 23.99
CA PRO A 479 29.60 -2.15 22.87
C PRO A 479 28.20 -2.61 23.22
N PHE A 480 27.21 -2.01 22.55
CA PHE A 480 25.82 -2.35 22.76
C PHE A 480 25.45 -3.62 21.99
N PHE A 481 24.22 -4.07 22.21
CA PHE A 481 23.68 -5.22 21.49
C PHE A 481 23.73 -5.00 19.99
N GLY A 482 24.26 -5.99 19.29
CA GLY A 482 24.45 -5.91 17.86
C GLY A 482 25.68 -5.15 17.42
N MET A 483 26.44 -4.59 18.35
CA MET A 483 27.65 -3.85 18.04
C MET A 483 28.85 -4.73 18.31
N ASP A 484 29.61 -5.02 17.26
CA ASP A 484 30.85 -5.80 17.34
C ASP A 484 31.97 -4.88 16.88
N VAL A 485 32.50 -4.11 17.80
CA VAL A 485 33.53 -3.12 17.46
C VAL A 485 34.91 -3.72 17.66
N ASP A 486 35.89 -3.14 16.98
CA ASP A 486 37.27 -3.54 17.11
C ASP A 486 38.16 -2.32 16.86
N ILE A 487 39.44 -2.49 17.11
CA ILE A 487 40.44 -1.45 16.93
C ILE A 487 41.37 -1.88 15.80
N ILE A 488 41.47 -1.03 14.78
CA ILE A 488 42.35 -1.26 13.64
C ILE A 488 43.54 -0.32 13.76
N ASP A 489 44.74 -0.84 13.53
CA ASP A 489 45.91 0.02 13.49
C ASP A 489 45.92 0.76 12.16
N PRO A 490 45.81 2.09 12.16
CA PRO A 490 45.75 2.82 10.87
C PRO A 490 47.02 2.69 10.05
N GLN A 491 48.17 2.46 10.67
CA GLN A 491 49.41 2.32 9.91
C GLN A 491 49.39 1.09 9.02
N THR A 492 48.85 -0.03 9.52
CA THR A 492 48.83 -1.28 8.77
C THR A 492 47.43 -1.68 8.31
N GLY A 493 46.38 -1.15 8.91
CA GLY A 493 45.03 -1.50 8.54
C GLY A 493 44.54 -2.81 9.12
N GLN A 494 45.33 -3.46 9.98
CA GLN A 494 44.96 -4.73 10.57
C GLN A 494 44.35 -4.53 11.95
N VAL A 495 43.44 -5.45 12.30
CA VAL A 495 42.77 -5.40 13.60
C VAL A 495 43.77 -5.75 14.69
N LEU A 496 43.86 -4.90 15.70
CA LEU A 496 44.73 -5.14 16.86
C LEU A 496 43.98 -6.02 17.85
N GLU A 497 44.45 -7.25 18.02
CA GLU A 497 43.82 -8.20 18.92
C GLU A 497 44.25 -7.93 20.36
N GLY A 498 43.49 -8.50 21.28
CA GLY A 498 43.80 -8.39 22.69
C GLY A 498 43.39 -7.05 23.29
N ASN A 499 43.90 -6.80 24.48
CA ASN A 499 43.62 -5.60 25.24
C ASN A 499 44.85 -4.70 25.29
N ASP A 500 44.63 -3.47 25.77
CA ASP A 500 45.66 -2.44 25.86
C ASP A 500 46.25 -2.14 24.48
N VAL A 501 45.37 -1.70 23.58
CA VAL A 501 45.74 -1.33 22.22
C VAL A 501 45.09 0.00 21.88
N GLU A 502 45.66 0.68 20.89
CA GLU A 502 45.15 1.96 20.44
CA GLU A 502 45.14 1.95 20.44
C GLU A 502 45.14 1.99 18.92
N GLY A 503 44.16 2.71 18.36
CA GLY A 503 44.04 2.82 16.92
C GLY A 503 42.76 3.52 16.51
N VAL A 504 42.10 3.04 15.46
CA VAL A 504 40.83 3.62 15.01
C VAL A 504 39.73 2.61 15.27
N LEU A 505 38.56 3.12 15.65
CA LEU A 505 37.42 2.28 15.97
C LEU A 505 36.69 1.88 14.69
N VAL A 506 36.44 0.58 14.54
CA VAL A 506 35.69 0.05 13.40
C VAL A 506 34.60 -0.87 13.93
N ALA A 507 33.57 -1.06 13.11
CA ALA A 507 32.50 -2.02 13.38
C ALA A 507 32.61 -3.16 12.39
N ARG A 508 32.57 -4.39 12.88
CA ARG A 508 32.73 -5.56 12.03
CA ARG A 508 32.73 -5.56 12.03
C ARG A 508 31.49 -5.83 11.19
N ARG A 509 30.30 -5.75 11.79
CA ARG A 509 29.08 -6.12 11.09
C ARG A 509 28.04 -5.02 11.18
N PRO A 510 27.13 -4.95 10.21
CA PRO A 510 26.04 -3.96 10.30
C PRO A 510 25.12 -4.26 11.46
N TRP A 511 24.55 -3.19 12.00
CA TRP A 511 23.57 -3.25 13.08
C TRP A 511 22.27 -2.64 12.59
N PRO A 512 21.14 -2.93 13.26
CA PRO A 512 19.85 -2.50 12.71
C PRO A 512 19.72 -1.01 12.45
N SER A 513 20.26 -0.17 13.33
CA SER A 513 20.02 1.27 13.27
C SER A 513 21.10 2.03 12.52
N ILE A 514 22.00 1.33 11.81
CA ILE A 514 23.03 2.01 11.05
C ILE A 514 22.39 2.83 9.93
N ALA A 515 23.05 3.95 9.58
CA ALA A 515 22.62 4.74 8.45
C ALA A 515 22.72 3.92 7.16
N ARG A 516 21.71 4.08 6.31
CA ARG A 516 21.64 3.30 5.07
C ARG A 516 22.33 3.98 3.90
N THR A 517 22.39 5.30 3.90
CA THR A 517 22.96 6.04 2.78
C THR A 517 23.12 7.49 3.20
N VAL A 518 23.72 8.27 2.31
CA VAL A 518 23.67 9.73 2.35
C VAL A 518 22.77 10.16 1.21
N TYR A 519 21.79 11.02 1.50
CA TYR A 519 20.72 11.34 0.56
C TYR A 519 21.24 11.76 -0.80
N ARG A 520 20.96 10.96 -1.82
CA ARG A 520 21.41 11.16 -3.20
C ARG A 520 22.92 11.28 -3.32
N ASP A 521 23.65 10.79 -2.32
CA ASP A 521 25.11 10.81 -2.34
C ASP A 521 25.66 9.50 -1.78
N HIS A 522 25.16 8.37 -2.29
CA HIS A 522 25.58 7.07 -1.77
C HIS A 522 27.08 6.84 -1.97
N LYS A 523 27.66 7.43 -3.01
CA LYS A 523 29.10 7.31 -3.21
C LYS A 523 29.86 7.96 -2.06
N ARG A 524 29.39 9.12 -1.59
CA ARG A 524 30.01 9.77 -0.44
C ARG A 524 29.85 8.92 0.81
N TYR A 525 28.69 8.29 0.97
CA TYR A 525 28.45 7.40 2.09
C TYR A 525 29.45 6.25 2.11
N LEU A 526 29.63 5.59 0.96
CA LEU A 526 30.58 4.49 0.88
C LEU A 526 32.01 4.98 1.10
N GLU A 527 32.37 6.11 0.51
CA GLU A 527 33.73 6.62 0.64
C GLU A 527 34.04 7.00 2.09
N THR A 528 33.09 7.61 2.78
CA THR A 528 33.34 8.06 4.14
C THR A 528 33.37 6.89 5.12
N TYR A 529 32.42 5.95 5.02
CA TYR A 529 32.25 4.98 6.08
C TYR A 529 32.74 3.57 5.76
N MET A 530 32.92 3.23 4.48
CA MET A 530 33.19 1.84 4.13
C MET A 530 34.42 1.62 3.27
N LYS A 531 34.91 2.62 2.56
CA LYS A 531 36.10 2.46 1.75
C LYS A 531 37.41 2.49 2.54
N PRO A 532 37.56 3.31 3.61
CA PRO A 532 38.86 3.36 4.30
C PRO A 532 39.35 2.02 4.81
N TYR A 533 38.46 1.17 5.31
CA TYR A 533 38.82 -0.17 5.78
C TYR A 533 37.78 -1.15 5.29
N PRO A 534 38.02 -1.78 4.14
CA PRO A 534 37.02 -2.69 3.57
C PRO A 534 36.70 -3.83 4.53
N GLY A 535 35.41 -4.18 4.60
CA GLY A 535 34.92 -5.14 5.55
C GLY A 535 34.49 -4.56 6.88
N TYR A 536 34.69 -3.27 7.10
CA TYR A 536 34.41 -2.65 8.39
C TYR A 536 33.68 -1.34 8.18
N PHE A 537 32.99 -0.90 9.23
CA PHE A 537 32.40 0.43 9.28
C PHE A 537 33.36 1.36 10.01
N PHE A 538 33.76 2.43 9.35
CA PHE A 538 34.71 3.40 9.89
C PHE A 538 33.94 4.47 10.66
N PHE A 539 34.15 4.54 11.97
CA PHE A 539 33.56 5.60 12.77
C PHE A 539 34.27 6.93 12.56
N GLY A 540 35.56 6.89 12.21
CA GLY A 540 36.35 8.09 12.14
C GLY A 540 36.91 8.56 13.47
N ASP A 541 36.73 7.80 14.53
CA ASP A 541 37.17 8.15 15.87
C ASP A 541 38.32 7.26 16.28
N GLY A 542 39.45 7.87 16.61
CA GLY A 542 40.49 7.15 17.31
C GLY A 542 40.02 6.70 18.67
N ALA A 543 40.44 5.49 19.05
CA ALA A 543 39.98 4.85 20.27
C ALA A 543 41.04 3.90 20.80
N ALA A 544 40.98 3.64 22.10
CA ALA A 544 41.86 2.70 22.77
C ALA A 544 41.05 1.77 23.64
N ARG A 545 41.53 0.53 23.78
CA ARG A 545 40.96 -0.45 24.69
C ARG A 545 42.01 -0.77 25.73
N ASP A 546 41.64 -0.66 27.00
CA ASP A 546 42.60 -0.85 28.09
C ASP A 546 42.71 -2.33 28.45
N TYR A 547 43.47 -2.60 29.51
CA TYR A 547 43.74 -3.98 29.93
C TYR A 547 42.48 -4.69 30.39
N ASP A 548 41.46 -3.97 30.86
CA ASP A 548 40.22 -4.57 31.32
C ASP A 548 39.21 -4.77 30.20
N GLY A 549 39.55 -4.37 28.98
CA GLY A 549 38.61 -4.41 27.87
C GLY A 549 37.74 -3.18 27.73
N TYR A 550 37.88 -2.20 28.61
CA TYR A 550 37.09 -0.98 28.50
C TYR A 550 37.56 -0.15 27.31
N MET A 551 36.61 0.49 26.63
CA MET A 551 36.92 1.31 25.47
CA MET A 551 36.90 1.31 25.47
C MET A 551 37.10 2.76 25.89
N TRP A 552 38.08 3.42 25.29
CA TRP A 552 38.36 4.83 25.54
C TRP A 552 38.40 5.54 24.18
N ILE A 553 37.46 6.45 23.96
CA ILE A 553 37.33 7.14 22.69
C ILE A 553 38.20 8.39 22.70
N LYS A 554 39.23 8.40 21.86
CA LYS A 554 40.01 9.61 21.67
C LYS A 554 39.25 10.65 20.88
N GLY A 555 38.56 10.24 19.82
CA GLY A 555 37.76 11.14 19.02
C GLY A 555 38.37 11.36 17.64
N ARG A 556 37.82 12.34 16.94
CA ARG A 556 38.20 12.63 15.55
C ARG A 556 39.71 12.77 15.38
N ASP B 39 -53.22 0.63 20.02
CA ASP B 39 -52.44 1.22 18.95
C ASP B 39 -51.04 0.61 18.90
N LEU B 40 -50.98 -0.70 19.12
CA LEU B 40 -49.73 -1.46 19.12
C LEU B 40 -49.83 -2.57 18.08
N PHE B 41 -48.76 -2.75 17.31
CA PHE B 41 -48.77 -3.69 16.19
C PHE B 41 -47.62 -4.69 16.36
N ALA B 42 -47.97 -5.91 16.77
CA ALA B 42 -46.99 -6.96 16.92
C ALA B 42 -46.46 -7.39 15.55
N PRO B 43 -45.28 -7.99 15.51
CA PRO B 43 -44.74 -8.48 14.23
C PRO B 43 -45.73 -9.39 13.53
N PRO B 44 -45.96 -9.19 12.24
CA PRO B 44 -46.95 -9.97 11.52
C PRO B 44 -46.47 -11.40 11.30
N PRO B 45 -47.37 -12.31 10.90
CA PRO B 45 -46.93 -13.69 10.64
C PRO B 45 -45.84 -13.80 9.59
N ARG B 46 -45.82 -12.90 8.60
CA ARG B 46 -44.71 -12.88 7.64
C ARG B 46 -43.38 -12.59 8.31
N MET B 47 -43.39 -11.92 9.46
CA MET B 47 -42.19 -11.67 10.23
C MET B 47 -42.02 -12.66 11.38
N GLN B 48 -42.84 -13.71 11.42
CA GLN B 48 -42.72 -14.76 12.43
C GLN B 48 -42.16 -16.05 11.87
N GLY B 49 -41.63 -16.02 10.65
CA GLY B 49 -41.11 -17.22 10.02
C GLY B 49 -42.17 -18.15 9.45
N LYS B 50 -43.42 -17.71 9.38
CA LYS B 50 -44.51 -18.52 8.89
C LYS B 50 -44.77 -18.23 7.42
N GLU B 51 -45.65 -19.03 6.81
CA GLU B 51 -46.04 -18.89 5.42
C GLU B 51 -44.85 -19.02 4.48
N GLY B 52 -43.85 -19.81 4.88
CA GLY B 52 -42.65 -19.99 4.10
C GLY B 52 -41.67 -18.84 4.16
N ARG B 53 -41.96 -17.80 4.95
CA ARG B 53 -41.08 -16.66 5.05
C ARG B 53 -39.88 -16.99 5.94
N PRO B 54 -38.74 -16.35 5.69
CA PRO B 54 -37.56 -16.59 6.54
C PRO B 54 -37.82 -16.16 7.97
N LYS B 55 -37.24 -16.90 8.91
CA LYS B 55 -37.33 -16.52 10.30
C LYS B 55 -36.53 -15.24 10.55
N PRO B 56 -37.02 -14.34 11.40
CA PRO B 56 -36.30 -13.09 11.67
C PRO B 56 -34.97 -13.35 12.35
N HIS B 57 -34.00 -12.47 12.09
CA HIS B 57 -32.69 -12.56 12.73
C HIS B 57 -32.81 -12.34 14.23
N ILE B 58 -33.62 -11.36 14.64
CA ILE B 58 -33.85 -11.05 16.05
C ILE B 58 -35.34 -11.11 16.31
N GLY B 59 -35.74 -11.88 17.32
CA GLY B 59 -37.12 -12.01 17.70
C GLY B 59 -37.32 -13.04 18.79
N PRO B 60 -38.59 -13.31 19.13
CA PRO B 60 -39.80 -12.74 18.55
C PRO B 60 -40.34 -11.51 19.28
N ASN B 61 -39.74 -11.10 20.39
CA ASN B 61 -40.33 -10.06 21.21
C ASN B 61 -39.25 -9.06 21.61
N TYR B 62 -39.63 -8.11 22.47
CA TYR B 62 -38.76 -7.01 22.86
C TYR B 62 -37.59 -7.50 23.72
N GLU B 63 -37.78 -8.59 24.46
CA GLU B 63 -36.72 -9.12 25.31
C GLU B 63 -35.51 -9.57 24.49
N SER B 64 -35.76 -10.19 23.34
CA SER B 64 -34.66 -10.61 22.48
C SER B 64 -33.89 -9.41 21.94
N TYR B 65 -34.60 -8.36 21.55
CA TYR B 65 -33.93 -7.14 21.11
C TYR B 65 -33.06 -6.56 22.23
N VAL B 66 -33.60 -6.53 23.45
CA VAL B 66 -32.83 -6.00 24.58
C VAL B 66 -31.60 -6.86 24.82
N LYS B 67 -31.75 -8.19 24.77
CA LYS B 67 -30.63 -9.08 25.01
C LYS B 67 -29.52 -8.85 23.99
N GLU B 68 -29.87 -8.72 22.72
CA GLU B 68 -28.84 -8.50 21.71
C GLU B 68 -28.27 -7.09 21.78
N TRP B 69 -29.10 -6.09 22.11
CA TRP B 69 -28.64 -4.71 22.11
C TRP B 69 -27.74 -4.41 23.31
N ALA B 70 -27.92 -5.13 24.42
CA ALA B 70 -27.04 -4.92 25.56
C ALA B 70 -25.59 -5.28 25.23
N LYS B 71 -25.39 -6.23 24.31
CA LYS B 71 -24.04 -6.62 23.92
C LYS B 71 -23.37 -5.59 23.02
N THR B 72 -24.13 -4.69 22.40
CA THR B 72 -23.60 -3.77 21.41
C THR B 72 -23.21 -2.42 21.99
N VAL B 73 -23.50 -2.17 23.26
CA VAL B 73 -23.20 -0.90 23.90
C VAL B 73 -22.53 -1.18 25.23
N GLY B 74 -21.87 -0.16 25.77
CA GLY B 74 -21.22 -0.26 27.05
C GLY B 74 -19.75 -0.62 26.94
N PRO B 75 -19.07 -0.70 28.09
CA PRO B 75 -17.62 -0.99 28.07
C PRO B 75 -17.27 -2.40 27.65
N ASN B 76 -18.23 -3.34 27.66
CA ASN B 76 -17.95 -4.72 27.31
C ASN B 76 -18.43 -5.08 25.91
N SER B 77 -18.71 -4.08 25.08
CA SER B 77 -19.26 -4.30 23.76
C SER B 77 -18.22 -4.47 22.67
N ASP B 78 -16.92 -4.39 23.01
CA ASP B 78 -15.88 -4.52 22.00
C ASP B 78 -15.88 -5.91 21.37
N GLU B 79 -16.13 -6.94 22.18
CA GLU B 79 -16.10 -8.31 21.67
C GLU B 79 -17.18 -8.53 20.60
N TRP B 80 -18.39 -8.03 20.88
CA TRP B 80 -19.47 -8.17 19.92
C TRP B 80 -19.15 -7.46 18.61
N TRP B 81 -18.59 -6.25 18.70
CA TRP B 81 -18.31 -5.48 17.49
C TRP B 81 -17.17 -6.09 16.71
N ALA B 82 -16.14 -6.60 17.40
CA ALA B 82 -15.05 -7.29 16.71
C ALA B 82 -15.56 -8.53 15.98
N ALA B 83 -16.40 -9.32 16.66
CA ALA B 83 -16.94 -10.53 16.02
C ALA B 83 -17.81 -10.17 14.83
N LYS B 84 -18.64 -9.13 14.94
CA LYS B 84 -19.49 -8.72 13.84
C LYS B 84 -18.68 -8.17 12.68
N ALA B 85 -17.63 -7.40 12.96
CA ALA B 85 -16.80 -6.86 11.90
C ALA B 85 -16.07 -7.97 11.15
N ARG B 86 -15.61 -9.00 11.87
CA ARG B 86 -14.94 -10.10 11.19
C ARG B 86 -15.92 -11.03 10.47
N GLU B 87 -17.16 -11.13 10.96
CA GLU B 87 -18.14 -11.99 10.31
C GLU B 87 -18.75 -11.35 9.08
N THR B 88 -18.96 -10.03 9.11
CA THR B 88 -19.72 -9.33 8.08
C THR B 88 -18.85 -8.87 6.92
N LEU B 89 -17.67 -8.35 7.19
CA LEU B 89 -16.83 -7.77 6.16
C LEU B 89 -15.62 -8.65 5.90
N ASP B 90 -15.15 -8.63 4.66
CA ASP B 90 -13.94 -9.31 4.26
CA ASP B 90 -13.93 -9.31 4.27
C ASP B 90 -12.76 -8.35 4.37
N TRP B 91 -11.75 -8.74 5.12
CA TRP B 91 -10.61 -7.89 5.42
C TRP B 91 -9.37 -8.39 4.67
N TYR B 92 -8.63 -7.45 4.08
CA TYR B 92 -7.32 -7.79 3.56
C TYR B 92 -6.32 -8.01 4.69
N ASP B 93 -6.35 -7.13 5.69
CA ASP B 93 -5.58 -7.29 6.91
C ASP B 93 -6.52 -7.18 8.09
N ASP B 94 -6.23 -7.94 9.14
CA ASP B 94 -7.05 -7.91 10.34
C ASP B 94 -6.76 -6.67 11.16
N PHE B 95 -7.76 -6.23 11.90
CA PHE B 95 -7.59 -5.13 12.84
C PHE B 95 -7.22 -5.67 14.22
N LYS B 96 -6.64 -4.80 15.04
CA LYS B 96 -6.30 -5.11 16.42
CA LYS B 96 -6.31 -5.12 16.42
C LYS B 96 -7.17 -4.36 17.41
N THR B 97 -7.27 -3.04 17.27
CA THR B 97 -8.09 -2.21 18.13
C THR B 97 -9.51 -2.14 17.57
N VAL B 98 -10.50 -2.25 18.44
CA VAL B 98 -11.88 -2.18 17.98
C VAL B 98 -12.31 -0.73 17.79
N ARG B 99 -12.11 0.10 18.81
CA ARG B 99 -12.56 1.49 18.76
C ARG B 99 -11.62 2.37 19.55
N ALA B 100 -11.61 3.65 19.19
CA ALA B 100 -10.85 4.67 19.91
C ALA B 100 -11.39 6.03 19.50
N GLY B 101 -10.92 7.06 20.19
CA GLY B 101 -11.35 8.40 19.91
C GLY B 101 -12.67 8.72 20.60
N GLY B 102 -13.20 9.89 20.27
CA GLY B 102 -14.41 10.34 20.91
C GLY B 102 -15.00 11.54 20.23
N PHE B 103 -16.00 12.11 20.90
CA PHE B 103 -16.72 13.28 20.36
C PHE B 103 -15.93 14.57 20.52
N GLU B 104 -15.13 14.69 21.59
CA GLU B 104 -14.59 15.99 21.97
C GLU B 104 -13.69 16.57 20.87
N HIS B 105 -12.84 15.75 20.28
CA HIS B 105 -11.89 16.23 19.30
C HIS B 105 -12.17 15.72 17.88
N GLY B 106 -13.16 14.86 17.71
CA GLY B 106 -13.42 14.29 16.40
C GLY B 106 -12.32 13.36 15.91
N ASP B 107 -11.82 12.48 16.77
CA ASP B 107 -10.81 11.50 16.41
C ASP B 107 -11.38 10.09 16.49
N VAL B 108 -12.63 9.92 16.09
CA VAL B 108 -13.31 8.63 16.20
C VAL B 108 -12.65 7.62 15.28
N GLN B 109 -12.31 6.45 15.82
CA GLN B 109 -11.67 5.38 15.09
C GLN B 109 -12.38 4.07 15.33
N TRP B 110 -12.52 3.28 14.28
CA TRP B 110 -13.06 1.93 14.39
C TRP B 110 -12.19 1.00 13.57
N PHE B 111 -11.70 -0.06 14.20
CA PHE B 111 -10.88 -1.08 13.57
C PHE B 111 -9.68 -0.50 12.80
N PRO B 112 -8.92 0.42 13.41
CA PRO B 112 -7.97 1.23 12.63
C PRO B 112 -6.90 0.43 11.90
N GLU B 113 -6.39 -0.66 12.47
CA GLU B 113 -5.31 -1.41 11.85
C GLU B 113 -5.77 -2.31 10.71
N GLY B 114 -7.08 -2.49 10.53
CA GLY B 114 -7.55 -3.34 9.46
C GLY B 114 -7.54 -2.63 8.11
N THR B 115 -7.32 -3.43 7.06
CA THR B 115 -7.43 -2.95 5.69
C THR B 115 -8.47 -3.76 4.96
N LEU B 116 -9.24 -3.08 4.10
CA LEU B 116 -10.36 -3.68 3.40
C LEU B 116 -10.65 -2.82 2.17
N ASN B 117 -11.63 -3.25 1.39
CA ASN B 117 -12.10 -2.46 0.26
C ASN B 117 -13.61 -2.55 0.22
N ALA B 118 -14.27 -1.39 0.04
CA ALA B 118 -15.72 -1.38 -0.03
C ALA B 118 -16.22 -2.06 -1.30
N ALA B 119 -15.54 -1.86 -2.43
CA ALA B 119 -15.96 -2.51 -3.67
C ALA B 119 -15.74 -4.01 -3.62
N TYR B 120 -14.69 -4.46 -2.95
CA TYR B 120 -14.52 -5.90 -2.76
C TYR B 120 -15.66 -6.49 -1.95
N ASN B 121 -16.08 -5.81 -0.89
CA ASN B 121 -17.12 -6.32 -0.03
C ASN B 121 -18.51 -6.19 -0.64
N CYS B 122 -18.69 -5.27 -1.58
CA CYS B 122 -19.98 -5.09 -2.23
C CYS B 122 -20.08 -5.82 -3.56
N LEU B 123 -18.96 -6.07 -4.24
CA LEU B 123 -18.99 -6.71 -5.55
C LEU B 123 -18.23 -8.03 -5.58
N ASP B 124 -16.93 -8.03 -5.26
CA ASP B 124 -16.06 -9.12 -5.68
C ASP B 124 -16.40 -10.43 -4.98
N ARG B 125 -16.63 -10.40 -3.67
CA ARG B 125 -16.88 -11.64 -2.95
C ARG B 125 -18.19 -12.27 -3.37
N HIS B 126 -19.22 -11.45 -3.60
CA HIS B 126 -20.49 -11.98 -4.07
C HIS B 126 -20.41 -12.45 -5.51
N TYR B 127 -19.58 -11.79 -6.32
CA TYR B 127 -19.33 -12.27 -7.68
C TYR B 127 -18.59 -13.60 -7.67
N TYR B 128 -17.65 -13.77 -6.75
CA TYR B 128 -16.95 -15.04 -6.61
C TYR B 128 -17.89 -16.15 -6.15
N LYS B 129 -18.81 -15.83 -5.24
CA LYS B 129 -19.76 -16.84 -4.76
C LYS B 129 -20.78 -17.18 -5.84
N ASN B 130 -21.38 -16.17 -6.47
CA ASN B 130 -22.43 -16.39 -7.47
C ASN B 130 -22.43 -15.22 -8.45
N PRO B 131 -21.71 -15.35 -9.56
CA PRO B 131 -21.66 -14.23 -10.52
C PRO B 131 -22.99 -13.89 -11.18
N LYS B 132 -23.86 -14.88 -11.37
CA LYS B 132 -25.10 -14.66 -12.12
C LYS B 132 -26.23 -14.09 -11.26
N LYS B 133 -26.03 -13.98 -9.94
CA LYS B 133 -27.05 -13.39 -9.09
C LYS B 133 -27.26 -11.93 -9.45
N THR B 134 -28.52 -11.49 -9.38
CA THR B 134 -28.86 -10.12 -9.70
C THR B 134 -28.41 -9.19 -8.57
N ALA B 135 -27.50 -8.28 -8.87
CA ALA B 135 -27.13 -7.26 -7.90
C ALA B 135 -28.13 -6.12 -7.89
N ILE B 136 -28.51 -5.64 -9.08
CA ILE B 136 -29.39 -4.49 -9.22
C ILE B 136 -30.56 -4.86 -10.11
N ILE B 137 -31.77 -4.61 -9.62
CA ILE B 137 -32.95 -4.53 -10.46
C ILE B 137 -33.08 -3.06 -10.86
N TYR B 138 -32.84 -2.78 -12.13
CA TYR B 138 -32.87 -1.41 -12.63
C TYR B 138 -34.25 -1.16 -13.23
N GLU B 139 -35.07 -0.41 -12.51
CA GLU B 139 -36.39 0.00 -12.99
C GLU B 139 -36.23 1.33 -13.70
N ALA B 140 -36.21 1.29 -15.03
CA ALA B 140 -36.04 2.49 -15.82
C ALA B 140 -37.28 3.37 -15.76
N ASP B 141 -37.13 4.61 -16.22
CA ASP B 141 -38.26 5.53 -16.27
C ASP B 141 -39.40 4.94 -17.08
N GLU B 142 -39.08 4.34 -18.23
CA GLU B 142 -40.06 3.58 -18.98
C GLU B 142 -40.05 2.14 -18.49
N PRO B 143 -41.19 1.59 -18.03
CA PRO B 143 -41.18 0.24 -17.45
C PRO B 143 -40.71 -0.84 -18.41
N SER B 144 -40.87 -0.64 -19.72
CA SER B 144 -40.43 -1.65 -20.67
C SER B 144 -38.91 -1.72 -20.77
N GLU B 145 -38.19 -0.69 -20.33
CA GLU B 145 -36.74 -0.63 -20.39
C GLU B 145 -36.07 -1.17 -19.13
N SER B 146 -36.84 -1.65 -18.17
CA SER B 146 -36.27 -2.18 -16.94
C SER B 146 -35.62 -3.54 -17.19
N ARG B 147 -34.58 -3.84 -16.41
CA ARG B 147 -33.86 -5.10 -16.58
C ARG B 147 -33.07 -5.40 -15.32
N GLU B 148 -32.53 -6.60 -15.25
CA GLU B 148 -31.73 -7.06 -14.13
C GLU B 148 -30.25 -6.98 -14.50
N VAL B 149 -29.45 -6.42 -13.60
CA VAL B 149 -28.00 -6.36 -13.74
C VAL B 149 -27.42 -7.36 -12.75
N SER B 150 -26.63 -8.31 -13.25
CA SER B 150 -26.05 -9.31 -12.38
C SER B 150 -24.85 -8.73 -11.63
N TYR B 151 -24.36 -9.47 -10.65
CA TYR B 151 -23.15 -9.07 -9.95
C TYR B 151 -21.95 -9.07 -10.89
N GLU B 152 -21.93 -9.97 -11.87
CA GLU B 152 -20.85 -10.00 -12.83
C GLU B 152 -20.82 -8.74 -13.68
N GLU B 153 -21.97 -8.36 -14.25
CA GLU B 153 -22.03 -7.17 -15.09
C GLU B 153 -21.69 -5.92 -14.30
N LEU B 154 -22.23 -5.80 -13.08
CA LEU B 154 -21.94 -4.65 -12.24
C LEU B 154 -20.46 -4.59 -11.90
N MET B 155 -19.87 -5.74 -11.57
CA MET B 155 -18.43 -5.75 -11.25
CA MET B 155 -18.44 -5.77 -11.26
C MET B 155 -17.60 -5.35 -12.46
N GLN B 156 -17.95 -5.85 -13.65
CA GLN B 156 -17.20 -5.50 -14.85
C GLN B 156 -17.32 -4.01 -15.18
N GLU B 157 -18.53 -3.45 -15.05
N GLU B 157 -18.53 -3.45 -15.05
CA GLU B 157 -18.71 -2.02 -15.29
CA GLU B 157 -18.71 -2.02 -15.29
C GLU B 157 -17.96 -1.18 -14.26
C GLU B 157 -17.95 -1.19 -14.26
N THR B 158 -17.98 -1.60 -12.99
CA THR B 158 -17.24 -0.89 -11.96
C THR B 158 -15.75 -0.91 -12.24
N CYS B 159 -15.23 -2.07 -12.66
CA CYS B 159 -13.81 -2.19 -12.94
C CYS B 159 -13.41 -1.36 -14.16
N ARG B 160 -14.26 -1.32 -15.18
CA ARG B 160 -13.98 -0.48 -16.34
CA ARG B 160 -13.96 -0.49 -16.33
C ARG B 160 -13.95 0.99 -15.96
N VAL B 161 -14.91 1.44 -15.16
CA VAL B 161 -14.92 2.85 -14.75
C VAL B 161 -13.73 3.15 -13.85
N ALA B 162 -13.35 2.21 -12.98
CA ALA B 162 -12.18 2.40 -12.13
C ALA B 162 -10.90 2.50 -12.95
N ASN B 163 -10.79 1.68 -14.00
CA ASN B 163 -9.63 1.79 -14.89
C ASN B 163 -9.61 3.13 -15.63
N VAL B 164 -10.79 3.61 -16.06
CA VAL B 164 -10.86 4.93 -16.69
C VAL B 164 -10.40 6.01 -15.72
N LEU B 165 -10.86 5.95 -14.48
CA LEU B 165 -10.48 6.94 -13.48
C LEU B 165 -8.98 6.88 -13.19
N LYS B 166 -8.41 5.68 -13.15
CA LYS B 166 -6.97 5.55 -12.96
C LYS B 166 -6.20 6.12 -14.15
N SER B 167 -6.71 5.93 -15.36
CA SER B 167 -6.09 6.55 -16.53
C SER B 167 -6.23 8.06 -16.53
N TYR B 168 -7.22 8.60 -15.83
CA TYR B 168 -7.32 10.04 -15.63
C TYR B 168 -6.35 10.57 -14.58
N GLY B 169 -5.60 9.69 -13.93
CA GLY B 169 -4.69 10.09 -12.89
C GLY B 169 -5.27 10.13 -11.50
N VAL B 170 -6.48 9.61 -11.30
CA VAL B 170 -7.12 9.64 -9.99
C VAL B 170 -6.37 8.70 -9.05
N LYS B 171 -5.96 9.21 -7.91
CA LYS B 171 -5.19 8.47 -6.92
C LYS B 171 -6.03 8.22 -5.69
N LYS B 172 -5.51 7.34 -4.83
CA LYS B 172 -6.16 7.07 -3.55
C LYS B 172 -6.22 8.35 -2.73
N GLY B 173 -7.40 8.65 -2.20
CA GLY B 173 -7.64 9.87 -1.47
C GLY B 173 -8.07 11.05 -2.30
N ASP B 174 -8.15 10.91 -3.61
CA ASP B 174 -8.63 11.98 -4.47
C ASP B 174 -10.16 12.00 -4.51
N ALA B 175 -10.71 13.20 -4.65
CA ALA B 175 -12.14 13.38 -4.74
C ALA B 175 -12.61 13.30 -6.19
N VAL B 176 -13.72 12.59 -6.40
CA VAL B 176 -14.36 12.48 -7.70
C VAL B 176 -15.82 12.88 -7.52
N SER B 177 -16.24 13.92 -8.22
CA SER B 177 -17.65 14.33 -8.15
C SER B 177 -18.49 13.45 -9.07
N ILE B 178 -19.68 13.10 -8.59
CA ILE B 178 -20.61 12.26 -9.32
C ILE B 178 -21.92 13.03 -9.43
N TYR B 179 -22.31 13.40 -10.64
CA TYR B 179 -23.57 14.08 -10.90
C TYR B 179 -24.40 13.17 -11.79
N LEU B 180 -25.08 12.21 -11.17
CA LEU B 180 -25.76 11.20 -11.94
C LEU B 180 -27.21 11.05 -11.51
N PRO B 181 -28.10 10.75 -12.44
CA PRO B 181 -29.48 10.39 -12.07
C PRO B 181 -29.57 8.98 -11.52
N MET B 182 -30.80 8.48 -11.32
CA MET B 182 -31.00 7.18 -10.68
C MET B 182 -30.95 6.04 -11.70
N THR B 183 -29.84 5.96 -12.42
CA THR B 183 -29.54 4.84 -13.29
C THR B 183 -28.62 3.86 -12.54
N TRP B 184 -28.57 2.62 -13.02
CA TRP B 184 -27.81 1.60 -12.30
C TRP B 184 -26.30 1.85 -12.37
N GLN B 185 -25.82 2.40 -13.49
CA GLN B 185 -24.39 2.67 -13.61
C GLN B 185 -23.88 3.61 -12.51
N ALA B 186 -24.74 4.45 -11.95
CA ALA B 186 -24.34 5.28 -10.82
C ALA B 186 -23.72 4.44 -9.73
N ALA B 187 -24.35 3.30 -9.39
CA ALA B 187 -23.77 2.39 -8.43
C ALA B 187 -22.34 2.02 -8.82
N ALA B 188 -22.16 1.57 -10.06
CA ALA B 188 -20.83 1.27 -10.55
C ALA B 188 -19.89 2.44 -10.32
N ALA B 189 -20.33 3.64 -10.71
CA ALA B 189 -19.52 4.83 -10.52
C ALA B 189 -19.08 4.95 -9.06
N PHE B 190 -20.05 4.87 -8.13
CA PHE B 190 -19.72 4.91 -6.71
C PHE B 190 -18.65 3.89 -6.41
N LEU B 191 -18.94 2.63 -6.71
CA LEU B 191 -18.03 1.56 -6.35
C LEU B 191 -16.71 1.71 -7.08
N ALA B 192 -16.74 2.27 -8.30
CA ALA B 192 -15.50 2.49 -9.02
C ALA B 192 -14.55 3.33 -8.18
N CYS B 193 -15.05 4.44 -7.62
CA CYS B 193 -14.22 5.24 -6.74
C CYS B 193 -13.77 4.42 -5.54
N ALA B 194 -14.71 3.72 -4.92
CA ALA B 194 -14.38 2.91 -3.76
C ALA B 194 -13.40 1.81 -4.10
N ARG B 195 -13.31 1.43 -5.38
CA ARG B 195 -12.36 0.40 -5.76
C ARG B 195 -10.93 0.91 -5.79
N ILE B 196 -10.72 2.18 -6.11
CA ILE B 196 -9.38 2.70 -6.30
C ILE B 196 -8.95 3.59 -5.16
N GLY B 197 -9.76 3.69 -4.10
CA GLY B 197 -9.44 4.58 -3.01
C GLY B 197 -9.81 6.02 -3.24
N ALA B 198 -10.52 6.32 -4.32
CA ALA B 198 -11.02 7.67 -4.53
C ALA B 198 -12.19 7.93 -3.59
N ILE B 199 -12.32 9.19 -3.19
CA ILE B 199 -13.45 9.64 -2.37
C ILE B 199 -14.49 10.20 -3.31
N HIS B 200 -15.61 9.50 -3.47
CA HIS B 200 -16.67 9.97 -4.34
C HIS B 200 -17.56 10.96 -3.60
N SER B 201 -18.02 11.97 -4.32
CA SER B 201 -18.88 13.02 -3.78
C SER B 201 -20.09 13.11 -4.70
N ALA B 202 -21.20 12.52 -4.29
CA ALA B 202 -22.40 12.49 -5.11
C ALA B 202 -23.20 13.76 -4.93
N VAL B 203 -23.69 14.30 -6.04
CA VAL B 203 -24.53 15.48 -6.05
C VAL B 203 -25.87 15.10 -6.65
N PHE B 204 -26.95 15.49 -5.98
CA PHE B 204 -28.30 15.21 -6.46
CA PHE B 204 -28.28 15.17 -6.47
C PHE B 204 -28.44 15.65 -7.91
N ALA B 205 -28.92 14.75 -8.76
CA ALA B 205 -29.21 15.13 -10.13
C ALA B 205 -30.41 16.07 -10.15
N GLY B 206 -30.32 17.10 -10.98
CA GLY B 206 -31.33 18.14 -10.99
C GLY B 206 -31.03 19.32 -10.08
N PHE B 207 -29.96 19.24 -9.29
CA PHE B 207 -29.45 20.43 -8.62
C PHE B 207 -29.05 21.46 -9.68
N SER B 208 -29.26 22.73 -9.34
CA SER B 208 -28.91 23.80 -10.27
C SER B 208 -27.41 23.86 -10.50
N ALA B 209 -27.00 24.68 -11.47
CA ALA B 209 -25.59 24.84 -11.76
C ALA B 209 -24.83 25.43 -10.57
N GLU B 210 -25.49 26.27 -9.78
CA GLU B 210 -24.82 26.92 -8.65
C GLU B 210 -24.51 25.91 -7.54
N SER B 211 -25.49 25.07 -7.18
CA SER B 211 -25.27 24.07 -6.14
C SER B 211 -24.20 23.07 -6.56
N LEU B 212 -24.28 22.59 -7.81
CA LEU B 212 -23.27 21.68 -8.32
C LEU B 212 -21.90 22.33 -8.32
N ARG B 213 -21.81 23.60 -8.73
CA ARG B 213 -20.55 24.30 -8.72
C ARG B 213 -19.98 24.41 -7.30
N ASP B 214 -20.83 24.75 -6.34
CA ASP B 214 -20.37 24.90 -4.96
C ASP B 214 -19.81 23.59 -4.43
N ARG B 215 -20.53 22.49 -4.65
CA ARG B 215 -20.07 21.20 -4.15
C ARG B 215 -18.80 20.74 -4.86
N VAL B 216 -18.73 20.94 -6.18
CA VAL B 216 -17.54 20.54 -6.94
C VAL B 216 -16.33 21.35 -6.50
N ASN B 217 -16.49 22.65 -6.31
CA ASN B 217 -15.39 23.50 -5.87
C ASN B 217 -14.94 23.12 -4.46
N ASP B 218 -15.89 22.85 -3.57
CA ASP B 218 -15.51 22.51 -2.20
C ASP B 218 -14.78 21.17 -2.13
N CYS B 219 -15.24 20.17 -2.89
CA CYS B 219 -14.56 18.88 -2.85
C CYS B 219 -13.23 18.90 -3.58
N GLU B 220 -12.97 19.91 -4.41
CA GLU B 220 -11.71 20.09 -5.12
C GLU B 220 -11.41 18.92 -6.06
N CYS B 221 -12.45 18.28 -6.58
CA CYS B 221 -12.28 17.19 -7.52
C CYS B 221 -11.70 17.69 -8.84
N LYS B 222 -10.95 16.80 -9.50
CA LYS B 222 -10.48 17.05 -10.85
C LYS B 222 -11.24 16.25 -11.90
N VAL B 223 -12.11 15.34 -11.47
CA VAL B 223 -12.88 14.48 -12.36
C VAL B 223 -14.34 14.54 -11.94
N LEU B 224 -15.24 14.69 -12.91
CA LEU B 224 -16.67 14.64 -12.68
C LEU B 224 -17.30 13.58 -13.58
N ILE B 225 -18.19 12.80 -13.00
CA ILE B 225 -18.92 11.75 -13.71
C ILE B 225 -20.38 12.17 -13.79
N THR B 226 -20.92 12.27 -15.01
CA THR B 226 -22.27 12.73 -15.22
C THR B 226 -22.86 12.05 -16.45
N THR B 227 -24.10 12.40 -16.76
CA THR B 227 -24.81 11.90 -17.92
C THR B 227 -25.01 13.02 -18.93
N ASP B 228 -25.36 12.63 -20.16
CA ASP B 228 -25.80 13.62 -21.13
C ASP B 228 -27.13 14.23 -20.71
N GLU B 229 -28.10 13.38 -20.39
CA GLU B 229 -29.39 13.80 -19.88
C GLU B 229 -29.91 12.72 -18.95
N GLY B 230 -30.84 13.09 -18.07
CA GLY B 230 -31.52 12.16 -17.20
C GLY B 230 -33.00 12.10 -17.57
N ARG B 231 -33.60 10.94 -17.32
CA ARG B 231 -35.02 10.74 -17.58
CA ARG B 231 -35.02 10.74 -17.58
C ARG B 231 -35.72 10.42 -16.26
N ARG B 232 -36.68 11.26 -15.88
CA ARG B 232 -37.39 11.07 -14.62
C ARG B 232 -38.81 11.58 -14.77
N GLY B 233 -39.78 10.70 -14.51
CA GLY B 233 -41.18 11.05 -14.66
C GLY B 233 -41.55 11.44 -16.08
N GLY B 234 -40.96 10.78 -17.07
CA GLY B 234 -41.17 11.17 -18.45
C GLY B 234 -40.61 12.52 -18.79
N LYS B 235 -39.78 13.10 -17.93
CA LYS B 235 -39.22 14.43 -18.13
C LYS B 235 -37.71 14.34 -18.31
N THR B 236 -37.18 15.29 -19.08
CA THR B 236 -35.75 15.34 -19.37
C THR B 236 -35.07 16.32 -18.42
N ILE B 237 -34.00 15.86 -17.77
CA ILE B 237 -33.11 16.69 -16.99
C ILE B 237 -31.86 16.92 -17.82
N ALA B 238 -31.60 18.18 -18.15
CA ALA B 238 -30.43 18.55 -18.95
C ALA B 238 -29.20 18.57 -18.06
N THR B 239 -28.74 17.37 -17.68
CA THR B 239 -27.62 17.26 -16.75
C THR B 239 -26.33 17.82 -17.35
N LYS B 240 -26.08 17.57 -18.64
CA LYS B 240 -24.83 18.01 -19.24
C LYS B 240 -24.79 19.52 -19.43
N GLN B 241 -25.93 20.14 -19.75
CA GLN B 241 -25.97 21.60 -19.84
C GLN B 241 -25.69 22.24 -18.48
N ILE B 242 -26.30 21.70 -17.43
CA ILE B 242 -26.04 22.19 -16.07
C ILE B 242 -24.58 21.97 -15.72
N VAL B 243 -24.02 20.84 -16.14
CA VAL B 243 -22.61 20.54 -15.87
C VAL B 243 -21.72 21.56 -16.55
N ASP B 244 -22.01 21.91 -17.80
CA ASP B 244 -21.21 22.91 -18.50
C ASP B 244 -21.32 24.28 -17.82
N ALA B 245 -22.54 24.67 -17.45
CA ALA B 245 -22.71 25.95 -16.77
C ALA B 245 -21.95 25.99 -15.45
N ALA B 246 -21.96 24.89 -14.70
CA ALA B 246 -21.26 24.84 -13.42
C ALA B 246 -19.75 24.82 -13.62
N LEU B 247 -19.27 24.02 -14.58
CA LEU B 247 -17.83 23.89 -14.83
C LEU B 247 -17.26 25.17 -15.42
N GLN B 248 -18.10 26.06 -15.93
CA GLN B 248 -17.62 27.39 -16.31
C GLN B 248 -17.02 28.13 -15.12
N GLN B 249 -17.34 27.70 -13.90
CA GLN B 249 -16.81 28.29 -12.68
C GLN B 249 -16.14 27.26 -11.77
N CYS B 250 -15.65 26.15 -12.35
CA CYS B 250 -14.97 25.09 -11.60
C CYS B 250 -13.63 24.81 -12.26
N PRO B 251 -12.61 25.62 -11.96
CA PRO B 251 -11.33 25.49 -12.67
C PRO B 251 -10.62 24.16 -12.47
N LEU B 252 -10.76 23.53 -11.31
CA LEU B 252 -9.94 22.35 -11.00
C LEU B 252 -10.36 21.11 -11.77
N VAL B 253 -11.55 21.10 -12.37
CA VAL B 253 -12.03 19.91 -13.08
C VAL B 253 -11.35 19.84 -14.44
N GLU B 254 -10.67 18.73 -14.69
CA GLU B 254 -9.95 18.52 -15.94
C GLU B 254 -10.57 17.44 -16.81
N ASN B 255 -11.19 16.43 -16.23
CA ASN B 255 -11.79 15.34 -16.97
C ASN B 255 -13.26 15.19 -16.59
N VAL B 256 -14.10 15.03 -17.60
CA VAL B 256 -15.52 14.74 -17.40
C VAL B 256 -15.83 13.44 -18.13
N LEU B 257 -16.41 12.51 -17.40
CA LEU B 257 -16.88 11.25 -17.97
C LEU B 257 -18.40 11.33 -18.10
N VAL B 258 -18.89 11.16 -19.32
CA VAL B 258 -20.30 11.40 -19.63
C VAL B 258 -20.95 10.08 -20.01
N LEU B 259 -21.95 9.67 -19.24
CA LEU B 259 -22.72 8.47 -19.56
C LEU B 259 -23.80 8.81 -20.58
N ARG B 260 -23.89 8.02 -21.64
CA ARG B 260 -24.86 8.24 -22.71
C ARG B 260 -26.18 7.57 -22.31
N ARG B 261 -26.88 8.23 -21.39
CA ARG B 261 -28.13 7.68 -20.87
C ARG B 261 -29.25 7.75 -21.92
N THR B 262 -29.41 8.91 -22.57
CA THR B 262 -30.49 9.10 -23.51
C THR B 262 -30.04 9.07 -24.96
N GLY B 263 -28.80 9.48 -25.24
CA GLY B 263 -28.32 9.53 -26.60
C GLY B 263 -28.65 10.79 -27.37
N ASN B 264 -29.35 11.73 -26.77
CA ASN B 264 -29.63 13.00 -27.43
C ASN B 264 -28.37 13.85 -27.50
N LYS B 265 -28.36 14.78 -28.45
CA LYS B 265 -27.18 15.61 -28.66
C LYS B 265 -26.98 16.55 -27.48
N VAL B 266 -25.77 16.55 -26.94
CA VAL B 266 -25.37 17.47 -25.87
C VAL B 266 -24.01 18.06 -26.26
N PRO B 267 -23.68 19.27 -25.83
CA PRO B 267 -22.34 19.79 -26.09
C PRO B 267 -21.29 18.99 -25.33
N MET B 268 -20.16 18.72 -25.99
CA MET B 268 -19.04 18.02 -25.37
C MET B 268 -17.76 18.79 -25.68
N THR B 269 -17.12 19.29 -24.64
CA THR B 269 -15.87 20.02 -24.81
C THR B 269 -14.76 19.06 -25.19
N GLU B 270 -14.01 19.41 -26.24
CA GLU B 270 -12.90 18.57 -26.68
C GLU B 270 -11.82 18.49 -25.60
N GLY B 271 -11.37 17.29 -25.34
CA GLY B 271 -10.36 17.06 -24.31
C GLY B 271 -10.91 16.85 -22.92
N ARG B 272 -11.75 17.77 -22.45
CA ARG B 272 -12.31 17.66 -21.11
C ARG B 272 -13.37 16.57 -21.02
N ASP B 273 -14.26 16.48 -22.00
CA ASP B 273 -15.39 15.58 -21.97
C ASP B 273 -15.10 14.32 -22.79
N LYS B 274 -15.37 13.16 -22.20
CA LYS B 274 -15.23 11.89 -22.89
C LYS B 274 -16.44 11.02 -22.60
N TRP B 275 -16.87 10.27 -23.60
CA TRP B 275 -18.02 9.39 -23.43
C TRP B 275 -17.65 8.20 -22.56
N TRP B 276 -18.56 7.85 -21.65
CA TRP B 276 -18.34 6.75 -20.71
C TRP B 276 -18.10 5.43 -21.45
N ASP B 277 -18.96 5.14 -22.44
CA ASP B 277 -18.85 3.88 -23.17
C ASP B 277 -17.55 3.80 -23.96
N GLU B 278 -17.16 4.89 -24.61
CA GLU B 278 -15.93 4.88 -25.40
C GLU B 278 -14.70 4.71 -24.51
N GLU B 279 -14.67 5.37 -23.36
CA GLU B 279 -13.55 5.21 -22.45
C GLU B 279 -13.52 3.82 -21.83
N CYS B 280 -14.69 3.27 -21.52
CA CYS B 280 -14.75 1.96 -20.88
C CYS B 280 -14.45 0.84 -21.85
N ALA B 281 -14.72 1.04 -23.15
CA ALA B 281 -14.42 0.01 -24.13
C ALA B 281 -12.91 -0.21 -24.27
N LYS B 282 -12.11 0.81 -23.95
CA LYS B 282 -10.66 0.69 -24.01
C LYS B 282 -10.07 0.02 -22.78
N MET B 283 -10.82 -0.16 -21.76
CA MET B 283 -10.32 -0.63 -20.48
C MET B 283 -10.66 -2.08 -20.26
N PRO B 284 -9.82 -2.80 -19.52
CA PRO B 284 -10.15 -4.19 -19.16
C PRO B 284 -11.31 -4.24 -18.16
N ALA B 285 -12.00 -5.37 -18.19
CA ALA B 285 -13.18 -5.55 -17.35
C ALA B 285 -12.85 -5.95 -15.91
N TYR B 286 -11.57 -5.97 -15.54
CA TYR B 286 -11.18 -6.16 -14.16
C TYR B 286 -10.16 -5.10 -13.77
N CYS B 287 -10.23 -4.70 -12.50
CA CYS B 287 -9.32 -3.75 -11.89
C CYS B 287 -9.00 -4.24 -10.48
N PRO B 288 -7.73 -4.19 -10.07
CA PRO B 288 -7.39 -4.57 -8.70
C PRO B 288 -8.01 -3.63 -7.67
N CYS B 289 -8.31 -4.18 -6.51
CA CYS B 289 -8.84 -3.39 -5.41
C CYS B 289 -7.69 -2.74 -4.63
N GLU B 290 -7.84 -1.46 -4.33
CA GLU B 290 -6.87 -0.76 -3.49
C GLU B 290 -7.14 -1.09 -2.03
N ARG B 291 -6.09 -1.44 -1.30
CA ARG B 291 -6.22 -1.81 0.11
C ARG B 291 -6.30 -0.55 0.95
N MET B 292 -7.49 -0.27 1.48
CA MET B 292 -7.76 0.92 2.26
C MET B 292 -7.69 0.65 3.75
N ALA B 293 -7.14 1.61 4.49
CA ALA B 293 -7.29 1.61 5.93
C ALA B 293 -8.76 1.73 6.28
N SER B 294 -9.10 1.27 7.49
CA SER B 294 -10.48 1.33 7.94
CA SER B 294 -10.48 1.33 7.94
C SER B 294 -10.99 2.77 7.98
N GLU B 295 -10.13 3.70 8.40
CA GLU B 295 -10.49 5.10 8.54
C GLU B 295 -10.17 5.93 7.31
N ASP B 296 -9.84 5.31 6.19
CA ASP B 296 -9.75 6.05 4.94
C ASP B 296 -11.14 6.54 4.56
N PRO B 297 -11.28 7.81 4.18
CA PRO B 297 -12.61 8.34 3.84
C PRO B 297 -13.22 7.62 2.65
N LEU B 298 -14.37 7.00 2.88
CA LEU B 298 -15.08 6.36 1.77
C LEU B 298 -15.74 7.39 0.86
N PHE B 299 -16.43 8.37 1.44
CA PHE B 299 -17.09 9.34 0.57
C PHE B 299 -17.37 10.64 1.31
N ILE B 300 -17.70 11.66 0.51
CA ILE B 300 -18.19 12.95 0.96
C ILE B 300 -19.62 13.09 0.44
N LEU B 301 -20.54 13.44 1.32
CA LEU B 301 -21.91 13.73 0.94
C LEU B 301 -22.26 15.12 1.43
N TYR B 302 -22.60 16.02 0.50
CA TYR B 302 -22.93 17.37 0.89
C TYR B 302 -24.39 17.46 1.30
N THR B 303 -24.65 18.05 2.46
CA THR B 303 -26.01 18.27 2.92
C THR B 303 -26.69 19.31 2.04
N SER B 304 -27.99 19.09 1.79
CA SER B 304 -28.76 20.02 0.98
C SER B 304 -29.23 21.21 1.81
N LYS B 309 -22.75 27.82 2.90
CA LYS B 309 -21.89 26.85 2.23
C LYS B 309 -22.36 25.42 2.52
N PRO B 310 -22.52 24.63 1.46
CA PRO B 310 -22.86 23.21 1.66
C PRO B 310 -21.80 22.50 2.50
N LYS B 311 -22.24 21.62 3.38
CA LYS B 311 -21.39 20.98 4.35
C LYS B 311 -21.18 19.53 3.95
N GLY B 312 -19.91 19.14 3.74
CA GLY B 312 -19.59 17.83 3.24
C GLY B 312 -19.30 16.80 4.31
N VAL B 313 -20.31 16.01 4.66
CA VAL B 313 -20.16 14.96 5.65
C VAL B 313 -19.27 13.86 5.09
N VAL B 314 -18.25 13.47 5.84
CA VAL B 314 -17.27 12.50 5.38
C VAL B 314 -17.50 11.19 6.12
N HIS B 315 -17.54 10.10 5.37
CA HIS B 315 -17.69 8.77 5.95
C HIS B 315 -16.49 7.93 5.56
N SER B 316 -15.93 7.24 6.56
CA SER B 316 -14.80 6.33 6.38
C SER B 316 -15.32 4.99 5.86
N THR B 317 -14.43 4.03 5.71
CA THR B 317 -14.75 2.81 4.96
C THR B 317 -15.34 1.71 5.84
N ALA B 318 -14.57 1.21 6.81
CA ALA B 318 -14.95 -0.02 7.48
C ALA B 318 -16.14 0.19 8.42
N GLY B 319 -16.09 1.25 9.23
CA GLY B 319 -17.16 1.48 10.18
C GLY B 319 -18.49 1.75 9.50
N TYR B 320 -18.47 2.61 8.48
CA TYR B 320 -19.69 2.91 7.74
C TYR B 320 -20.23 1.67 7.03
N LEU B 321 -19.36 0.91 6.39
CA LEU B 321 -19.79 -0.29 5.68
C LEU B 321 -20.40 -1.31 6.65
N LEU B 322 -19.74 -1.51 7.79
CA LEU B 322 -20.28 -2.41 8.80
C LEU B 322 -21.63 -1.92 9.31
N GLY B 323 -21.76 -0.62 9.59
CA GLY B 323 -23.01 -0.10 10.10
C GLY B 323 -24.15 -0.27 9.12
N THR B 324 -23.92 0.09 7.84
CA THR B 324 -25.00 -0.01 6.87
C THR B 324 -25.35 -1.47 6.56
N ALA B 325 -24.34 -2.36 6.51
CA ALA B 325 -24.64 -3.76 6.30
C ALA B 325 -25.46 -4.34 7.47
N LEU B 326 -25.09 -4.00 8.70
CA LEU B 326 -25.82 -4.51 9.85
C LEU B 326 -27.24 -3.95 9.90
N THR B 327 -27.41 -2.67 9.62
CA THR B 327 -28.76 -2.09 9.63
C THR B 327 -29.61 -2.71 8.52
N LEU B 328 -29.03 -2.94 7.35
CA LEU B 328 -29.77 -3.57 6.27
C LEU B 328 -30.19 -4.99 6.65
N LYS B 329 -29.29 -5.73 7.31
CA LYS B 329 -29.60 -7.11 7.66
C LYS B 329 -30.63 -7.20 8.79
N TYR B 330 -30.58 -6.28 9.75
CA TYR B 330 -31.40 -6.41 10.95
C TYR B 330 -32.68 -5.57 10.92
N VAL B 331 -32.56 -4.29 10.57
CA VAL B 331 -33.73 -3.41 10.52
C VAL B 331 -34.73 -3.87 9.47
N PHE B 332 -34.23 -4.43 8.36
CA PHE B 332 -35.09 -4.89 7.28
C PHE B 332 -35.15 -6.40 7.17
N ASP B 333 -34.45 -7.12 8.05
CA ASP B 333 -34.46 -8.58 8.09
C ASP B 333 -34.09 -9.17 6.73
N ALA B 334 -33.05 -8.60 6.12
CA ALA B 334 -32.61 -9.06 4.81
C ALA B 334 -32.05 -10.47 4.90
N HIS B 335 -32.29 -11.24 3.85
CA HIS B 335 -31.85 -12.62 3.72
C HIS B 335 -31.22 -12.80 2.36
N PRO B 336 -30.41 -13.86 2.17
CA PRO B 336 -29.61 -13.94 0.94
C PRO B 336 -30.39 -13.80 -0.36
N ASP B 337 -31.60 -14.34 -0.43
CA ASP B 337 -32.40 -14.30 -1.65
C ASP B 337 -33.33 -13.09 -1.69
N ASP B 338 -33.21 -12.16 -0.74
CA ASP B 338 -34.12 -11.03 -0.68
C ASP B 338 -33.86 -10.03 -1.80
N ARG B 339 -34.90 -9.27 -2.14
N ARG B 339 -34.90 -9.27 -2.14
CA ARG B 339 -34.86 -8.23 -3.16
CA ARG B 339 -34.84 -8.24 -3.17
C ARG B 339 -35.22 -6.90 -2.49
C ARG B 339 -35.21 -6.91 -2.50
N PHE B 340 -34.20 -6.18 -2.03
CA PHE B 340 -34.43 -4.90 -1.39
C PHE B 340 -34.85 -3.84 -2.40
N ALA B 341 -35.83 -3.03 -2.03
CA ALA B 341 -36.37 -1.99 -2.91
C ALA B 341 -36.43 -0.69 -2.12
N CYS B 342 -35.34 0.07 -2.17
CA CYS B 342 -35.30 1.41 -1.61
C CYS B 342 -35.56 2.41 -2.71
N MET B 343 -36.51 3.32 -2.48
CA MET B 343 -36.97 4.23 -3.51
C MET B 343 -36.35 5.62 -3.37
N ALA B 344 -35.30 5.75 -2.57
CA ALA B 344 -34.62 7.02 -2.39
C ALA B 344 -33.75 7.33 -3.60
N ASP B 345 -32.98 8.41 -3.52
CA ASP B 345 -32.08 8.82 -4.58
C ASP B 345 -30.64 8.59 -4.13
N ILE B 346 -29.78 8.20 -5.09
CA ILE B 346 -28.39 7.95 -4.75
C ILE B 346 -27.66 9.22 -4.34
N GLY B 347 -28.21 10.39 -4.64
CA GLY B 347 -27.65 11.64 -4.16
C GLY B 347 -27.90 11.92 -2.70
N TRP B 348 -28.74 11.12 -2.05
CA TRP B 348 -29.10 11.21 -0.64
C TRP B 348 -28.31 10.17 0.15
N ILE B 349 -28.26 10.36 1.46
CA ILE B 349 -27.59 9.40 2.32
C ILE B 349 -28.35 8.07 2.35
N THR B 350 -29.66 8.12 2.19
CA THR B 350 -30.46 6.90 2.08
C THR B 350 -30.06 6.11 0.85
N GLY B 351 -29.85 6.80 -0.27
CA GLY B 351 -29.38 6.12 -1.47
C GLY B 351 -27.97 5.57 -1.31
N HIS B 352 -27.12 6.27 -0.56
CA HIS B 352 -25.78 5.77 -0.28
C HIS B 352 -25.84 4.48 0.52
N SER B 353 -26.64 4.46 1.59
CA SER B 353 -26.60 3.36 2.54
C SER B 353 -27.45 2.17 2.09
N TYR B 354 -28.71 2.41 1.73
CA TYR B 354 -29.65 1.32 1.52
C TYR B 354 -30.11 1.17 0.07
N ILE B 355 -29.41 1.80 -0.86
CA ILE B 355 -29.48 1.42 -2.26
C ILE B 355 -28.19 0.74 -2.73
N ILE B 356 -27.04 1.27 -2.31
CA ILE B 356 -25.75 0.81 -2.82
C ILE B 356 -24.97 0.01 -1.78
N TYR B 357 -24.58 0.65 -0.69
CA TYR B 357 -23.56 0.04 0.16
C TYR B 357 -24.12 -1.08 1.03
N GLY B 358 -25.20 -0.82 1.76
CA GLY B 358 -25.78 -1.81 2.64
C GLY B 358 -26.25 -3.07 1.96
N PRO B 359 -27.09 -2.95 0.92
CA PRO B 359 -27.59 -4.17 0.26
C PRO B 359 -26.51 -4.92 -0.51
N LEU B 360 -25.61 -4.23 -1.20
CA LEU B 360 -24.57 -4.93 -1.96
C LEU B 360 -23.48 -5.50 -1.06
N ALA B 361 -23.26 -4.89 0.11
CA ALA B 361 -22.37 -5.51 1.09
C ALA B 361 -22.94 -6.83 1.59
N ASN B 362 -24.25 -6.89 1.77
CA ASN B 362 -24.93 -8.11 2.16
C ASN B 362 -25.05 -9.12 1.03
N GLY B 363 -24.75 -8.73 -0.20
CA GLY B 363 -24.84 -9.65 -1.31
C GLY B 363 -26.24 -9.97 -1.77
N ILE B 364 -27.20 -9.09 -1.50
CA ILE B 364 -28.57 -9.30 -1.89
C ILE B 364 -28.88 -8.40 -3.09
N THR B 365 -30.06 -8.57 -3.65
CA THR B 365 -30.49 -7.75 -4.77
C THR B 365 -31.08 -6.44 -4.26
N THR B 366 -30.58 -5.33 -4.78
CA THR B 366 -31.09 -4.00 -4.50
C THR B 366 -31.75 -3.45 -5.75
N ALA B 367 -32.60 -2.45 -5.57
CA ALA B 367 -33.35 -1.84 -6.67
C ALA B 367 -32.86 -0.42 -6.90
N VAL B 368 -32.68 -0.06 -8.16
CA VAL B 368 -32.43 1.32 -8.56
C VAL B 368 -33.63 1.77 -9.39
N PHE B 369 -34.39 2.71 -8.86
CA PHE B 369 -35.65 3.14 -9.44
C PHE B 369 -35.44 4.51 -10.08
N GLU B 370 -35.60 4.58 -11.40
CA GLU B 370 -35.27 5.77 -12.16
C GLU B 370 -36.47 6.70 -12.37
N SER B 371 -37.62 6.37 -11.82
CA SER B 371 -38.83 7.12 -12.11
C SER B 371 -39.36 7.79 -10.85
N THR B 372 -40.55 8.35 -10.95
CA THR B 372 -41.30 8.93 -9.85
C THR B 372 -42.40 7.97 -9.41
N PRO B 373 -42.89 8.10 -8.17
CA PRO B 373 -43.97 7.21 -7.72
C PRO B 373 -45.29 7.38 -8.47
N VAL B 374 -45.45 8.44 -9.27
CA VAL B 374 -46.70 8.67 -9.98
C VAL B 374 -46.49 8.70 -11.48
N TYR B 375 -45.41 8.06 -11.96
CA TYR B 375 -45.19 7.96 -13.39
C TYR B 375 -45.05 6.50 -13.79
N PRO B 376 -45.75 6.05 -14.83
CA PRO B 376 -46.74 6.80 -15.62
C PRO B 376 -48.09 6.89 -14.91
N THR B 377 -48.29 6.06 -13.90
CA THR B 377 -49.52 5.96 -13.14
C THR B 377 -49.16 5.90 -11.66
N PRO B 378 -50.02 6.41 -10.78
CA PRO B 378 -49.75 6.35 -9.34
C PRO B 378 -49.66 4.94 -8.77
N SER B 379 -49.74 3.89 -9.59
CA SER B 379 -49.55 2.52 -9.14
C SER B 379 -48.13 2.01 -9.40
N ARG B 380 -47.19 2.91 -9.72
CA ARG B 380 -45.87 2.49 -10.16
C ARG B 380 -45.14 1.68 -9.10
N TYR B 381 -45.21 2.12 -7.83
CA TYR B 381 -44.53 1.39 -6.77
C TYR B 381 -45.06 -0.04 -6.67
N TRP B 382 -46.37 -0.20 -6.73
CA TRP B 382 -46.98 -1.51 -6.56
C TRP B 382 -46.82 -2.38 -7.81
N ASP B 383 -46.86 -1.78 -9.00
CA ASP B 383 -46.53 -2.53 -10.21
C ASP B 383 -45.09 -3.04 -10.15
N PHE B 384 -44.17 -2.19 -9.68
CA PHE B 384 -42.78 -2.60 -9.52
C PHE B 384 -42.65 -3.74 -8.52
N VAL B 385 -43.34 -3.63 -7.38
CA VAL B 385 -43.25 -4.66 -6.35
C VAL B 385 -43.80 -5.98 -6.87
N ASP B 386 -44.94 -5.94 -7.57
CA ASP B 386 -45.49 -7.17 -8.14
C ASP B 386 -44.59 -7.76 -9.21
N LYS B 387 -44.03 -6.92 -10.08
CA LYS B 387 -43.20 -7.42 -11.17
C LYS B 387 -41.92 -8.05 -10.66
N TRP B 388 -41.28 -7.43 -9.67
CA TRP B 388 -39.99 -7.91 -9.19
C TRP B 388 -40.06 -8.68 -7.89
N LYS B 389 -41.26 -8.84 -7.32
CA LYS B 389 -41.44 -9.55 -6.06
C LYS B 389 -40.52 -9.01 -4.98
N ALA B 390 -40.59 -7.70 -4.77
CA ALA B 390 -39.77 -7.06 -3.76
C ALA B 390 -40.15 -7.57 -2.37
N THR B 391 -39.13 -7.94 -1.60
CA THR B 391 -39.35 -8.44 -0.25
C THR B 391 -39.39 -7.33 0.78
N GLN B 392 -38.72 -6.21 0.52
CA GLN B 392 -38.75 -5.05 1.40
C GLN B 392 -38.95 -3.80 0.55
N LEU B 393 -39.58 -2.80 1.15
CA LEU B 393 -39.77 -1.51 0.50
C LEU B 393 -39.34 -0.41 1.46
N TYR B 394 -38.53 0.51 0.97
CA TYR B 394 -37.97 1.60 1.78
C TYR B 394 -38.26 2.91 1.03
N THR B 395 -39.26 3.64 1.48
CA THR B 395 -39.67 4.90 0.87
C THR B 395 -39.66 6.01 1.91
N ALA B 396 -40.05 7.18 1.50
CA ALA B 396 -40.17 8.35 2.35
C ALA B 396 -41.63 8.68 2.60
N PRO B 397 -41.94 9.31 3.74
CA PRO B 397 -43.34 9.69 4.01
C PRO B 397 -43.94 10.61 2.96
N THR B 398 -43.12 11.42 2.28
CA THR B 398 -43.65 12.30 1.24
CA THR B 398 -43.67 12.30 1.25
C THR B 398 -44.25 11.50 0.08
N ALA B 399 -43.55 10.45 -0.35
CA ALA B 399 -44.07 9.61 -1.43
C ALA B 399 -45.32 8.86 -1.00
N ILE B 400 -45.34 8.36 0.24
CA ILE B 400 -46.51 7.67 0.76
C ILE B 400 -47.71 8.62 0.81
N ARG B 401 -47.47 9.85 1.27
CA ARG B 401 -48.55 10.83 1.35
C ARG B 401 -49.07 11.19 -0.04
N LEU B 402 -48.17 11.33 -1.01
CA LEU B 402 -48.59 11.60 -2.37
C LEU B 402 -49.44 10.46 -2.92
N LEU B 403 -49.01 9.21 -2.70
CA LEU B 403 -49.76 8.06 -3.18
C LEU B 403 -51.11 7.97 -2.51
N ARG B 404 -51.17 8.26 -1.21
CA ARG B 404 -52.45 8.26 -0.51
C ARG B 404 -53.38 9.35 -1.07
N ARG B 405 -52.84 10.52 -1.36
CA ARG B 405 -53.62 11.58 -1.99
C ARG B 405 -54.09 11.16 -3.38
N MET B 406 -53.33 10.30 -4.05
CA MET B 406 -53.69 9.85 -5.39
C MET B 406 -54.85 8.85 -5.41
N GLY B 407 -55.20 8.26 -4.27
CA GLY B 407 -56.36 7.40 -4.18
C GLY B 407 -56.00 5.95 -3.89
N GLU B 408 -57.04 5.18 -3.62
CA GLU B 408 -56.92 3.77 -3.24
C GLU B 408 -56.93 2.83 -4.44
N ASP B 409 -57.56 3.22 -5.55
CA ASP B 409 -57.69 2.34 -6.70
C ASP B 409 -56.34 1.94 -7.29
N HIS B 410 -55.27 2.67 -7.00
CA HIS B 410 -53.96 2.37 -7.55
C HIS B 410 -53.19 1.33 -6.75
N VAL B 411 -53.64 0.97 -5.55
CA VAL B 411 -52.89 0.06 -4.70
C VAL B 411 -53.76 -1.11 -4.28
N LYS B 412 -55.09 -0.92 -4.31
CA LYS B 412 -56.00 -1.89 -3.72
C LYS B 412 -55.96 -3.24 -4.43
N ASN B 413 -55.77 -3.25 -5.75
CA ASN B 413 -55.90 -4.47 -6.54
C ASN B 413 -54.56 -5.14 -6.83
N HIS B 414 -53.49 -4.71 -6.18
CA HIS B 414 -52.17 -5.29 -6.42
C HIS B 414 -51.90 -6.46 -5.49
N ASP B 415 -51.23 -7.49 -6.02
CA ASP B 415 -50.92 -8.67 -5.23
C ASP B 415 -50.01 -8.32 -4.06
N LEU B 416 -48.81 -7.81 -4.35
CA LEU B 416 -47.76 -7.56 -3.36
C LEU B 416 -47.47 -8.90 -2.69
N SER B 417 -47.56 -9.01 -1.37
CA SER B 417 -47.50 -10.29 -0.65
C SER B 417 -46.12 -10.95 -0.72
N SER B 418 -45.21 -10.40 -1.53
CA SER B 418 -43.81 -10.75 -1.39
C SER B 418 -43.15 -9.83 -0.39
N LEU B 419 -43.83 -8.73 -0.06
CA LEU B 419 -43.31 -7.74 0.87
C LEU B 419 -43.39 -8.29 2.29
N ARG B 420 -42.35 -8.02 3.07
CA ARG B 420 -42.31 -8.38 4.47
C ARG B 420 -42.09 -7.18 5.38
N VAL B 421 -41.29 -6.22 4.93
CA VAL B 421 -40.94 -5.05 5.73
C VAL B 421 -41.23 -3.81 4.89
N LEU B 422 -41.89 -2.84 5.50
CA LEU B 422 -42.16 -1.54 4.88
C LEU B 422 -41.41 -0.49 5.66
N GLY B 423 -40.57 0.29 4.97
CA GLY B 423 -39.68 1.24 5.60
C GLY B 423 -40.06 2.67 5.30
N SER B 424 -39.89 3.54 6.29
CA SER B 424 -40.11 4.97 6.15
C SER B 424 -38.88 5.71 6.66
N VAL B 425 -38.50 6.78 5.95
CA VAL B 425 -37.28 7.51 6.29
C VAL B 425 -37.44 8.94 5.79
N GLY B 426 -36.90 9.89 6.56
CA GLY B 426 -36.74 11.25 6.08
C GLY B 426 -37.42 12.30 6.92
N GLU B 427 -38.59 11.97 7.45
CA GLU B 427 -39.38 12.89 8.24
C GLU B 427 -40.35 12.07 9.09
N PRO B 428 -40.93 12.65 10.13
CA PRO B 428 -41.93 11.91 10.90
C PRO B 428 -43.15 11.61 10.04
N ILE B 429 -43.62 10.37 10.13
CA ILE B 429 -44.76 9.91 9.34
C ILE B 429 -46.01 10.02 10.21
N ASN B 430 -47.03 10.68 9.67
CA ASN B 430 -48.26 10.89 10.43
C ASN B 430 -48.95 9.55 10.69
N PRO B 431 -49.75 9.46 11.75
CA PRO B 431 -50.53 8.24 11.98
C PRO B 431 -51.41 7.86 10.80
N GLU B 432 -51.98 8.85 10.10
CA GLU B 432 -52.81 8.54 8.94
C GLU B 432 -51.99 7.98 7.80
N ALA B 433 -50.85 8.60 7.50
CA ALA B 433 -49.97 8.07 6.46
C ALA B 433 -49.41 6.71 6.85
N TRP B 434 -49.06 6.54 8.12
CA TRP B 434 -48.60 5.23 8.61
C TRP B 434 -49.68 4.17 8.44
N HIS B 435 -50.92 4.50 8.76
CA HIS B 435 -52.00 3.53 8.64
C HIS B 435 -52.30 3.20 7.18
N TRP B 436 -52.26 4.20 6.30
CA TRP B 436 -52.42 3.92 4.88
C TRP B 436 -51.30 3.02 4.36
N TYR B 437 -50.06 3.31 4.75
CA TYR B 437 -48.93 2.47 4.38
C TYR B 437 -49.11 1.04 4.85
N ASN B 438 -49.54 0.87 6.10
CA ASN B 438 -49.74 -0.47 6.66
C ASN B 438 -50.88 -1.21 5.97
N ASP B 439 -52.00 -0.53 5.73
CA ASP B 439 -53.22 -1.19 5.26
C ASP B 439 -53.15 -1.51 3.78
N PHE B 440 -52.56 -0.64 2.96
CA PHE B 440 -52.65 -0.81 1.52
C PHE B 440 -51.36 -1.34 0.89
N ALA B 441 -50.21 -0.84 1.31
CA ALA B 441 -48.95 -1.35 0.76
C ALA B 441 -48.57 -2.69 1.37
N GLY B 442 -48.91 -2.90 2.64
CA GLY B 442 -48.57 -4.15 3.29
C GLY B 442 -49.75 -5.08 3.49
N LYS B 443 -50.95 -4.56 3.34
CA LYS B 443 -52.20 -5.31 3.56
C LYS B 443 -52.24 -5.91 4.96
N ASN B 444 -51.75 -5.14 5.93
CA ASN B 444 -51.72 -5.52 7.34
C ASN B 444 -50.92 -6.79 7.58
N GLN B 445 -50.01 -7.14 6.68
CA GLN B 445 -49.20 -8.35 6.80
C GLN B 445 -47.71 -8.08 6.71
N CYS B 446 -47.31 -6.81 6.70
CA CYS B 446 -45.91 -6.43 6.65
C CYS B 446 -45.57 -5.62 7.89
N ALA B 447 -44.33 -5.77 8.35
CA ALA B 447 -43.85 -4.94 9.45
C ALA B 447 -43.50 -3.54 8.93
N ILE B 448 -43.90 -2.54 9.70
CA ILE B 448 -43.63 -1.13 9.36
C ILE B 448 -42.51 -0.65 10.25
N VAL B 449 -41.37 -0.31 9.66
CA VAL B 449 -40.23 0.21 10.39
C VAL B 449 -40.11 1.71 10.11
N ASP B 450 -40.13 2.50 11.16
CA ASP B 450 -39.91 3.95 11.08
C ASP B 450 -38.46 4.17 11.48
N THR B 451 -37.60 4.34 10.48
CA THR B 451 -36.17 4.45 10.73
C THR B 451 -35.78 5.92 10.82
N TYR B 452 -35.25 6.30 11.97
CA TYR B 452 -34.72 7.64 12.18
C TYR B 452 -33.20 7.60 12.15
N TRP B 453 -32.60 8.48 11.36
CA TRP B 453 -31.15 8.63 11.27
C TRP B 453 -30.90 9.89 10.44
N MET B 454 -29.62 10.24 10.29
CA MET B 454 -29.21 11.41 9.51
CA MET B 454 -29.22 11.40 9.51
C MET B 454 -28.06 11.02 8.58
N THR B 455 -27.60 12.00 7.81
CA THR B 455 -26.41 11.79 6.99
C THR B 455 -25.18 11.58 7.86
N GLU B 456 -25.12 12.25 9.01
CA GLU B 456 -23.98 12.18 9.91
C GLU B 456 -23.95 10.90 10.75
N THR B 457 -25.06 10.18 10.84
CA THR B 457 -25.06 8.89 11.53
C THR B 457 -24.65 7.74 10.62
N GLY B 458 -24.63 7.94 9.31
CA GLY B 458 -24.23 6.91 8.36
C GLY B 458 -25.24 5.82 8.08
N SER B 459 -25.76 5.20 9.13
CA SER B 459 -26.75 4.15 9.02
C SER B 459 -27.89 4.44 9.98
N ILE B 460 -28.87 3.55 10.02
CA ILE B 460 -30.08 3.76 10.82
C ILE B 460 -29.74 3.74 12.30
N SER B 461 -30.23 4.74 13.02
CA SER B 461 -29.95 4.94 14.44
C SER B 461 -31.05 4.40 15.34
N ILE B 462 -32.30 4.81 15.09
CA ILE B 462 -33.45 4.37 15.88
C ILE B 462 -34.50 3.81 14.93
N ALA B 463 -34.81 2.53 15.08
CA ALA B 463 -35.81 1.87 14.26
C ALA B 463 -36.30 0.64 15.00
N PRO B 464 -37.50 0.15 14.70
CA PRO B 464 -37.93 -1.13 15.26
C PRO B 464 -37.30 -2.29 14.52
N LEU B 465 -36.96 -3.33 15.28
CA LEU B 465 -36.59 -4.60 14.66
C LEU B 465 -37.86 -5.30 14.20
N PRO B 466 -38.03 -5.57 12.91
CA PRO B 466 -39.34 -6.01 12.41
C PRO B 466 -39.84 -7.31 13.02
N GLY B 467 -38.95 -8.25 13.30
CA GLY B 467 -39.34 -9.52 13.88
C GLY B 467 -39.42 -9.55 15.39
N ALA B 468 -39.12 -8.45 16.06
CA ALA B 468 -39.12 -8.44 17.51
C ALA B 468 -39.97 -7.34 18.13
N ILE B 469 -39.99 -6.16 17.53
CA ILE B 469 -40.53 -4.96 18.18
C ILE B 469 -41.97 -4.74 17.72
N SER B 470 -42.87 -4.54 18.68
CA SER B 470 -44.23 -4.13 18.39
C SER B 470 -44.25 -2.64 18.12
N THR B 471 -44.72 -2.24 16.95
CA THR B 471 -44.57 -0.87 16.49
C THR B 471 -45.72 0.01 16.95
N LYS B 472 -45.44 1.30 17.05
CA LYS B 472 -46.44 2.33 17.27
C LYS B 472 -46.42 3.29 16.09
N PRO B 473 -47.58 3.64 15.52
CA PRO B 473 -47.59 4.49 14.32
C PRO B 473 -46.95 5.85 14.59
N GLY B 474 -45.99 6.21 13.75
CA GLY B 474 -45.28 7.45 13.89
C GLY B 474 -44.21 7.48 14.95
N SER B 475 -43.68 6.33 15.36
CA SER B 475 -42.68 6.24 16.41
C SER B 475 -41.47 5.48 15.88
N ALA B 476 -40.29 6.12 15.94
CA ALA B 476 -39.04 5.40 15.80
C ALA B 476 -38.69 4.81 17.16
N THR B 477 -38.88 3.50 17.30
CA THR B 477 -39.04 2.91 18.63
C THR B 477 -37.74 2.84 19.42
N PHE B 478 -36.78 2.03 18.95
CA PHE B 478 -35.66 1.77 19.84
C PHE B 478 -34.33 1.90 19.11
N PRO B 479 -33.26 2.29 19.81
CA PRO B 479 -31.97 2.51 19.15
C PRO B 479 -31.38 1.23 18.57
N PHE B 480 -30.64 1.39 17.49
CA PHE B 480 -30.01 0.24 16.85
C PHE B 480 -28.77 -0.19 17.63
N PHE B 481 -28.19 -1.31 17.21
CA PHE B 481 -26.96 -1.82 17.79
C PHE B 481 -25.86 -0.76 17.76
N GLY B 482 -25.23 -0.57 18.91
CA GLY B 482 -24.19 0.42 19.06
C GLY B 482 -24.68 1.83 19.30
N MET B 483 -25.99 2.05 19.31
CA MET B 483 -26.56 3.37 19.54
C MET B 483 -27.05 3.45 20.98
N ASP B 484 -26.47 4.36 21.75
CA ASP B 484 -26.89 4.64 23.12
C ASP B 484 -27.41 6.07 23.12
N VAL B 485 -28.67 6.24 22.80
CA VAL B 485 -29.28 7.56 22.70
C VAL B 485 -30.01 7.87 24.00
N ASP B 486 -29.93 9.15 24.38
CA ASP B 486 -30.67 9.66 25.54
C ASP B 486 -31.28 11.01 25.18
N ILE B 487 -31.97 11.59 26.15
CA ILE B 487 -32.66 12.86 26.00
C ILE B 487 -32.06 13.83 27.01
N ILE B 488 -31.59 14.98 26.52
CA ILE B 488 -31.08 16.05 27.36
C ILE B 488 -32.10 17.18 27.39
N ASP B 489 -32.30 17.74 28.57
CA ASP B 489 -33.08 18.96 28.69
C ASP B 489 -32.28 20.13 28.14
N PRO B 490 -32.73 20.79 27.07
CA PRO B 490 -31.95 21.93 26.54
C PRO B 490 -31.81 23.08 27.53
N GLN B 491 -32.79 23.28 28.41
CA GLN B 491 -32.70 24.39 29.37
C GLN B 491 -31.52 24.22 30.31
N THR B 492 -31.30 23.02 30.82
CA THR B 492 -30.23 22.76 31.78
C THR B 492 -29.05 22.00 31.20
N GLY B 493 -29.22 21.35 30.06
CA GLY B 493 -28.15 20.54 29.50
C GLY B 493 -27.97 19.18 30.16
N GLN B 494 -28.88 18.80 31.04
CA GLN B 494 -28.77 17.56 31.80
C GLN B 494 -29.61 16.47 31.16
N VAL B 495 -29.15 15.23 31.31
CA VAL B 495 -29.87 14.08 30.77
C VAL B 495 -31.13 13.83 31.60
N LEU B 496 -32.27 13.74 30.92
CA LEU B 496 -33.54 13.43 31.58
C LEU B 496 -33.67 11.92 31.65
N GLU B 497 -33.43 11.35 32.84
CA GLU B 497 -33.52 9.92 33.03
C GLU B 497 -34.98 9.49 33.14
N GLY B 498 -35.19 8.19 33.00
CA GLY B 498 -36.52 7.63 33.09
C GLY B 498 -37.29 7.79 31.79
N ASN B 499 -38.57 7.46 31.87
CA ASN B 499 -39.48 7.49 30.73
C ASN B 499 -40.43 8.67 30.85
N ASP B 500 -41.16 8.92 29.75
CA ASP B 500 -42.12 10.02 29.66
C ASP B 500 -41.42 11.37 29.85
N VAL B 501 -40.39 11.61 29.03
CA VAL B 501 -39.61 12.83 29.08
C VAL B 501 -39.48 13.38 27.66
N GLU B 502 -39.10 14.65 27.56
CA GLU B 502 -38.97 15.31 26.27
CA GLU B 502 -38.99 15.33 26.28
C GLU B 502 -37.83 16.30 26.33
N GLY B 503 -37.11 16.43 25.21
CA GLY B 503 -35.97 17.32 25.13
C GLY B 503 -35.27 17.19 23.80
N VAL B 504 -33.94 17.18 23.79
CA VAL B 504 -33.16 17.01 22.57
C VAL B 504 -32.50 15.64 22.60
N LEU B 505 -32.43 15.00 21.43
CA LEU B 505 -31.84 13.67 21.31
C LEU B 505 -30.32 13.77 21.21
N VAL B 506 -29.63 12.95 21.99
CA VAL B 506 -28.17 12.89 21.97
C VAL B 506 -27.74 11.43 21.96
N ALA B 507 -26.49 11.20 21.56
CA ALA B 507 -25.86 9.90 21.61
C ALA B 507 -24.71 9.93 22.60
N ARG B 508 -24.65 8.93 23.48
CA ARG B 508 -23.61 8.90 24.51
C ARG B 508 -22.24 8.57 23.92
N ARG B 509 -22.17 7.56 23.07
CA ARG B 509 -20.89 7.06 22.59
C ARG B 509 -20.86 7.02 21.07
N PRO B 510 -19.67 7.10 20.47
CA PRO B 510 -19.57 6.94 19.02
C PRO B 510 -19.97 5.55 18.58
N TRP B 511 -20.39 5.45 17.32
CA TRP B 511 -20.76 4.21 16.69
C TRP B 511 -19.98 4.07 15.40
N PRO B 512 -19.85 2.85 14.86
CA PRO B 512 -18.95 2.66 13.71
C PRO B 512 -19.26 3.53 12.50
N SER B 513 -20.53 3.80 12.20
CA SER B 513 -20.90 4.49 10.98
C SER B 513 -21.04 6.00 11.15
N ILE B 514 -20.71 6.54 12.33
CA ILE B 514 -20.81 7.99 12.53
C ILE B 514 -19.90 8.72 11.55
N ALA B 515 -20.31 9.93 11.18
CA ALA B 515 -19.46 10.79 10.36
C ALA B 515 -18.18 11.14 11.10
N ARG B 516 -17.08 11.17 10.37
CA ARG B 516 -15.78 11.41 10.97
C ARG B 516 -15.39 12.88 10.98
N THR B 517 -15.83 13.64 9.98
CA THR B 517 -15.48 15.05 9.87
C THR B 517 -16.41 15.69 8.85
N VAL B 518 -16.29 17.01 8.72
CA VAL B 518 -16.81 17.74 7.59
C VAL B 518 -15.62 18.14 6.73
N TYR B 519 -15.71 17.85 5.43
CA TYR B 519 -14.54 17.92 4.55
C TYR B 519 -13.86 19.28 4.61
N ARG B 520 -12.62 19.28 5.10
CA ARG B 520 -11.79 20.47 5.29
C ARG B 520 -12.43 21.49 6.20
N ASP B 521 -13.42 21.08 7.00
CA ASP B 521 -14.13 21.96 7.91
C ASP B 521 -14.39 21.25 9.24
N HIS B 522 -13.34 20.64 9.80
CA HIS B 522 -13.49 19.89 11.04
C HIS B 522 -13.98 20.78 12.19
N LYS B 523 -13.66 22.07 12.15
CA LYS B 523 -14.16 22.99 13.16
C LYS B 523 -15.68 23.08 13.10
N ARG B 524 -16.25 23.13 11.90
CA ARG B 524 -17.69 23.13 11.74
C ARG B 524 -18.30 21.82 12.22
N TYR B 525 -17.64 20.71 11.95
CA TYR B 525 -18.08 19.41 12.44
C TYR B 525 -18.18 19.40 13.96
N LEU B 526 -17.12 19.84 14.64
CA LEU B 526 -17.12 19.87 16.09
C LEU B 526 -18.16 20.84 16.63
N GLU B 527 -18.27 22.03 16.02
CA GLU B 527 -19.22 23.02 16.50
C GLU B 527 -20.66 22.55 16.34
N THR B 528 -20.97 21.91 15.22
CA THR B 528 -22.33 21.47 14.95
C THR B 528 -22.72 20.29 15.83
N TYR B 529 -21.87 19.27 15.93
CA TYR B 529 -22.31 18.01 16.51
C TYR B 529 -21.76 17.71 17.89
N MET B 530 -20.66 18.34 18.30
CA MET B 530 -19.98 17.96 19.53
C MET B 530 -19.93 19.05 20.59
N LYS B 531 -19.92 20.32 20.20
CA LYS B 531 -19.80 21.42 21.15
C LYS B 531 -21.08 21.73 21.91
N PRO B 532 -22.29 21.64 21.31
CA PRO B 532 -23.49 22.02 22.07
C PRO B 532 -23.68 21.25 23.37
N TYR B 533 -23.34 19.97 23.41
CA TYR B 533 -23.44 19.17 24.63
C TYR B 533 -22.19 18.32 24.73
N PRO B 534 -21.17 18.80 25.45
CA PRO B 534 -19.91 18.07 25.53
C PRO B 534 -20.11 16.68 26.13
N GLY B 535 -19.43 15.70 25.55
CA GLY B 535 -19.61 14.31 25.89
C GLY B 535 -20.67 13.58 25.10
N TYR B 536 -21.44 14.30 24.27
CA TYR B 536 -22.53 13.71 23.52
C TYR B 536 -22.47 14.13 22.07
N PHE B 537 -23.03 13.29 21.19
CA PHE B 537 -23.28 13.66 19.82
C PHE B 537 -24.66 14.30 19.72
N PHE B 538 -24.74 15.45 19.07
CA PHE B 538 -25.96 16.24 19.00
C PHE B 538 -26.61 15.98 17.65
N PHE B 539 -27.80 15.35 17.67
CA PHE B 539 -28.53 15.12 16.43
C PHE B 539 -29.19 16.40 15.92
N GLY B 540 -29.51 17.33 16.82
CA GLY B 540 -30.26 18.50 16.45
C GLY B 540 -31.76 18.31 16.38
N ASP B 541 -32.26 17.13 16.73
CA ASP B 541 -33.67 16.80 16.66
C ASP B 541 -34.25 16.76 18.08
N GLY B 542 -35.28 17.56 18.31
CA GLY B 542 -36.08 17.37 19.51
C GLY B 542 -36.77 16.02 19.48
N ALA B 543 -36.82 15.37 20.63
CA ALA B 543 -37.36 14.02 20.75
C ALA B 543 -37.96 13.81 22.12
N ALA B 544 -38.88 12.84 22.19
CA ALA B 544 -39.53 12.47 23.43
C ALA B 544 -39.52 10.95 23.58
N ARG B 545 -39.43 10.50 24.82
CA ARG B 545 -39.56 9.09 25.17
C ARG B 545 -40.83 8.93 26.00
N ASP B 546 -41.69 8.00 25.61
CA ASP B 546 -42.98 7.83 26.28
C ASP B 546 -42.82 6.88 27.46
N TYR B 547 -43.96 6.52 28.07
CA TYR B 547 -43.94 5.70 29.29
C TYR B 547 -43.41 4.29 29.02
N ASP B 548 -43.54 3.79 27.81
CA ASP B 548 -43.08 2.46 27.46
C ASP B 548 -41.63 2.41 27.04
N GLY B 549 -40.94 3.56 27.03
CA GLY B 549 -39.59 3.64 26.53
C GLY B 549 -39.48 3.88 25.04
N TYR B 550 -40.60 3.94 24.33
CA TYR B 550 -40.57 4.23 22.90
C TYR B 550 -40.14 5.68 22.68
N MET B 551 -39.35 5.90 21.63
N MET B 551 -39.35 5.89 21.64
CA MET B 551 -38.83 7.21 21.29
CA MET B 551 -38.83 7.21 21.29
C MET B 551 -39.70 7.85 20.22
C MET B 551 -39.71 7.85 20.22
N TRP B 552 -39.98 9.14 20.39
CA TRP B 552 -40.77 9.92 19.45
C TRP B 552 -39.94 11.10 18.99
N ILE B 553 -39.60 11.13 17.70
CA ILE B 553 -38.77 12.19 17.15
C ILE B 553 -39.64 13.38 16.79
N LYS B 554 -39.45 14.49 17.51
CA LYS B 554 -40.18 15.70 17.17
C LYS B 554 -39.60 16.38 15.94
N GLY B 555 -38.29 16.32 15.77
CA GLY B 555 -37.62 16.83 14.58
C GLY B 555 -36.81 18.07 14.87
N ARG B 556 -36.23 18.60 13.78
CA ARG B 556 -35.35 19.77 13.84
C ARG B 556 -35.94 20.91 14.67
N ASP C 39 8.69 -42.59 -36.50
CA ASP C 39 9.64 -41.56 -36.11
C ASP C 39 9.33 -41.05 -34.71
N LEU C 40 9.59 -41.90 -33.71
CA LEU C 40 9.30 -41.60 -32.32
C LEU C 40 10.61 -41.65 -31.52
N PHE C 41 10.76 -40.71 -30.60
CA PHE C 41 12.00 -40.55 -29.83
C PHE C 41 11.67 -40.51 -28.34
N ALA C 42 11.89 -41.63 -27.65
CA ALA C 42 11.69 -41.70 -26.22
C ALA C 42 12.71 -40.81 -25.52
N PRO C 43 12.40 -40.35 -24.31
CA PRO C 43 13.35 -39.53 -23.56
C PRO C 43 14.69 -40.23 -23.39
N PRO C 44 15.79 -39.52 -23.58
CA PRO C 44 17.11 -40.16 -23.58
C PRO C 44 17.54 -40.51 -22.17
N PRO C 45 18.61 -41.29 -22.01
CA PRO C 45 19.08 -41.62 -20.65
C PRO C 45 19.43 -40.40 -19.81
N ARG C 46 19.86 -39.30 -20.42
CA ARG C 46 20.09 -38.08 -19.66
C ARG C 46 18.81 -37.52 -19.06
N MET C 47 17.66 -37.83 -19.66
CA MET C 47 16.36 -37.44 -19.12
C MET C 47 15.71 -38.54 -18.29
N GLN C 48 16.42 -39.64 -18.07
CA GLN C 48 15.92 -40.74 -17.24
C GLN C 48 16.53 -40.75 -15.85
N GLY C 49 17.27 -39.70 -15.48
CA GLY C 49 17.92 -39.65 -14.19
C GLY C 49 19.20 -40.44 -14.09
N LYS C 50 19.67 -41.02 -15.19
CA LYS C 50 20.89 -41.82 -15.19
C LYS C 50 22.09 -40.95 -15.54
N GLU C 51 23.28 -41.55 -15.43
CA GLU C 51 24.55 -40.89 -15.69
C GLU C 51 24.73 -39.65 -14.81
N GLY C 52 24.25 -39.72 -13.56
CA GLY C 52 24.36 -38.62 -12.64
C GLY C 52 23.45 -37.45 -12.93
N ARG C 53 22.61 -37.53 -13.96
CA ARG C 53 21.71 -36.45 -14.29
C ARG C 53 20.51 -36.44 -13.33
N PRO C 54 19.94 -35.27 -13.07
CA PRO C 54 18.77 -35.20 -12.19
C PRO C 54 17.60 -35.98 -12.77
N LYS C 55 16.83 -36.60 -11.87
CA LYS C 55 15.61 -37.28 -12.29
C LYS C 55 14.58 -36.25 -12.75
N PRO C 56 13.84 -36.55 -13.82
CA PRO C 56 12.84 -35.60 -14.30
C PRO C 56 11.73 -35.38 -13.28
N HIS C 57 11.17 -34.17 -13.29
CA HIS C 57 10.04 -33.87 -12.41
C HIS C 57 8.82 -34.71 -12.77
N ILE C 58 8.57 -34.88 -14.06
CA ILE C 58 7.45 -35.69 -14.55
C ILE C 58 8.01 -36.76 -15.47
N GLY C 59 7.62 -38.01 -15.21
CA GLY C 59 8.06 -39.13 -16.02
C GLY C 59 7.63 -40.46 -15.43
N PRO C 60 8.06 -41.56 -16.05
CA PRO C 60 8.93 -41.63 -17.23
C PRO C 60 8.17 -41.70 -18.55
N ASN C 61 6.84 -41.74 -18.55
CA ASN C 61 6.09 -42.01 -19.77
C ASN C 61 4.89 -41.06 -19.85
N TYR C 62 4.06 -41.30 -20.86
CA TYR C 62 2.93 -40.42 -21.16
C TYR C 62 1.85 -40.49 -20.08
N GLU C 63 1.70 -41.65 -19.44
CA GLU C 63 0.66 -41.81 -18.43
C GLU C 63 0.90 -40.89 -17.23
N SER C 64 2.15 -40.72 -16.83
CA SER C 64 2.47 -39.83 -15.72
C SER C 64 2.15 -38.37 -16.09
N TYR C 65 2.47 -37.98 -17.32
CA TYR C 65 2.11 -36.63 -17.76
C TYR C 65 0.59 -36.44 -17.74
N VAL C 66 -0.15 -37.44 -18.20
CA VAL C 66 -1.61 -37.35 -18.18
C VAL C 66 -2.12 -37.24 -16.76
N LYS C 67 -1.55 -38.03 -15.85
CA LYS C 67 -1.98 -38.02 -14.46
C LYS C 67 -1.78 -36.64 -13.84
N GLU C 68 -0.63 -36.02 -14.10
CA GLU C 68 -0.41 -34.68 -13.55
C GLU C 68 -1.24 -33.62 -14.26
N TRP C 69 -1.44 -33.75 -15.57
CA TRP C 69 -2.15 -32.74 -16.34
C TRP C 69 -3.63 -32.73 -16.03
N ALA C 70 -4.21 -33.88 -15.70
CA ALA C 70 -5.64 -33.93 -15.40
C ALA C 70 -5.99 -33.11 -14.16
N LYS C 71 -5.03 -32.93 -13.25
CA LYS C 71 -5.26 -32.12 -12.06
C LYS C 71 -5.19 -30.62 -12.32
N THR C 72 -4.67 -30.21 -13.47
CA THR C 72 -4.46 -28.81 -13.78
C THR C 72 -5.55 -28.22 -14.66
N VAL C 73 -6.54 -29.03 -15.08
CA VAL C 73 -7.63 -28.58 -15.92
C VAL C 73 -8.93 -29.10 -15.33
N GLY C 74 -10.03 -28.52 -15.80
CA GLY C 74 -11.34 -28.93 -15.35
C GLY C 74 -11.81 -28.15 -14.14
N PRO C 75 -13.01 -28.49 -13.66
CA PRO C 75 -13.59 -27.74 -12.53
C PRO C 75 -13.01 -28.08 -11.17
N ASN C 76 -12.16 -29.10 -11.08
CA ASN C 76 -11.56 -29.50 -9.80
C ASN C 76 -10.07 -29.18 -9.73
N SER C 77 -9.58 -28.29 -10.60
CA SER C 77 -8.16 -27.99 -10.68
C SER C 77 -7.75 -26.81 -9.83
N ASP C 78 -8.68 -26.20 -9.08
CA ASP C 78 -8.34 -25.05 -8.25
C ASP C 78 -7.38 -25.43 -7.14
N GLU C 79 -7.53 -26.64 -6.58
CA GLU C 79 -6.65 -27.08 -5.50
C GLU C 79 -5.21 -27.19 -5.99
N TRP C 80 -5.02 -27.78 -7.17
CA TRP C 80 -3.68 -27.91 -7.73
C TRP C 80 -3.04 -26.55 -7.96
N TRP C 81 -3.79 -25.61 -8.52
CA TRP C 81 -3.24 -24.30 -8.83
C TRP C 81 -2.96 -23.50 -7.57
N ALA C 82 -3.83 -23.59 -6.57
CA ALA C 82 -3.56 -22.92 -5.29
C ALA C 82 -2.31 -23.48 -4.63
N ALA C 83 -2.16 -24.81 -4.63
CA ALA C 83 -0.97 -25.42 -4.04
C ALA C 83 0.29 -24.99 -4.79
N LYS C 84 0.23 -24.98 -6.13
CA LYS C 84 1.39 -24.59 -6.91
C LYS C 84 1.73 -23.12 -6.73
N ALA C 85 0.72 -22.26 -6.66
CA ALA C 85 0.97 -20.84 -6.47
C ALA C 85 1.60 -20.57 -5.11
N ARG C 86 1.15 -21.28 -4.08
CA ARG C 86 1.73 -21.08 -2.76
C ARG C 86 3.11 -21.72 -2.64
N GLU C 87 3.40 -22.77 -3.42
CA GLU C 87 4.69 -23.42 -3.33
C GLU C 87 5.76 -22.72 -4.16
N THR C 88 5.39 -22.18 -5.32
CA THR C 88 6.35 -21.63 -6.27
C THR C 88 6.71 -20.18 -5.99
N LEU C 89 5.73 -19.36 -5.63
CA LEU C 89 5.95 -17.94 -5.44
C LEU C 89 5.89 -17.58 -3.97
N ASP C 90 6.65 -16.55 -3.60
CA ASP C 90 6.60 -15.98 -2.26
C ASP C 90 5.62 -14.81 -2.26
N TRP C 91 4.61 -14.89 -1.40
CA TRP C 91 3.52 -13.94 -1.36
C TRP C 91 3.67 -13.03 -0.14
N TYR C 92 3.54 -11.73 -0.36
CA TYR C 92 3.39 -10.81 0.77
C TYR C 92 2.05 -11.01 1.47
N ASP C 93 0.99 -11.22 0.70
CA ASP C 93 -0.32 -11.55 1.22
C ASP C 93 -0.86 -12.77 0.48
N ASP C 94 -1.53 -13.64 1.22
CA ASP C 94 -2.13 -14.82 0.64
C ASP C 94 -3.37 -14.45 -0.16
N PHE C 95 -3.64 -15.23 -1.19
CA PHE C 95 -4.86 -15.07 -1.97
C PHE C 95 -5.98 -15.94 -1.37
N LYS C 96 -7.21 -15.54 -1.66
CA LYS C 96 -8.39 -16.31 -1.28
C LYS C 96 -9.01 -17.03 -2.45
N THR C 97 -9.19 -16.33 -3.57
CA THR C 97 -9.77 -16.91 -4.78
C THR C 97 -8.65 -17.36 -5.70
N VAL C 98 -8.84 -18.53 -6.32
CA VAL C 98 -7.84 -19.02 -7.26
C VAL C 98 -8.01 -18.37 -8.62
N ARG C 99 -9.23 -18.39 -9.16
CA ARG C 99 -9.46 -17.88 -10.50
C ARG C 99 -10.87 -17.31 -10.60
N ALA C 100 -11.05 -16.44 -11.60
CA ALA C 100 -12.35 -15.84 -11.89
C ALA C 100 -12.25 -15.21 -13.29
N GLY C 101 -13.36 -14.67 -13.75
CA GLY C 101 -13.39 -14.05 -15.05
C GLY C 101 -13.38 -15.07 -16.16
N GLY C 102 -13.20 -14.57 -17.38
CA GLY C 102 -13.24 -15.44 -18.53
C GLY C 102 -12.94 -14.70 -19.80
N PHE C 103 -13.17 -15.39 -20.92
CA PHE C 103 -12.82 -14.88 -22.23
C PHE C 103 -13.77 -13.78 -22.69
N GLU C 104 -15.06 -13.90 -22.37
CA GLU C 104 -16.09 -13.12 -23.03
C GLU C 104 -15.85 -11.62 -22.84
N HIS C 105 -15.54 -11.19 -21.62
CA HIS C 105 -15.37 -9.78 -21.32
C HIS C 105 -13.94 -9.40 -21.01
N GLY C 106 -13.01 -10.35 -20.96
CA GLY C 106 -11.64 -10.03 -20.64
C GLY C 106 -11.43 -9.58 -19.22
N ASP C 107 -12.04 -10.26 -18.25
CA ASP C 107 -11.88 -9.97 -16.84
C ASP C 107 -11.18 -11.12 -16.11
N VAL C 108 -10.19 -11.72 -16.76
CA VAL C 108 -9.51 -12.88 -16.21
C VAL C 108 -8.76 -12.49 -14.94
N GLN C 109 -8.94 -13.29 -13.89
CA GLN C 109 -8.33 -13.05 -12.60
C GLN C 109 -7.72 -14.34 -12.09
N TRP C 110 -6.49 -14.26 -11.60
CA TRP C 110 -5.84 -15.37 -10.92
C TRP C 110 -5.29 -14.86 -9.60
N PHE C 111 -5.63 -15.55 -8.51
CA PHE C 111 -5.15 -15.23 -7.17
C PHE C 111 -5.35 -13.75 -6.79
N PRO C 112 -6.53 -13.18 -7.05
CA PRO C 112 -6.65 -11.71 -7.01
C PRO C 112 -6.31 -11.06 -5.67
N GLU C 113 -6.64 -11.71 -4.55
CA GLU C 113 -6.43 -11.11 -3.24
C GLU C 113 -4.99 -11.17 -2.76
N GLY C 114 -4.12 -11.90 -3.44
CA GLY C 114 -2.74 -12.00 -3.01
C GLY C 114 -1.90 -10.83 -3.50
N THR C 115 -0.93 -10.45 -2.69
CA THR C 115 0.06 -9.45 -3.07
C THR C 115 1.44 -10.09 -3.08
N LEU C 116 2.28 -9.63 -4.01
CA LEU C 116 3.59 -10.20 -4.23
C LEU C 116 4.43 -9.18 -4.98
N ASN C 117 5.66 -9.56 -5.30
CA ASN C 117 6.54 -8.73 -6.10
C ASN C 117 7.36 -9.64 -7.00
N ALA C 118 7.41 -9.30 -8.28
CA ALA C 118 8.19 -10.10 -9.23
C ALA C 118 9.68 -10.00 -8.95
N ALA C 119 10.16 -8.81 -8.59
CA ALA C 119 11.58 -8.65 -8.29
C ALA C 119 11.97 -9.39 -7.02
N TYR C 120 11.08 -9.43 -6.02
CA TYR C 120 11.35 -10.24 -4.85
C TYR C 120 11.46 -11.72 -5.21
N ASN C 121 10.55 -12.21 -6.06
CA ASN C 121 10.54 -13.62 -6.40
C ASN C 121 11.63 -14.01 -7.37
N CYS C 122 12.18 -13.04 -8.11
CA CYS C 122 13.28 -13.31 -9.03
C CYS C 122 14.64 -12.97 -8.45
N LEU C 123 14.72 -12.04 -7.50
CA LEU C 123 15.99 -11.62 -6.94
C LEU C 123 16.12 -11.89 -5.45
N ASP C 124 15.23 -11.32 -4.63
CA ASP C 124 15.53 -11.16 -3.20
C ASP C 124 15.58 -12.49 -2.48
N ARG C 125 14.64 -13.41 -2.74
CA ARG C 125 14.62 -14.67 -2.01
C ARG C 125 15.84 -15.51 -2.34
N HIS C 126 16.26 -15.52 -3.60
CA HIS C 126 17.47 -16.25 -3.99
C HIS C 126 18.73 -15.58 -3.47
N TYR C 127 18.74 -14.26 -3.40
CA TYR C 127 19.84 -13.55 -2.78
C TYR C 127 19.94 -13.87 -1.29
N TYR C 128 18.79 -13.97 -0.61
CA TYR C 128 18.78 -14.36 0.79
C TYR C 128 19.24 -15.79 0.98
N LYS C 129 18.87 -16.70 0.07
CA LYS C 129 19.31 -18.08 0.18
C LYS C 129 20.80 -18.22 -0.14
N ASN C 130 21.25 -17.64 -1.25
CA ASN C 130 22.63 -17.78 -1.68
C ASN C 130 23.01 -16.58 -2.53
N PRO C 131 23.63 -15.55 -1.93
CA PRO C 131 23.98 -14.36 -2.71
C PRO C 131 25.02 -14.59 -3.77
N LYS C 132 25.96 -15.51 -3.56
CA LYS C 132 27.08 -15.69 -4.49
C LYS C 132 26.71 -16.52 -5.70
N LYS C 133 25.54 -17.14 -5.73
CA LYS C 133 25.13 -17.93 -6.89
C LYS C 133 24.98 -17.05 -8.12
N THR C 134 25.35 -17.57 -9.27
CA THR C 134 25.27 -16.83 -10.52
C THR C 134 23.81 -16.75 -10.97
N ALA C 135 23.30 -15.53 -11.09
CA ALA C 135 21.99 -15.35 -11.69
C ALA C 135 22.10 -15.31 -13.21
N ILE C 136 23.09 -14.60 -13.74
CA ILE C 136 23.23 -14.38 -15.17
C ILE C 136 24.63 -14.75 -15.60
N ILE C 137 24.73 -15.61 -16.59
CA ILE C 137 25.94 -15.78 -17.38
C ILE C 137 25.81 -14.82 -18.55
N TYR C 138 26.58 -13.74 -18.52
CA TYR C 138 26.53 -12.73 -19.56
C TYR C 138 27.59 -13.07 -20.61
N GLU C 139 27.15 -13.57 -21.76
CA GLU C 139 28.04 -13.84 -22.89
C GLU C 139 28.07 -12.60 -23.75
N ALA C 140 29.15 -11.83 -23.63
CA ALA C 140 29.27 -10.59 -24.37
C ALA C 140 29.53 -10.87 -25.85
N ASP C 141 29.35 -9.83 -26.67
CA ASP C 141 29.63 -9.96 -28.10
C ASP C 141 31.05 -10.44 -28.35
N GLU C 142 32.01 -9.91 -27.60
CA GLU C 142 33.36 -10.44 -27.63
C GLU C 142 33.49 -11.53 -26.57
N PRO C 143 33.85 -12.76 -26.94
CA PRO C 143 33.85 -13.86 -25.97
C PRO C 143 34.77 -13.62 -24.77
N SER C 144 35.84 -12.85 -24.93
CA SER C 144 36.73 -12.59 -23.81
C SER C 144 36.11 -11.66 -22.77
N GLU C 145 35.04 -10.96 -23.13
CA GLU C 145 34.38 -10.00 -22.24
C GLU C 145 33.25 -10.62 -21.43
N SER C 146 33.02 -11.92 -21.56
CA SER C 146 31.94 -12.58 -20.84
C SER C 146 32.30 -12.80 -19.39
N ARG C 147 31.28 -12.79 -18.53
CA ARG C 147 31.49 -12.94 -17.10
C ARG C 147 30.20 -13.41 -16.45
N GLU C 148 30.32 -13.86 -15.21
CA GLU C 148 29.19 -14.28 -14.40
C GLU C 148 28.73 -13.13 -13.52
N VAL C 149 27.42 -12.88 -13.50
CA VAL C 149 26.79 -11.90 -12.62
C VAL C 149 26.07 -12.68 -11.54
N SER C 150 26.40 -12.41 -10.28
CA SER C 150 25.77 -13.14 -9.19
C SER C 150 24.38 -12.57 -8.90
N TYR C 151 23.65 -13.28 -8.04
CA TYR C 151 22.36 -12.76 -7.60
C TYR C 151 22.52 -11.49 -6.78
N GLU C 152 23.60 -11.38 -6.01
CA GLU C 152 23.83 -10.18 -5.22
C GLU C 152 24.09 -8.98 -6.12
N GLU C 153 24.96 -9.13 -7.11
CA GLU C 153 25.26 -8.00 -8.00
C GLU C 153 24.03 -7.61 -8.81
N LEU C 154 23.29 -8.59 -9.31
CA LEU C 154 22.08 -8.30 -10.06
C LEU C 154 21.04 -7.59 -9.19
N MET C 155 20.87 -8.04 -7.95
CA MET C 155 19.91 -7.39 -7.06
C MET C 155 20.34 -5.97 -6.73
N GLN C 156 21.64 -5.75 -6.50
CA GLN C 156 22.12 -4.40 -6.21
C GLN C 156 21.92 -3.46 -7.39
N GLU C 157 22.22 -3.95 -8.61
CA GLU C 157 21.99 -3.14 -9.80
CA GLU C 157 21.99 -3.13 -9.80
C GLU C 157 20.51 -2.84 -10.00
N THR C 158 19.65 -3.84 -9.79
CA THR C 158 18.21 -3.62 -9.89
C THR C 158 17.76 -2.58 -8.88
N CYS C 159 18.26 -2.64 -7.66
CA CYS C 159 17.85 -1.70 -6.63
C CYS C 159 18.33 -0.28 -6.94
N ARG C 160 19.55 -0.15 -7.47
CA ARG C 160 20.04 1.17 -7.86
CA ARG C 160 20.03 1.17 -7.85
C ARG C 160 19.19 1.77 -8.96
N VAL C 161 18.83 0.97 -9.97
CA VAL C 161 18.01 1.49 -11.07
C VAL C 161 16.59 1.80 -10.58
N ALA C 162 16.05 0.99 -9.68
CA ALA C 162 14.74 1.27 -9.11
C ALA C 162 14.75 2.57 -8.32
N ASN C 163 15.83 2.83 -7.57
CA ASN C 163 15.95 4.10 -6.85
C ASN C 163 16.06 5.27 -7.81
N VAL C 164 16.80 5.10 -8.92
CA VAL C 164 16.87 6.14 -9.93
C VAL C 164 15.49 6.44 -10.52
N LEU C 165 14.73 5.39 -10.83
CA LEU C 165 13.40 5.56 -11.38
C LEU C 165 12.46 6.23 -10.39
N LYS C 166 12.58 5.89 -9.11
CA LYS C 166 11.78 6.56 -8.08
C LYS C 166 12.15 8.04 -7.98
N SER C 167 13.44 8.35 -8.10
CA SER C 167 13.86 9.75 -8.11
C SER C 167 13.34 10.48 -9.34
N TYR C 168 13.12 9.76 -10.44
CA TYR C 168 12.51 10.36 -11.62
C TYR C 168 11.01 10.61 -11.47
N GLY C 169 10.41 10.15 -10.37
CA GLY C 169 8.99 10.30 -10.17
C GLY C 169 8.15 9.13 -10.65
N VAL C 170 8.77 8.02 -11.03
CA VAL C 170 8.01 6.87 -11.52
C VAL C 170 7.23 6.26 -10.37
N LYS C 171 5.94 6.05 -10.58
CA LYS C 171 5.05 5.52 -9.57
C LYS C 171 4.56 4.14 -9.97
N LYS C 172 3.88 3.49 -9.02
CA LYS C 172 3.24 2.21 -9.29
C LYS C 172 2.20 2.37 -10.39
N GLY C 173 2.27 1.52 -11.40
CA GLY C 173 1.39 1.61 -12.54
C GLY C 173 1.88 2.49 -13.67
N ASP C 174 3.03 3.14 -13.52
CA ASP C 174 3.57 3.97 -14.59
C ASP C 174 4.33 3.14 -15.60
N ALA C 175 4.21 3.51 -16.87
CA ALA C 175 4.91 2.83 -17.95
C ALA C 175 6.33 3.39 -18.10
N VAL C 176 7.28 2.48 -18.27
CA VAL C 176 8.69 2.82 -18.49
C VAL C 176 9.14 2.07 -19.73
N SER C 177 9.57 2.81 -20.75
CA SER C 177 10.08 2.18 -21.96
C SER C 177 11.52 1.74 -21.78
N ILE C 178 11.85 0.59 -22.33
CA ILE C 178 13.20 0.02 -22.28
C ILE C 178 13.62 -0.29 -23.70
N TYR C 179 14.71 0.34 -24.15
CA TYR C 179 15.29 0.13 -25.48
C TYR C 179 16.72 -0.34 -25.27
N LEU C 180 16.89 -1.64 -25.05
CA LEU C 180 18.20 -2.14 -24.65
C LEU C 180 18.60 -3.35 -25.48
N PRO C 181 19.89 -3.49 -25.78
CA PRO C 181 20.37 -4.71 -26.42
C PRO C 181 20.51 -5.86 -25.42
N MET C 182 21.13 -6.97 -25.86
CA MET C 182 21.25 -8.17 -25.05
C MET C 182 22.43 -8.04 -24.08
N THR C 183 22.30 -7.09 -23.17
CA THR C 183 23.24 -6.93 -22.06
C THR C 183 22.55 -7.36 -20.78
N TRP C 184 23.35 -7.78 -19.79
CA TRP C 184 22.77 -8.31 -18.55
C TRP C 184 22.01 -7.24 -17.77
N GLN C 185 22.48 -5.99 -17.80
CA GLN C 185 21.81 -4.91 -17.09
C GLN C 185 20.36 -4.75 -17.54
N ALA C 186 20.04 -5.13 -18.77
CA ALA C 186 18.65 -5.10 -19.22
C ALA C 186 17.75 -5.83 -18.24
N ALA C 187 18.16 -7.03 -17.83
CA ALA C 187 17.40 -7.77 -16.83
C ALA C 187 17.17 -6.91 -15.60
N ALA C 188 18.23 -6.31 -15.06
CA ALA C 188 18.10 -5.41 -13.94
C ALA C 188 17.04 -4.35 -14.22
N ALA C 189 17.14 -3.70 -15.39
CA ALA C 189 16.17 -2.68 -15.74
C ALA C 189 14.75 -3.23 -15.66
N PHE C 190 14.52 -4.39 -16.28
CA PHE C 190 13.22 -5.04 -16.20
C PHE C 190 12.81 -5.15 -14.73
N LEU C 191 13.64 -5.83 -13.95
CA LEU C 191 13.28 -6.09 -12.57
C LEU C 191 13.15 -4.80 -11.79
N ALA C 192 13.93 -3.78 -12.16
CA ALA C 192 13.82 -2.49 -11.48
C ALA C 192 12.39 -1.99 -11.56
N CYS C 193 11.81 -2.01 -12.76
CA CYS C 193 10.41 -1.61 -12.90
C CYS C 193 9.52 -2.52 -12.06
N ALA C 194 9.74 -3.83 -12.15
CA ALA C 194 8.93 -4.77 -11.40
C ALA C 194 9.08 -4.57 -9.90
N ARG C 195 10.19 -3.97 -9.46
CA ARG C 195 10.36 -3.73 -8.04
C ARG C 195 9.50 -2.60 -7.53
N ILE C 196 9.23 -1.60 -8.36
CA ILE C 196 8.55 -0.39 -7.90
C ILE C 196 7.10 -0.33 -8.36
N GLY C 197 6.62 -1.39 -9.00
CA GLY C 197 5.30 -1.36 -9.57
C GLY C 197 5.18 -0.69 -10.91
N ALA C 198 6.30 -0.29 -11.50
CA ALA C 198 6.28 0.27 -12.84
C ALA C 198 6.02 -0.82 -13.87
N ILE C 199 5.27 -0.46 -14.91
CA ILE C 199 5.00 -1.36 -16.02
C ILE C 199 6.09 -1.12 -17.07
N HIS C 200 6.99 -2.08 -17.23
CA HIS C 200 8.03 -1.92 -18.23
C HIS C 200 7.52 -2.34 -19.60
N SER C 201 8.01 -1.65 -20.62
CA SER C 201 7.64 -1.89 -22.01
C SER C 201 8.94 -2.02 -22.80
N ALA C 202 9.33 -3.25 -23.09
CA ALA C 202 10.59 -3.51 -23.78
C ALA C 202 10.41 -3.32 -25.28
N VAL C 203 11.37 -2.64 -25.90
CA VAL C 203 11.38 -2.44 -27.34
C VAL C 203 12.64 -3.06 -27.90
N PHE C 204 12.46 -3.94 -28.89
CA PHE C 204 13.59 -4.63 -29.50
C PHE C 204 14.59 -3.62 -30.05
N ALA C 205 15.87 -3.82 -29.71
CA ALA C 205 16.90 -2.84 -30.05
C ALA C 205 17.13 -2.71 -31.55
N GLY C 206 16.68 -3.68 -32.34
CA GLY C 206 16.77 -3.56 -33.78
C GLY C 206 15.68 -2.73 -34.43
N PHE C 207 14.72 -2.23 -33.66
CA PHE C 207 13.65 -1.42 -34.21
C PHE C 207 14.17 -0.06 -34.63
N SER C 208 13.59 0.48 -35.70
CA SER C 208 13.97 1.79 -36.22
C SER C 208 13.40 2.89 -35.33
N ALA C 209 13.66 4.15 -35.71
CA ALA C 209 13.18 5.27 -34.93
C ALA C 209 11.66 5.35 -34.94
N GLU C 210 11.04 5.01 -36.06
CA GLU C 210 9.59 5.10 -36.17
C GLU C 210 8.88 4.05 -35.31
N SER C 211 9.39 2.82 -35.31
CA SER C 211 8.79 1.77 -34.49
C SER C 211 8.93 2.10 -33.00
N LEU C 212 10.13 2.53 -32.59
CA LEU C 212 10.36 2.90 -31.21
C LEU C 212 9.47 4.08 -30.82
N ARG C 213 9.33 5.06 -31.70
CA ARG C 213 8.47 6.20 -31.43
C ARG C 213 7.03 5.76 -31.25
N ASP C 214 6.56 4.87 -32.13
CA ASP C 214 5.17 4.41 -32.04
C ASP C 214 4.90 3.71 -30.72
N ARG C 215 5.80 2.81 -30.32
CA ARG C 215 5.61 2.07 -29.07
C ARG C 215 5.71 2.99 -27.86
N VAL C 216 6.67 3.91 -27.88
CA VAL C 216 6.86 4.84 -26.76
C VAL C 216 5.65 5.76 -26.62
N ASN C 217 5.12 6.25 -27.74
CA ASN C 217 3.93 7.09 -27.70
C ASN C 217 2.72 6.30 -27.22
N ASP C 218 2.56 5.05 -27.68
CA ASP C 218 1.39 4.28 -27.27
C ASP C 218 1.41 3.97 -25.79
N CYS C 219 2.58 3.61 -25.24
CA CYS C 219 2.62 3.29 -23.82
C CYS C 219 2.55 4.54 -22.94
N GLU C 220 2.75 5.73 -23.51
CA GLU C 220 2.67 7.00 -22.80
C GLU C 220 3.68 7.09 -21.66
N CYS C 221 4.82 6.43 -21.82
CA CYS C 221 5.87 6.49 -20.81
C CYS C 221 6.45 7.90 -20.71
N LYS C 222 6.94 8.24 -19.52
CA LYS C 222 7.70 9.46 -19.32
C LYS C 222 9.18 9.20 -19.13
N VAL C 223 9.59 7.95 -18.97
CA VAL C 223 10.99 7.58 -18.76
C VAL C 223 11.34 6.49 -19.75
N LEU C 224 12.50 6.62 -20.39
CA LEU C 224 13.03 5.61 -21.29
C LEU C 224 14.40 5.17 -20.82
N ILE C 225 14.60 3.86 -20.73
CA ILE C 225 15.89 3.27 -20.38
C ILE C 225 16.51 2.76 -21.67
N THR C 226 17.73 3.20 -21.96
CA THR C 226 18.38 2.85 -23.22
C THR C 226 19.89 2.81 -23.01
N THR C 227 20.62 2.54 -24.08
CA THR C 227 22.06 2.45 -24.06
C THR C 227 22.65 3.43 -25.06
N ASP C 228 23.94 3.73 -24.91
CA ASP C 228 24.59 4.60 -25.89
C ASP C 228 24.70 3.92 -27.24
N GLU C 229 25.22 2.70 -27.27
CA GLU C 229 25.31 1.89 -28.48
C GLU C 229 25.23 0.42 -28.09
N GLY C 230 24.85 -0.41 -29.05
CA GLY C 230 24.81 -1.84 -28.88
C GLY C 230 25.89 -2.50 -29.72
N ARG C 231 26.37 -3.65 -29.26
CA ARG C 231 27.37 -4.44 -29.99
C ARG C 231 26.79 -5.83 -30.24
N ARG C 232 26.45 -6.10 -31.50
CA ARG C 232 25.87 -7.39 -31.88
C ARG C 232 26.53 -7.87 -33.15
N GLY C 233 27.10 -9.08 -33.11
CA GLY C 233 27.78 -9.64 -34.26
C GLY C 233 28.96 -8.83 -34.72
N GLY C 234 29.70 -8.22 -33.80
CA GLY C 234 30.76 -7.32 -34.16
C GLY C 234 30.30 -6.00 -34.74
N LYS C 235 29.00 -5.78 -34.83
CA LYS C 235 28.44 -4.59 -35.45
C LYS C 235 27.91 -3.64 -34.39
N THR C 236 27.95 -2.35 -34.71
CA THR C 236 27.50 -1.30 -33.81
C THR C 236 26.08 -0.88 -34.16
N ILE C 237 25.19 -0.93 -33.18
CA ILE C 237 23.84 -0.39 -33.28
C ILE C 237 23.85 0.98 -32.63
N ALA C 238 23.58 2.01 -33.44
CA ALA C 238 23.52 3.39 -32.93
C ALA C 238 22.21 3.59 -32.19
N THR C 239 22.16 3.01 -30.99
CA THR C 239 20.92 2.99 -30.21
C THR C 239 20.51 4.39 -29.77
N LYS C 240 21.47 5.18 -29.27
CA LYS C 240 21.14 6.51 -28.77
C LYS C 240 20.74 7.46 -29.91
N GLN C 241 21.34 7.31 -31.09
CA GLN C 241 20.93 8.11 -32.23
CA GLN C 241 20.93 8.11 -32.23
C GLN C 241 19.48 7.83 -32.61
N ILE C 242 19.11 6.55 -32.66
CA ILE C 242 17.73 6.18 -32.95
C ILE C 242 16.81 6.70 -31.87
N VAL C 243 17.27 6.66 -30.61
CA VAL C 243 16.48 7.17 -29.50
C VAL C 243 16.22 8.67 -29.66
N ASP C 244 17.25 9.43 -30.05
CA ASP C 244 17.08 10.86 -30.27
C ASP C 244 16.11 11.13 -31.41
N ALA C 245 16.26 10.40 -32.52
CA ALA C 245 15.36 10.58 -33.64
C ALA C 245 13.92 10.27 -33.26
N ALA C 246 13.70 9.23 -32.45
CA ALA C 246 12.35 8.85 -32.05
C ALA C 246 11.78 9.84 -31.04
N LEU C 247 12.59 10.27 -30.07
CA LEU C 247 12.15 11.21 -29.05
C LEU C 247 11.90 12.59 -29.62
N GLN C 248 12.38 12.88 -30.83
CA GLN C 248 11.97 14.11 -31.50
C GLN C 248 10.45 14.16 -31.70
N GLN C 249 9.76 13.02 -31.67
CA GLN C 249 8.31 12.95 -31.80
C GLN C 249 7.66 12.24 -30.62
N CYS C 250 8.28 12.29 -29.44
CA CYS C 250 7.74 11.65 -28.23
C CYS C 250 7.68 12.67 -27.13
N PRO C 251 6.63 13.51 -27.10
CA PRO C 251 6.60 14.62 -26.13
C PRO C 251 6.59 14.20 -24.67
N LEU C 252 5.97 13.07 -24.33
CA LEU C 252 5.77 12.73 -22.93
C LEU C 252 7.03 12.27 -22.23
N VAL C 253 8.08 11.91 -22.96
CA VAL C 253 9.30 11.40 -22.35
C VAL C 253 10.09 12.57 -21.80
N GLU C 254 10.35 12.53 -20.49
CA GLU C 254 11.08 13.59 -19.80
C GLU C 254 12.47 13.15 -19.34
N ASN C 255 12.64 11.89 -18.98
CA ASN C 255 13.91 11.39 -18.48
C ASN C 255 14.37 10.22 -19.34
N VAL C 256 15.65 10.23 -19.69
CA VAL C 256 16.28 9.13 -20.40
C VAL C 256 17.48 8.69 -19.59
N LEU C 257 17.52 7.39 -19.28
CA LEU C 257 18.64 6.79 -18.58
C LEU C 257 19.44 5.99 -19.61
N VAL C 258 20.72 6.32 -19.74
CA VAL C 258 21.56 5.79 -20.81
C VAL C 258 22.65 4.93 -20.20
N LEU C 259 22.66 3.65 -20.58
CA LEU C 259 23.70 2.73 -20.15
C LEU C 259 24.94 2.91 -21.03
N ARG C 260 26.09 3.10 -20.41
CA ARG C 260 27.36 3.26 -21.12
C ARG C 260 27.90 1.88 -21.46
N ARG C 261 27.37 1.31 -22.52
CA ARG C 261 27.75 -0.04 -22.92
C ARG C 261 29.08 -0.04 -23.67
N THR C 262 29.21 0.80 -24.69
CA THR C 262 30.42 0.84 -25.50
C THR C 262 31.38 1.95 -25.10
N GLY C 263 30.88 3.06 -24.56
CA GLY C 263 31.72 4.17 -24.19
C GLY C 263 32.06 5.13 -25.31
N ASN C 264 31.56 4.89 -26.51
CA ASN C 264 31.80 5.82 -27.61
C ASN C 264 30.95 7.07 -27.44
N LYS C 265 31.36 8.15 -28.11
CA LYS C 265 30.68 9.42 -27.98
C LYS C 265 29.30 9.36 -28.61
N VAL C 266 28.29 9.75 -27.84
CA VAL C 266 26.91 9.85 -28.34
C VAL C 266 26.36 11.19 -27.88
N PRO C 267 25.42 11.78 -28.61
CA PRO C 267 24.80 13.03 -28.13
C PRO C 267 24.00 12.80 -26.85
N MET C 268 24.15 13.73 -25.92
CA MET C 268 23.48 13.68 -24.62
C MET C 268 22.75 15.00 -24.41
N THR C 269 21.43 14.96 -24.41
CA THR C 269 20.63 16.16 -24.19
C THR C 269 20.69 16.57 -22.72
N GLU C 270 20.94 17.85 -22.48
CA GLU C 270 21.03 18.36 -21.12
C GLU C 270 19.69 18.24 -20.41
N GLY C 271 19.73 17.77 -19.17
CA GLY C 271 18.51 17.58 -18.38
C GLY C 271 17.74 16.33 -18.68
N ARG C 272 17.47 16.05 -19.96
CA ARG C 272 16.69 14.88 -20.32
C ARG C 272 17.49 13.59 -20.17
N ASP C 273 18.75 13.59 -20.59
CA ASP C 273 19.57 12.39 -20.63
C ASP C 273 20.55 12.37 -19.46
N LYS C 274 20.61 11.24 -18.78
CA LYS C 274 21.56 11.03 -17.69
C LYS C 274 22.21 9.67 -17.86
N TRP C 275 23.48 9.59 -17.51
CA TRP C 275 24.21 8.33 -17.60
C TRP C 275 23.75 7.38 -16.50
N TRP C 276 23.63 6.10 -16.88
CA TRP C 276 23.16 5.07 -15.94
C TRP C 276 24.09 4.95 -14.75
N ASP C 277 25.40 4.92 -15.00
CA ASP C 277 26.35 4.71 -13.91
C ASP C 277 26.38 5.90 -12.95
N GLU C 278 26.32 7.13 -13.49
CA GLU C 278 26.34 8.31 -12.65
C GLU C 278 25.10 8.40 -11.77
N GLU C 279 23.93 8.11 -12.33
CA GLU C 279 22.70 8.11 -11.55
C GLU C 279 22.71 7.00 -10.51
N CYS C 280 23.18 5.82 -10.89
CA CYS C 280 23.19 4.69 -9.96
C CYS C 280 24.21 4.85 -8.86
N ALA C 281 25.27 5.63 -9.09
CA ALA C 281 26.27 5.84 -8.04
C ALA C 281 25.71 6.66 -6.88
N LYS C 282 24.72 7.50 -7.14
CA LYS C 282 24.12 8.33 -6.08
C LYS C 282 23.08 7.59 -5.26
N MET C 283 22.66 6.43 -5.69
CA MET C 283 21.57 5.70 -5.09
C MET C 283 22.07 4.56 -4.22
N PRO C 284 21.29 4.17 -3.20
CA PRO C 284 21.66 3.01 -2.39
C PRO C 284 21.52 1.72 -3.19
N ALA C 285 22.26 0.71 -2.75
CA ALA C 285 22.25 -0.59 -3.41
C ALA C 285 21.07 -1.46 -2.99
N TYR C 286 20.19 -0.97 -2.13
CA TYR C 286 18.94 -1.66 -1.82
C TYR C 286 17.77 -0.72 -2.04
N CYS C 287 16.65 -1.28 -2.48
CA CYS C 287 15.40 -0.59 -2.68
C CYS C 287 14.29 -1.51 -2.17
N PRO C 288 13.32 -0.98 -1.42
CA PRO C 288 12.20 -1.80 -0.97
C PRO C 288 11.35 -2.28 -2.14
N CYS C 289 10.82 -3.49 -2.01
CA CYS C 289 9.89 -4.05 -2.99
C CYS C 289 8.50 -3.50 -2.73
N GLU C 290 7.88 -2.97 -3.79
CA GLU C 290 6.52 -2.46 -3.67
C GLU C 290 5.55 -3.64 -3.71
N ARG C 291 4.60 -3.67 -2.78
CA ARG C 291 3.66 -4.78 -2.68
C ARG C 291 2.61 -4.65 -3.77
N MET C 292 2.60 -5.61 -4.69
CA MET C 292 1.82 -5.53 -5.90
C MET C 292 0.68 -6.54 -5.85
N ALA C 293 -0.50 -6.12 -6.30
CA ALA C 293 -1.60 -7.06 -6.45
C ALA C 293 -1.27 -8.08 -7.53
N SER C 294 -1.94 -9.23 -7.46
CA SER C 294 -1.73 -10.29 -8.44
CA SER C 294 -1.72 -10.29 -8.44
C SER C 294 -2.06 -9.81 -9.85
N GLU C 295 -3.15 -9.06 -9.99
CA GLU C 295 -3.61 -8.60 -11.29
C GLU C 295 -3.07 -7.24 -11.68
N ASP C 296 -2.13 -6.70 -10.91
CA ASP C 296 -1.43 -5.51 -11.34
C ASP C 296 -0.60 -5.82 -12.59
N PRO C 297 -0.62 -4.97 -13.61
CA PRO C 297 0.10 -5.28 -14.85
C PRO C 297 1.60 -5.33 -14.63
N LEU C 298 2.19 -6.51 -14.91
CA LEU C 298 3.64 -6.64 -14.81
C LEU C 298 4.33 -5.91 -15.95
N PHE C 299 3.87 -6.10 -17.19
CA PHE C 299 4.56 -5.43 -18.28
C PHE C 299 3.65 -5.33 -19.50
N ILE C 300 4.09 -4.48 -20.43
CA ILE C 300 3.52 -4.35 -21.75
C ILE C 300 4.59 -4.79 -22.74
N LEU C 301 4.22 -5.67 -23.66
CA LEU C 301 5.10 -6.08 -24.74
C LEU C 301 4.38 -5.82 -26.06
N TYR C 302 4.99 -5.02 -26.93
CA TYR C 302 4.35 -4.69 -28.19
C TYR C 302 4.66 -5.75 -29.22
N THR C 303 3.61 -6.21 -29.91
CA THR C 303 3.75 -7.16 -31.00
C THR C 303 4.43 -6.50 -32.19
N SER C 304 5.41 -7.19 -32.77
CA SER C 304 6.10 -6.68 -33.94
C SER C 304 5.25 -6.85 -35.20
N GLY C 308 -2.23 -2.34 -37.95
CA GLY C 308 -1.55 -1.07 -38.14
C GLY C 308 -0.74 -0.66 -36.93
N LYS C 309 -1.40 -0.10 -35.94
CA LYS C 309 -0.72 0.26 -34.70
C LYS C 309 -0.28 -1.01 -33.98
N PRO C 310 0.96 -1.07 -33.50
CA PRO C 310 1.39 -2.25 -32.72
C PRO C 310 0.53 -2.41 -31.48
N LYS C 311 0.23 -3.67 -31.14
CA LYS C 311 -0.62 -3.98 -30.02
C LYS C 311 0.24 -4.29 -28.80
N GLY C 312 -0.01 -3.57 -27.70
CA GLY C 312 0.70 -3.82 -26.47
C GLY C 312 0.04 -4.87 -25.60
N VAL C 313 0.52 -6.11 -25.72
CA VAL C 313 0.00 -7.19 -24.88
C VAL C 313 0.41 -6.93 -23.44
N VAL C 314 -0.56 -6.99 -22.54
CA VAL C 314 -0.35 -6.68 -21.14
C VAL C 314 -0.35 -7.97 -20.34
N HIS C 315 0.66 -8.14 -19.49
CA HIS C 315 0.73 -9.29 -18.60
C HIS C 315 0.73 -8.80 -17.15
N SER C 316 -0.11 -9.43 -16.35
CA SER C 316 -0.18 -9.20 -14.92
C SER C 316 0.97 -9.93 -14.22
N THR C 317 1.01 -9.84 -12.90
CA THR C 317 2.19 -10.27 -12.16
C THR C 317 2.14 -11.74 -11.76
N ALA C 318 1.17 -12.11 -10.91
CA ALA C 318 1.24 -13.41 -10.26
C ALA C 318 0.99 -14.55 -11.23
N GLY C 319 -0.04 -14.43 -12.07
CA GLY C 319 -0.35 -15.50 -12.99
C GLY C 319 0.76 -15.73 -14.01
N TYR C 320 1.28 -14.63 -14.57
CA TYR C 320 2.37 -14.74 -15.53
C TYR C 320 3.62 -15.31 -14.89
N LEU C 321 3.97 -14.83 -13.69
CA LEU C 321 5.15 -15.33 -13.00
C LEU C 321 5.02 -16.81 -12.70
N LEU C 322 3.85 -17.24 -12.21
CA LEU C 322 3.62 -18.65 -11.95
C LEU C 322 3.72 -19.47 -13.23
N GLY C 323 3.11 -19.00 -14.31
CA GLY C 323 3.14 -19.74 -15.56
C GLY C 323 4.54 -19.91 -16.09
N THR C 324 5.31 -18.82 -16.12
CA THR C 324 6.68 -18.90 -16.64
C THR C 324 7.57 -19.75 -15.74
N ALA C 325 7.42 -19.63 -14.41
CA ALA C 325 8.23 -20.44 -13.51
C ALA C 325 7.90 -21.92 -13.67
N LEU C 326 6.61 -22.27 -13.78
CA LEU C 326 6.24 -23.67 -13.92
C LEU C 326 6.67 -24.23 -15.27
N THR C 327 6.51 -23.47 -16.35
CA THR C 327 6.96 -23.95 -17.66
C THR C 327 8.47 -24.12 -17.67
N LEU C 328 9.21 -23.20 -17.05
CA LEU C 328 10.66 -23.33 -16.97
C LEU C 328 11.05 -24.57 -16.18
N LYS C 329 10.36 -24.84 -15.08
CA LYS C 329 10.71 -25.98 -14.25
C LYS C 329 10.36 -27.31 -14.93
N TYR C 330 9.24 -27.36 -15.65
CA TYR C 330 8.73 -28.64 -16.15
C TYR C 330 9.07 -28.91 -17.61
N VAL C 331 8.86 -27.95 -18.50
CA VAL C 331 9.14 -28.15 -19.91
C VAL C 331 10.63 -28.35 -20.15
N PHE C 332 11.49 -27.69 -19.37
CA PHE C 332 12.92 -27.80 -19.53
C PHE C 332 13.58 -28.61 -18.42
N ASP C 333 12.78 -29.16 -17.50
CA ASP C 333 13.28 -30.00 -16.41
C ASP C 333 14.37 -29.28 -15.62
N ALA C 334 14.13 -28.01 -15.33
CA ALA C 334 15.10 -27.20 -14.63
C ALA C 334 15.27 -27.68 -13.19
N HIS C 335 16.50 -27.64 -12.71
CA HIS C 335 16.86 -28.03 -11.36
C HIS C 335 17.71 -26.92 -10.75
N PRO C 336 17.79 -26.85 -9.42
CA PRO C 336 18.39 -25.67 -8.79
C PRO C 336 19.80 -25.33 -9.26
N ASP C 337 20.61 -26.32 -9.60
CA ASP C 337 21.97 -26.07 -10.05
C ASP C 337 22.10 -25.93 -11.56
N ASP C 338 20.98 -25.87 -12.28
CA ASP C 338 21.01 -25.84 -13.74
C ASP C 338 21.46 -24.48 -14.26
N ARG C 339 21.93 -24.48 -15.50
CA ARG C 339 22.39 -23.28 -16.20
C ARG C 339 21.58 -23.16 -17.49
N PHE C 340 20.44 -22.47 -17.40
CA PHE C 340 19.56 -22.31 -18.55
C PHE C 340 20.16 -21.35 -19.57
N ALA C 341 20.09 -21.73 -20.85
CA ALA C 341 20.65 -20.93 -21.94
C ALA C 341 19.59 -20.74 -23.01
N CYS C 342 18.79 -19.70 -22.84
CA CYS C 342 17.87 -19.25 -23.88
C CYS C 342 18.55 -18.15 -24.67
N MET C 343 18.62 -18.31 -25.99
CA MET C 343 19.36 -17.39 -26.83
C MET C 343 18.44 -16.52 -27.67
N ALA C 344 17.26 -16.20 -27.14
CA ALA C 344 16.35 -15.25 -27.76
C ALA C 344 16.74 -13.84 -27.34
N ASP C 345 15.90 -12.87 -27.66
CA ASP C 345 16.13 -11.48 -27.30
C ASP C 345 15.13 -11.05 -26.23
N ILE C 346 15.59 -10.23 -25.30
CA ILE C 346 14.71 -9.71 -24.25
C ILE C 346 13.64 -8.78 -24.79
N GLY C 347 13.73 -8.39 -26.05
CA GLY C 347 12.71 -7.60 -26.69
C GLY C 347 11.50 -8.37 -27.14
N TRP C 348 11.52 -9.69 -27.01
CA TRP C 348 10.39 -10.55 -27.37
C TRP C 348 9.90 -11.30 -26.13
N ILE C 349 8.77 -11.98 -26.30
CA ILE C 349 8.16 -12.69 -25.19
C ILE C 349 9.01 -13.86 -24.72
N THR C 350 9.79 -14.45 -25.64
CA THR C 350 10.71 -15.52 -25.24
C THR C 350 11.77 -14.99 -24.28
N GLY C 351 12.33 -13.82 -24.57
CA GLY C 351 13.27 -13.21 -23.64
C GLY C 351 12.62 -12.79 -22.33
N HIS C 352 11.37 -12.34 -22.39
CA HIS C 352 10.65 -12.00 -21.17
C HIS C 352 10.47 -13.22 -20.27
N SER C 353 10.06 -14.34 -20.86
CA SER C 353 9.63 -15.51 -20.09
C SER C 353 10.80 -16.42 -19.70
N TYR C 354 11.69 -16.74 -20.63
CA TYR C 354 12.67 -17.79 -20.42
C TYR C 354 14.11 -17.28 -20.50
N ILE C 355 14.33 -15.97 -20.49
CA ILE C 355 15.62 -15.41 -20.18
C ILE C 355 15.62 -14.74 -18.81
N ILE C 356 14.53 -14.06 -18.47
CA ILE C 356 14.48 -13.20 -17.28
C ILE C 356 13.56 -13.78 -16.21
N TYR C 357 12.26 -13.89 -16.50
CA TYR C 357 11.31 -14.09 -15.42
C TYR C 357 11.27 -15.55 -14.97
N GLY C 358 11.16 -16.49 -15.91
CA GLY C 358 11.10 -17.89 -15.59
C GLY C 358 12.30 -18.42 -14.84
N PRO C 359 13.50 -18.32 -15.44
CA PRO C 359 14.69 -18.85 -14.77
C PRO C 359 15.02 -18.16 -13.45
N LEU C 360 14.84 -16.83 -13.37
CA LEU C 360 15.18 -16.13 -12.14
C LEU C 360 14.13 -16.34 -11.05
N ALA C 361 12.88 -16.56 -11.43
CA ALA C 361 11.87 -16.96 -10.44
C ALA C 361 12.21 -18.31 -9.85
N ASN C 362 12.75 -19.22 -10.65
CA ASN C 362 13.18 -20.52 -10.18
C ASN C 362 14.51 -20.47 -9.44
N GLY C 363 15.24 -19.36 -9.51
CA GLY C 363 16.50 -19.24 -8.80
C GLY C 363 17.65 -19.97 -9.43
N ILE C 364 17.61 -20.21 -10.73
CA ILE C 364 18.67 -20.90 -11.43
C ILE C 364 19.48 -19.88 -12.23
N THR C 365 20.58 -20.33 -12.80
CA THR C 365 21.38 -19.47 -13.66
C THR C 365 20.77 -19.41 -15.05
N THR C 366 20.59 -18.21 -15.56
CA THR C 366 20.14 -17.97 -16.92
C THR C 366 21.26 -17.32 -17.71
N ALA C 367 21.16 -17.39 -19.03
CA ALA C 367 22.17 -16.82 -19.92
C ALA C 367 21.61 -15.60 -20.63
N VAL C 368 22.43 -14.57 -20.75
CA VAL C 368 22.14 -13.42 -21.59
C VAL C 368 23.21 -13.39 -22.67
N PHE C 369 22.82 -13.73 -23.89
CA PHE C 369 23.74 -13.87 -25.01
C PHE C 369 23.67 -12.61 -25.88
N GLU C 370 24.80 -11.92 -25.99
CA GLU C 370 24.81 -10.64 -26.69
C GLU C 370 25.12 -10.75 -28.18
N SER C 371 25.79 -11.82 -28.60
CA SER C 371 26.27 -11.93 -29.97
C SER C 371 25.22 -12.59 -30.86
N THR C 372 25.63 -12.96 -32.07
CA THR C 372 24.85 -13.72 -33.02
C THR C 372 25.32 -15.17 -33.05
N PRO C 373 24.52 -16.10 -33.59
CA PRO C 373 24.98 -17.49 -33.68
C PRO C 373 26.23 -17.69 -34.52
N VAL C 374 26.54 -16.77 -35.43
CA VAL C 374 27.67 -16.93 -36.35
C VAL C 374 28.77 -15.90 -36.10
N TYR C 375 28.85 -15.35 -34.90
CA TYR C 375 29.92 -14.43 -34.57
C TYR C 375 30.65 -14.90 -33.33
N PRO C 376 31.98 -14.98 -33.35
CA PRO C 376 32.86 -14.70 -34.50
C PRO C 376 32.85 -15.82 -35.53
N THR C 377 32.49 -17.04 -35.13
CA THR C 377 32.39 -18.19 -36.00
C THR C 377 31.06 -18.88 -35.77
N PRO C 378 30.61 -19.71 -36.72
CA PRO C 378 29.34 -20.44 -36.53
C PRO C 378 29.37 -21.46 -35.40
N SER C 379 30.45 -21.57 -34.65
CA SER C 379 30.52 -22.47 -33.51
C SER C 379 30.27 -21.76 -32.18
N ARG C 380 29.73 -20.53 -32.22
CA ARG C 380 29.59 -19.73 -31.01
C ARG C 380 28.64 -20.37 -30.01
N TYR C 381 27.52 -20.93 -30.48
CA TYR C 381 26.57 -21.57 -29.57
C TYR C 381 27.24 -22.72 -28.81
N TRP C 382 27.99 -23.55 -29.52
CA TRP C 382 28.61 -24.73 -28.92
C TRP C 382 29.83 -24.36 -28.08
N ASP C 383 30.59 -23.36 -28.50
CA ASP C 383 31.65 -22.84 -27.63
C ASP C 383 31.08 -22.30 -26.33
N PHE C 384 29.96 -21.58 -26.41
CA PHE C 384 29.30 -21.06 -25.21
C PHE C 384 28.83 -22.19 -24.31
N VAL C 385 28.18 -23.20 -24.89
CA VAL C 385 27.67 -24.33 -24.11
C VAL C 385 28.81 -25.07 -23.43
N ASP C 386 29.90 -25.32 -24.16
CA ASP C 386 31.04 -26.01 -23.56
C ASP C 386 31.70 -25.17 -22.47
N LYS C 387 31.87 -23.88 -22.72
CA LYS C 387 32.56 -23.02 -21.75
C LYS C 387 31.77 -22.88 -20.46
N TRP C 388 30.45 -22.71 -20.57
CA TRP C 388 29.62 -22.50 -19.39
C TRP C 388 28.90 -23.74 -18.92
N LYS C 389 29.09 -24.88 -19.60
CA LYS C 389 28.46 -26.14 -19.23
C LYS C 389 26.95 -25.98 -19.11
N ALA C 390 26.34 -25.41 -20.15
CA ALA C 390 24.91 -25.18 -20.16
C ALA C 390 24.15 -26.50 -20.12
N THR C 391 23.12 -26.55 -19.26
CA THR C 391 22.31 -27.74 -19.11
C THR C 391 21.09 -27.76 -20.02
N GLN C 392 20.64 -26.60 -20.46
CA GLN C 392 19.50 -26.50 -21.38
C GLN C 392 19.84 -25.49 -22.46
N LEU C 393 19.23 -25.68 -23.63
CA LEU C 393 19.38 -24.76 -24.75
C LEU C 393 18.00 -24.46 -25.31
N TYR C 394 17.70 -23.18 -25.49
CA TYR C 394 16.42 -22.71 -26.01
C TYR C 394 16.73 -21.73 -27.13
N THR C 395 16.54 -22.17 -28.38
CA THR C 395 16.81 -21.34 -29.54
C THR C 395 15.60 -21.35 -30.45
N ALA C 396 15.72 -20.67 -31.55
CA ALA C 396 14.71 -20.59 -32.58
C ALA C 396 15.12 -21.42 -33.79
N PRO C 397 14.15 -21.94 -34.55
CA PRO C 397 14.50 -22.72 -35.75
C PRO C 397 15.31 -21.95 -36.77
N THR C 398 15.20 -20.61 -36.80
CA THR C 398 15.99 -19.82 -37.73
C THR C 398 17.48 -19.95 -37.44
N ALA C 399 17.87 -19.82 -36.17
CA ALA C 399 19.28 -19.95 -35.80
C ALA C 399 19.81 -21.35 -36.07
N ILE C 400 19.00 -22.38 -35.77
CA ILE C 400 19.42 -23.75 -36.02
C ILE C 400 19.58 -24.01 -37.51
N ARG C 401 18.66 -23.48 -38.32
CA ARG C 401 18.76 -23.65 -39.77
C ARG C 401 19.99 -22.94 -40.32
N LEU C 402 20.30 -21.75 -39.79
CA LEU C 402 21.51 -21.05 -40.22
C LEU C 402 22.75 -21.85 -39.85
N LEU C 403 22.80 -22.39 -38.64
CA LEU C 403 23.95 -23.18 -38.22
C LEU C 403 24.08 -24.45 -39.05
N ARG C 404 22.95 -25.08 -39.38
CA ARG C 404 22.99 -26.27 -40.23
C ARG C 404 23.51 -25.93 -41.62
N ARG C 405 23.08 -24.81 -42.18
CA ARG C 405 23.61 -24.36 -43.46
C ARG C 405 25.08 -23.95 -43.36
N MET C 406 25.57 -23.68 -42.15
CA MET C 406 26.96 -23.31 -41.96
C MET C 406 27.90 -24.52 -41.92
N GLY C 407 27.38 -25.73 -41.94
CA GLY C 407 28.21 -26.92 -41.96
C GLY C 407 28.34 -27.57 -40.59
N GLU C 408 28.65 -28.86 -40.60
CA GLU C 408 28.77 -29.64 -39.38
C GLU C 408 30.14 -29.53 -38.72
N ASP C 409 31.12 -28.92 -39.39
CA ASP C 409 32.45 -28.79 -38.83
C ASP C 409 32.48 -27.92 -37.58
N HIS C 410 31.48 -27.06 -37.40
CA HIS C 410 31.46 -26.15 -36.26
C HIS C 410 30.81 -26.75 -35.01
N VAL C 411 30.14 -27.90 -35.13
CA VAL C 411 29.40 -28.47 -34.01
C VAL C 411 29.87 -29.88 -33.70
N LYS C 412 30.42 -30.56 -34.72
CA LYS C 412 30.72 -31.99 -34.58
C LYS C 412 31.79 -32.27 -33.53
N ASN C 413 32.71 -31.34 -33.29
CA ASN C 413 33.86 -31.58 -32.42
C ASN C 413 33.68 -31.02 -31.02
N HIS C 414 32.47 -30.57 -30.67
CA HIS C 414 32.23 -30.00 -29.35
C HIS C 414 31.67 -31.06 -28.41
N ASP C 415 32.01 -30.93 -27.13
CA ASP C 415 31.55 -31.85 -26.10
C ASP C 415 30.04 -31.83 -25.94
N LEU C 416 29.50 -30.70 -25.47
CA LEU C 416 28.07 -30.46 -25.32
C LEU C 416 27.36 -31.47 -24.45
N SER C 417 28.09 -32.20 -23.59
CA SER C 417 27.48 -33.26 -22.81
C SER C 417 26.69 -32.74 -21.62
N SER C 418 26.96 -31.50 -21.18
CA SER C 418 26.19 -30.93 -20.08
C SER C 418 24.74 -30.70 -20.47
N LEU C 419 24.46 -30.64 -21.77
CA LEU C 419 23.11 -30.39 -22.24
C LEU C 419 22.19 -31.58 -21.95
N ARG C 420 20.96 -31.28 -21.58
CA ARG C 420 19.92 -32.29 -21.36
C ARG C 420 18.67 -32.03 -22.17
N VAL C 421 18.30 -30.77 -22.37
CA VAL C 421 17.08 -30.39 -23.07
C VAL C 421 17.44 -29.38 -24.14
N LEU C 422 16.96 -29.61 -25.36
CA LEU C 422 17.13 -28.69 -26.47
C LEU C 422 15.75 -28.16 -26.85
N GLY C 423 15.60 -26.83 -26.82
CA GLY C 423 14.31 -26.19 -27.03
C GLY C 423 14.27 -25.43 -28.34
N SER C 424 13.12 -25.47 -28.99
CA SER C 424 12.86 -24.73 -30.22
C SER C 424 11.58 -23.92 -30.05
N VAL C 425 11.61 -22.67 -30.50
CA VAL C 425 10.47 -21.77 -30.31
C VAL C 425 10.44 -20.75 -31.44
N GLY C 426 9.24 -20.40 -31.88
CA GLY C 426 9.05 -19.28 -32.78
C GLY C 426 8.35 -19.61 -34.08
N GLU C 427 8.64 -20.79 -34.62
CA GLU C 427 8.07 -21.22 -35.88
C GLU C 427 8.15 -22.75 -35.93
N PRO C 428 7.37 -23.39 -36.80
CA PRO C 428 7.50 -24.84 -36.93
C PRO C 428 8.89 -25.21 -37.43
N ILE C 429 9.47 -26.23 -36.82
CA ILE C 429 10.83 -26.66 -37.12
C ILE C 429 10.74 -27.86 -38.08
N ASN C 430 11.40 -27.74 -39.22
CA ASN C 430 11.33 -28.77 -40.23
C ASN C 430 12.00 -30.06 -39.73
N PRO C 431 11.57 -31.22 -40.22
CA PRO C 431 12.19 -32.47 -39.78
C PRO C 431 13.69 -32.51 -39.99
N GLU C 432 14.20 -31.92 -41.09
CA GLU C 432 15.64 -31.88 -41.30
C GLU C 432 16.32 -31.03 -40.24
N ALA C 433 15.75 -29.85 -39.96
CA ALA C 433 16.31 -29.00 -38.90
C ALA C 433 16.19 -29.65 -37.54
N TRP C 434 15.08 -30.33 -37.28
CA TRP C 434 14.91 -31.05 -36.02
C TRP C 434 15.97 -32.13 -35.86
N HIS C 435 16.24 -32.88 -36.92
CA HIS C 435 17.21 -33.95 -36.85
C HIS C 435 18.62 -33.41 -36.72
N TRP C 436 18.94 -32.31 -37.40
CA TRP C 436 20.24 -31.68 -37.22
C TRP C 436 20.40 -31.19 -35.77
N TYR C 437 19.35 -30.62 -35.20
CA TYR C 437 19.36 -30.20 -33.80
C TYR C 437 19.62 -31.39 -32.88
N ASN C 438 18.93 -32.50 -33.12
CA ASN C 438 19.05 -33.67 -32.25
C ASN C 438 20.42 -34.34 -32.37
N ASP C 439 20.87 -34.58 -33.60
CA ASP C 439 22.07 -35.38 -33.82
C ASP C 439 23.34 -34.63 -33.53
N PHE C 440 23.41 -33.35 -33.90
CA PHE C 440 24.64 -32.58 -33.82
C PHE C 440 24.77 -31.78 -32.53
N ALA C 441 23.68 -31.18 -32.04
CA ALA C 441 23.74 -30.37 -30.84
C ALA C 441 23.53 -31.18 -29.57
N GLY C 442 22.67 -32.18 -29.62
CA GLY C 442 22.43 -33.02 -28.46
C GLY C 442 23.17 -34.34 -28.51
N LYS C 443 23.76 -34.66 -29.67
CA LYS C 443 24.45 -35.92 -29.91
C LYS C 443 23.53 -37.12 -29.62
N ASN C 444 22.26 -36.95 -29.96
CA ASN C 444 21.21 -37.96 -29.76
C ASN C 444 21.03 -38.32 -28.29
N GLN C 445 21.48 -37.47 -27.37
CA GLN C 445 21.37 -37.73 -25.95
C GLN C 445 20.61 -36.65 -25.20
N CYS C 446 20.04 -35.68 -25.91
CA CYS C 446 19.27 -34.60 -25.31
C CYS C 446 17.84 -34.67 -25.79
N ALA C 447 16.90 -34.41 -24.90
CA ALA C 447 15.51 -34.30 -25.29
C ALA C 447 15.28 -33.03 -26.11
N ILE C 448 14.43 -33.13 -27.11
CA ILE C 448 14.06 -32.00 -27.97
C ILE C 448 12.62 -31.63 -27.66
N VAL C 449 12.42 -30.40 -27.19
CA VAL C 449 11.09 -29.89 -26.88
C VAL C 449 10.74 -28.85 -27.93
N ASP C 450 9.63 -29.08 -28.63
CA ASP C 450 9.08 -28.11 -29.56
C ASP C 450 7.97 -27.37 -28.82
N THR C 451 8.32 -26.20 -28.29
CA THR C 451 7.40 -25.43 -27.45
C THR C 451 6.63 -24.45 -28.34
N TYR C 452 5.31 -24.59 -28.36
CA TYR C 452 4.43 -23.68 -29.06
C TYR C 452 3.72 -22.78 -28.06
N TRP C 453 3.73 -21.48 -28.33
CA TRP C 453 3.05 -20.47 -27.51
C TRP C 453 3.17 -19.15 -28.26
N MET C 454 2.58 -18.10 -27.69
CA MET C 454 2.65 -16.77 -28.27
C MET C 454 2.93 -15.75 -27.16
N THR C 455 2.92 -14.47 -27.55
CA THR C 455 3.05 -13.40 -26.57
C THR C 455 1.83 -13.36 -25.66
N GLU C 456 0.65 -13.63 -26.21
CA GLU C 456 -0.59 -13.56 -25.46
C GLU C 456 -0.80 -14.74 -24.51
N THR C 457 -0.10 -15.85 -24.73
CA THR C 457 -0.18 -16.96 -23.79
C THR C 457 0.72 -16.76 -22.58
N GLY C 458 1.73 -15.90 -22.68
CA GLY C 458 2.62 -15.62 -21.57
C GLY C 458 3.72 -16.64 -21.39
N SER C 459 3.34 -17.90 -21.27
CA SER C 459 4.27 -19.01 -21.10
C SER C 459 3.94 -20.08 -22.12
N ILE C 460 4.71 -21.18 -22.07
CA ILE C 460 4.58 -22.25 -23.05
C ILE C 460 3.23 -22.93 -22.91
N SER C 461 2.55 -23.12 -24.04
CA SER C 461 1.22 -23.71 -24.07
C SER C 461 1.23 -25.18 -24.44
N ILE C 462 1.85 -25.54 -25.55
CA ILE C 462 1.96 -26.92 -26.02
C ILE C 462 3.43 -27.25 -26.18
N ALA C 463 3.89 -28.25 -25.43
CA ALA C 463 5.27 -28.70 -25.50
C ALA C 463 5.34 -30.12 -24.96
N PRO C 464 6.36 -30.88 -25.34
CA PRO C 464 6.57 -32.18 -24.70
C PRO C 464 7.31 -32.02 -23.38
N LEU C 465 6.85 -32.78 -22.39
CA LEU C 465 7.58 -32.85 -21.14
C LEU C 465 8.80 -33.73 -21.36
N PRO C 466 10.02 -33.23 -21.16
CA PRO C 466 11.20 -33.96 -21.65
C PRO C 466 11.39 -35.33 -21.03
N GLY C 467 11.07 -35.49 -19.76
CA GLY C 467 11.25 -36.77 -19.09
C GLY C 467 10.10 -37.75 -19.23
N ALA C 468 9.05 -37.37 -19.93
CA ALA C 468 7.88 -38.25 -20.02
C ALA C 468 7.43 -38.51 -21.45
N ILE C 469 7.53 -37.53 -22.33
CA ILE C 469 6.87 -37.58 -23.63
C ILE C 469 7.87 -38.04 -24.70
N SER C 470 7.45 -39.03 -25.49
CA SER C 470 8.22 -39.44 -26.65
C SER C 470 7.91 -38.49 -27.81
N THR C 471 8.94 -37.81 -28.31
CA THR C 471 8.75 -36.72 -29.25
C THR C 471 8.68 -37.23 -30.69
N LYS C 472 7.92 -36.50 -31.51
CA LYS C 472 7.92 -36.67 -32.94
C LYS C 472 8.46 -35.40 -33.58
N PRO C 473 9.36 -35.49 -34.56
CA PRO C 473 9.97 -34.28 -35.12
C PRO C 473 8.94 -33.35 -35.74
N GLY C 474 9.12 -32.05 -35.49
CA GLY C 474 8.18 -31.06 -35.99
C GLY C 474 6.82 -31.09 -35.35
N SER C 475 6.71 -31.52 -34.10
CA SER C 475 5.44 -31.64 -33.40
C SER C 475 5.54 -31.02 -32.02
N ALA C 476 4.68 -30.04 -31.74
CA ALA C 476 4.42 -29.62 -30.37
C ALA C 476 3.37 -30.56 -29.80
N THR C 477 3.79 -31.45 -28.90
CA THR C 477 3.02 -32.65 -28.64
C THR C 477 1.75 -32.41 -27.81
N PHE C 478 1.91 -32.02 -26.54
CA PHE C 478 0.74 -32.01 -25.69
C PHE C 478 0.63 -30.72 -24.89
N PRO C 479 -0.59 -30.29 -24.55
CA PRO C 479 -0.76 -29.03 -23.83
C PRO C 479 -0.15 -29.05 -22.44
N PHE C 480 0.29 -27.87 -22.00
CA PHE C 480 0.91 -27.74 -20.68
C PHE C 480 -0.17 -27.70 -19.60
N PHE C 481 0.29 -27.71 -18.35
CA PHE C 481 -0.59 -27.58 -17.20
C PHE C 481 -1.47 -26.33 -17.32
N GLY C 482 -2.77 -26.51 -17.12
CA GLY C 482 -3.73 -25.44 -17.23
C GLY C 482 -4.16 -25.12 -18.64
N MET C 483 -3.62 -25.79 -19.64
CA MET C 483 -3.98 -25.56 -21.04
C MET C 483 -4.91 -26.69 -21.48
N ASP C 484 -6.12 -26.34 -21.87
CA ASP C 484 -7.10 -27.27 -22.42
C ASP C 484 -7.34 -26.82 -23.85
N VAL C 485 -6.50 -27.29 -24.76
CA VAL C 485 -6.59 -26.86 -26.15
C VAL C 485 -7.54 -27.78 -26.90
N ASP C 486 -8.05 -27.27 -28.02
CA ASP C 486 -9.00 -27.99 -28.85
C ASP C 486 -8.85 -27.52 -30.29
N ILE C 487 -9.40 -28.32 -31.21
CA ILE C 487 -9.42 -27.99 -32.63
C ILE C 487 -10.86 -27.66 -33.00
N ILE C 488 -11.05 -26.48 -33.60
CA ILE C 488 -12.36 -26.02 -34.03
C ILE C 488 -12.36 -25.95 -35.55
N ASP C 489 -13.43 -26.44 -36.17
CA ASP C 489 -13.56 -26.31 -37.62
C ASP C 489 -13.86 -24.87 -37.97
N PRO C 490 -12.99 -24.19 -38.72
CA PRO C 490 -13.30 -22.79 -39.09
C PRO C 490 -14.56 -22.63 -39.91
N GLN C 491 -14.88 -23.57 -40.80
CA GLN C 491 -16.07 -23.45 -41.63
C GLN C 491 -17.35 -23.55 -40.83
N THR C 492 -17.39 -24.40 -39.81
CA THR C 492 -18.57 -24.60 -38.99
C THR C 492 -18.50 -23.87 -37.66
N GLY C 493 -17.33 -23.80 -37.03
CA GLY C 493 -17.18 -23.19 -35.73
C GLY C 493 -17.33 -24.13 -34.57
N GLN C 494 -17.44 -25.43 -34.82
CA GLN C 494 -17.62 -26.41 -33.77
C GLN C 494 -16.33 -27.18 -33.51
N VAL C 495 -16.20 -27.67 -32.28
CA VAL C 495 -15.01 -28.43 -31.89
C VAL C 495 -15.01 -29.77 -32.60
N LEU C 496 -13.90 -30.10 -33.25
CA LEU C 496 -13.72 -31.40 -33.89
C LEU C 496 -13.18 -32.37 -32.85
N GLU C 497 -14.07 -33.18 -32.28
CA GLU C 497 -13.67 -34.14 -31.27
C GLU C 497 -12.93 -35.32 -31.92
N GLY C 498 -12.22 -36.07 -31.09
CA GLY C 498 -11.48 -37.20 -31.57
C GLY C 498 -10.11 -36.84 -32.11
N ASN C 499 -9.46 -37.83 -32.69
CA ASN C 499 -8.12 -37.68 -33.24
C ASN C 499 -8.16 -37.63 -34.77
N ASP C 500 -7.03 -37.22 -35.35
CA ASP C 500 -6.87 -37.05 -36.79
C ASP C 500 -7.87 -36.03 -37.33
N VAL C 501 -7.77 -34.81 -36.81
CA VAL C 501 -8.62 -33.70 -37.21
C VAL C 501 -7.75 -32.49 -37.49
N GLU C 502 -8.29 -31.56 -38.27
CA GLU C 502 -7.56 -30.35 -38.64
C GLU C 502 -8.49 -29.17 -38.58
N GLY C 503 -7.97 -28.03 -38.11
CA GLY C 503 -8.76 -26.82 -38.00
C GLY C 503 -7.96 -25.70 -37.37
N VAL C 504 -8.59 -24.89 -36.52
CA VAL C 504 -7.90 -23.83 -35.81
C VAL C 504 -7.76 -24.23 -34.35
N LEU C 505 -6.66 -23.80 -33.75
CA LEU C 505 -6.36 -24.11 -32.35
C LEU C 505 -7.04 -23.11 -31.44
N VAL C 506 -7.74 -23.61 -30.41
CA VAL C 506 -8.43 -22.77 -29.45
C VAL C 506 -8.13 -23.28 -28.05
N ALA C 507 -8.35 -22.41 -27.06
CA ALA C 507 -8.22 -22.77 -25.66
C ALA C 507 -9.58 -22.68 -25.00
N ARG C 508 -9.97 -23.72 -24.28
CA ARG C 508 -11.31 -23.76 -23.67
C ARG C 508 -11.39 -22.82 -22.48
N ARG C 509 -10.40 -22.82 -21.61
CA ARG C 509 -10.43 -22.08 -20.36
C ARG C 509 -9.20 -21.21 -20.23
N PRO C 510 -9.28 -20.12 -19.48
CA PRO C 510 -8.10 -19.30 -19.22
C PRO C 510 -7.06 -20.03 -18.40
N TRP C 511 -5.83 -19.57 -18.52
CA TRP C 511 -4.69 -20.08 -17.77
C TRP C 511 -4.02 -18.91 -17.06
N PRO C 512 -3.24 -19.18 -16.00
CA PRO C 512 -2.72 -18.07 -15.19
C PRO C 512 -1.94 -17.02 -15.96
N SER C 513 -1.16 -17.41 -16.96
CA SER C 513 -0.25 -16.48 -17.64
C SER C 513 -0.85 -15.87 -18.91
N ILE C 514 -2.14 -16.05 -19.15
CA ILE C 514 -2.75 -15.46 -20.34
C ILE C 514 -2.69 -13.94 -20.26
N ALA C 515 -2.56 -13.31 -21.42
CA ALA C 515 -2.60 -11.85 -21.49
C ALA C 515 -3.95 -11.34 -21.00
N ARG C 516 -3.92 -10.24 -20.25
CA ARG C 516 -5.12 -9.70 -19.65
C ARG C 516 -5.83 -8.68 -20.53
N THR C 517 -5.09 -7.99 -21.40
CA THR C 517 -5.66 -6.94 -22.24
C THR C 517 -4.62 -6.53 -23.26
N VAL C 518 -5.03 -5.66 -24.18
CA VAL C 518 -4.13 -4.87 -25.00
C VAL C 518 -4.18 -3.45 -24.47
N TYR C 519 -3.01 -2.87 -24.21
CA TYR C 519 -2.90 -1.63 -23.46
C TYR C 519 -3.76 -0.52 -24.06
N ARG C 520 -4.75 -0.06 -23.29
CA ARG C 520 -5.70 0.97 -23.68
C ARG C 520 -6.48 0.61 -24.94
N ASP C 521 -6.49 -0.67 -25.30
CA ASP C 521 -7.18 -1.15 -26.49
C ASP C 521 -7.84 -2.50 -26.20
N HIS C 522 -8.59 -2.57 -25.09
CA HIS C 522 -9.22 -3.82 -24.70
C HIS C 522 -10.19 -4.31 -25.76
N LYS C 523 -10.78 -3.41 -26.54
CA LYS C 523 -11.65 -3.82 -27.63
C LYS C 523 -10.89 -4.63 -28.67
N ARG C 524 -9.66 -4.19 -29.00
CA ARG C 524 -8.83 -4.96 -29.93
C ARG C 524 -8.47 -6.32 -29.35
N TYR C 525 -8.18 -6.37 -28.05
CA TYR C 525 -7.90 -7.63 -27.38
C TYR C 525 -9.08 -8.60 -27.53
N LEU C 526 -10.29 -8.14 -27.20
CA LEU C 526 -11.46 -9.00 -27.31
C LEU C 526 -11.72 -9.40 -28.75
N GLU C 527 -11.61 -8.46 -29.69
CA GLU C 527 -11.90 -8.76 -31.09
C GLU C 527 -10.90 -9.76 -31.66
N THR C 528 -9.63 -9.63 -31.29
CA THR C 528 -8.61 -10.51 -31.82
C THR C 528 -8.71 -11.91 -31.23
N TYR C 529 -8.90 -12.02 -29.91
CA TYR C 529 -8.76 -13.31 -29.27
C TYR C 529 -10.05 -13.94 -28.77
N MET C 530 -11.14 -13.19 -28.67
CA MET C 530 -12.30 -13.71 -27.94
C MET C 530 -13.57 -13.77 -28.77
N LYS C 531 -13.81 -12.79 -29.63
CA LYS C 531 -15.00 -12.79 -30.49
C LYS C 531 -14.98 -13.79 -31.64
N PRO C 532 -13.84 -14.14 -32.24
CA PRO C 532 -13.89 -15.09 -33.39
C PRO C 532 -14.56 -16.41 -33.06
N TYR C 533 -14.37 -16.94 -31.86
CA TYR C 533 -15.04 -18.16 -31.42
C TYR C 533 -15.47 -17.97 -29.98
N PRO C 534 -16.71 -17.53 -29.76
CA PRO C 534 -17.16 -17.22 -28.39
C PRO C 534 -17.07 -18.45 -27.50
N GLY C 535 -16.62 -18.21 -26.26
CA GLY C 535 -16.35 -19.27 -25.32
C GLY C 535 -14.95 -19.85 -25.39
N TYR C 536 -14.16 -19.46 -26.39
CA TYR C 536 -12.81 -19.99 -26.58
C TYR C 536 -11.83 -18.85 -26.78
N PHE C 537 -10.57 -19.15 -26.53
CA PHE C 537 -9.47 -18.24 -26.84
C PHE C 537 -8.88 -18.63 -28.19
N PHE C 538 -8.84 -17.68 -29.12
CA PHE C 538 -8.36 -17.91 -30.46
C PHE C 538 -6.86 -17.64 -30.54
N PHE C 539 -6.08 -18.69 -30.84
CA PHE C 539 -4.65 -18.51 -31.06
C PHE C 539 -4.38 -17.87 -32.42
N GLY C 540 -5.25 -18.09 -33.39
CA GLY C 540 -5.00 -17.68 -34.76
C GLY C 540 -4.15 -18.63 -35.56
N ASP C 541 -3.75 -19.76 -34.98
CA ASP C 541 -2.88 -20.74 -35.63
C ASP C 541 -3.70 -21.94 -36.06
N GLY C 542 -3.61 -22.30 -37.33
CA GLY C 542 -4.13 -23.57 -37.78
C GLY C 542 -3.34 -24.71 -37.16
N ALA C 543 -4.04 -25.78 -36.81
CA ALA C 543 -3.43 -26.91 -36.12
C ALA C 543 -4.16 -28.20 -36.48
N ALA C 544 -3.44 -29.30 -36.35
CA ALA C 544 -4.00 -30.63 -36.57
C ALA C 544 -3.57 -31.54 -35.43
N ARG C 545 -4.45 -32.47 -35.09
CA ARG C 545 -4.19 -33.51 -34.10
C ARG C 545 -4.20 -34.85 -34.82
N ASP C 546 -3.15 -35.65 -34.63
CA ASP C 546 -3.04 -36.92 -35.32
C ASP C 546 -3.71 -38.03 -34.50
N TYR C 547 -3.59 -39.27 -34.99
CA TYR C 547 -4.27 -40.39 -34.36
C TYR C 547 -3.78 -40.65 -32.95
N ASP C 548 -2.54 -40.30 -32.65
CA ASP C 548 -1.96 -40.52 -31.32
C ASP C 548 -2.29 -39.39 -30.35
N GLY C 549 -2.99 -38.35 -30.79
CA GLY C 549 -3.26 -37.20 -29.97
C GLY C 549 -2.21 -36.13 -30.01
N TYR C 550 -1.14 -36.31 -30.77
CA TYR C 550 -0.10 -35.29 -30.88
C TYR C 550 -0.63 -34.11 -31.67
N MET C 551 -0.27 -32.90 -31.23
CA MET C 551 -0.67 -31.68 -31.91
C MET C 551 0.39 -31.28 -32.94
N TRP C 552 -0.08 -30.82 -34.09
CA TRP C 552 0.78 -30.31 -35.15
C TRP C 552 0.32 -28.90 -35.49
N ILE C 553 1.17 -27.91 -35.24
CA ILE C 553 0.83 -26.51 -35.45
C ILE C 553 1.11 -26.18 -36.92
N LYS C 554 0.06 -26.05 -37.72
CA LYS C 554 0.23 -25.60 -39.10
C LYS C 554 0.73 -24.17 -39.15
N GLY C 555 0.19 -23.31 -38.29
CA GLY C 555 0.61 -21.92 -38.22
C GLY C 555 -0.46 -20.98 -38.73
N ARG C 556 -0.11 -19.69 -38.70
CA ARG C 556 -1.04 -18.62 -39.07
C ARG C 556 -1.62 -18.81 -40.47
#